data_2EE6
#
_entry.id   2EE6
#
_entity_poly.entity_id   1
_entity_poly.type   'polypeptide(L)'
_entity_poly.pdbx_seq_one_letter_code
;GSSGSSGEGGAHKVRAGGPGLERGEAGVPAEFSIWTREAGAGGLSIAVEGPSKAEITFDDHKNGSCGVSYIAQEPGNYEV
SIKFNDEHIPESPYLVPVIAPSDDA
;
_entity_poly.pdbx_strand_id   A
#
# COMPACT_ATOMS: atom_id res chain seq x y z
N GLY A 1 25.05 17.43 -18.44
CA GLY A 1 24.11 16.38 -18.83
C GLY A 1 24.36 15.09 -18.09
N SER A 2 24.79 14.07 -18.82
CA SER A 2 25.05 12.75 -18.23
C SER A 2 25.75 11.84 -19.22
N SER A 3 26.13 10.65 -18.76
CA SER A 3 26.82 9.69 -19.61
C SER A 3 25.83 8.74 -20.27
N GLY A 4 24.98 8.11 -19.46
CA GLY A 4 23.99 7.19 -19.99
C GLY A 4 23.59 6.13 -18.98
N SER A 5 22.47 6.36 -18.29
CA SER A 5 21.98 5.42 -17.29
C SER A 5 20.58 4.93 -17.64
N SER A 6 20.48 3.64 -17.94
CA SER A 6 19.19 3.04 -18.29
C SER A 6 18.27 2.97 -17.09
N GLY A 7 16.99 3.28 -17.29
CA GLY A 7 16.04 3.24 -16.21
C GLY A 7 14.67 3.76 -16.63
N GLU A 8 13.76 2.84 -16.93
CA GLU A 8 12.41 3.21 -17.35
C GLU A 8 11.43 3.05 -16.19
N GLY A 9 10.27 3.69 -16.33
CA GLY A 9 9.25 3.62 -15.29
C GLY A 9 9.06 4.94 -14.58
N GLY A 10 9.06 4.91 -13.24
CA GLY A 10 8.88 6.11 -12.47
C GLY A 10 7.60 6.10 -11.65
N ALA A 11 7.63 6.76 -10.50
CA ALA A 11 6.46 6.81 -9.63
C ALA A 11 5.17 6.84 -10.44
N HIS A 12 4.90 7.97 -11.10
CA HIS A 12 3.70 8.12 -11.91
C HIS A 12 3.37 6.82 -12.64
N LYS A 13 4.40 6.11 -13.08
CA LYS A 13 4.23 4.85 -13.79
C LYS A 13 4.03 3.69 -12.81
N VAL A 14 3.34 3.97 -11.70
CA VAL A 14 3.08 2.96 -10.69
C VAL A 14 1.64 3.02 -10.19
N ARG A 15 0.93 1.92 -10.27
CA ARG A 15 -0.45 1.85 -9.82
C ARG A 15 -0.61 0.89 -8.65
N ALA A 16 -1.51 1.22 -7.73
CA ALA A 16 -1.75 0.38 -6.56
C ALA A 16 -3.25 0.22 -6.31
N GLY A 17 -3.67 -1.02 -6.04
CA GLY A 17 -5.06 -1.29 -5.79
C GLY A 17 -5.28 -2.66 -5.17
N GLY A 18 -6.22 -2.74 -4.23
CA GLY A 18 -6.50 -4.00 -3.57
C GLY A 18 -7.84 -4.00 -2.86
N PRO A 19 -8.31 -5.18 -2.46
CA PRO A 19 -9.59 -5.33 -1.75
C PRO A 19 -9.53 -4.77 -0.33
N GLY A 20 -8.34 -4.37 0.10
CA GLY A 20 -8.17 -3.83 1.43
C GLY A 20 -8.04 -2.31 1.42
N LEU A 21 -7.40 -1.78 0.39
CA LEU A 21 -7.20 -0.34 0.27
C LEU A 21 -8.54 0.39 0.30
N GLU A 22 -9.47 -0.03 -0.54
CA GLU A 22 -10.78 0.58 -0.61
C GLU A 22 -11.33 0.83 0.80
N ARG A 23 -11.25 -0.19 1.64
CA ARG A 23 -11.74 -0.08 3.02
C ARG A 23 -11.07 -1.13 3.91
N GLY A 24 -11.04 -0.84 5.21
CA GLY A 24 -10.43 -1.76 6.15
C GLY A 24 -11.24 -1.92 7.42
N GLU A 25 -10.76 -2.76 8.34
CA GLU A 25 -11.46 -3.00 9.59
C GLU A 25 -10.47 -3.09 10.75
N ALA A 26 -10.94 -2.70 11.94
CA ALA A 26 -10.10 -2.74 13.13
C ALA A 26 -9.95 -4.16 13.66
N GLY A 27 -8.70 -4.61 13.81
CA GLY A 27 -8.45 -5.95 14.31
C GLY A 27 -8.28 -6.96 13.18
N VAL A 28 -8.68 -6.57 11.98
CA VAL A 28 -8.58 -7.44 10.82
C VAL A 28 -7.46 -7.00 9.89
N PRO A 29 -6.68 -7.96 9.38
CA PRO A 29 -5.56 -7.69 8.47
C PRO A 29 -6.04 -7.22 7.10
N ALA A 30 -5.52 -6.09 6.65
CA ALA A 30 -5.88 -5.53 5.36
C ALA A 30 -4.76 -5.71 4.34
N GLU A 31 -4.91 -6.71 3.47
CA GLU A 31 -3.91 -6.99 2.45
C GLU A 31 -4.19 -6.21 1.17
N PHE A 32 -3.18 -6.05 0.33
CA PHE A 32 -3.32 -5.33 -0.92
C PHE A 32 -2.09 -5.52 -1.80
N SER A 33 -2.32 -5.81 -3.08
CA SER A 33 -1.22 -6.01 -4.03
C SER A 33 -0.96 -4.74 -4.83
N ILE A 34 0.30 -4.47 -5.11
CA ILE A 34 0.69 -3.29 -5.88
C ILE A 34 1.05 -3.66 -7.31
N TRP A 35 0.34 -3.07 -8.26
CA TRP A 35 0.58 -3.32 -9.68
C TRP A 35 1.83 -2.60 -10.16
N THR A 36 2.94 -3.32 -10.26
CA THR A 36 4.19 -2.74 -10.70
C THR A 36 4.65 -3.36 -12.03
N ARG A 37 3.70 -3.59 -12.92
CA ARG A 37 4.00 -4.18 -14.22
C ARG A 37 4.28 -3.10 -15.26
N GLU A 38 4.36 -1.85 -14.81
CA GLU A 38 4.62 -0.73 -15.69
C GLU A 38 6.05 -0.23 -15.54
N ALA A 39 6.39 0.21 -14.33
CA ALA A 39 7.73 0.72 -14.05
C ALA A 39 8.77 -0.37 -14.24
N GLY A 40 9.98 0.04 -14.59
CA GLY A 40 11.06 -0.92 -14.80
C GLY A 40 11.51 -1.58 -13.51
N ALA A 41 12.01 -0.77 -12.59
CA ALA A 41 12.48 -1.29 -11.30
C ALA A 41 12.64 -0.17 -10.29
N GLY A 42 12.56 -0.51 -9.00
CA GLY A 42 12.70 0.48 -7.95
C GLY A 42 12.28 -0.03 -6.60
N GLY A 43 12.62 0.70 -5.54
CA GLY A 43 12.26 0.28 -4.20
C GLY A 43 10.85 0.68 -3.83
N LEU A 44 10.38 0.19 -2.69
CA LEU A 44 9.04 0.50 -2.21
C LEU A 44 9.03 0.73 -0.71
N SER A 45 8.23 1.70 -0.26
CA SER A 45 8.13 2.02 1.15
C SER A 45 6.68 2.14 1.58
N ILE A 46 6.36 1.59 2.75
CA ILE A 46 5.00 1.64 3.26
C ILE A 46 4.98 2.15 4.71
N ALA A 47 4.11 3.11 4.98
CA ALA A 47 4.00 3.68 6.31
C ALA A 47 2.54 3.97 6.66
N VAL A 48 1.99 3.22 7.60
CA VAL A 48 0.61 3.40 8.03
C VAL A 48 0.51 4.33 9.23
N GLU A 49 -0.05 5.51 9.02
CA GLU A 49 -0.20 6.49 10.08
C GLU A 49 -1.67 6.77 10.37
N GLY A 50 -2.00 6.95 11.65
CA GLY A 50 -3.37 7.22 12.02
C GLY A 50 -3.51 7.53 13.50
N PRO A 51 -4.74 7.38 14.02
CA PRO A 51 -5.03 7.64 15.44
C PRO A 51 -4.39 6.61 16.37
N SER A 52 -3.91 5.52 15.78
CA SER A 52 -3.28 4.45 16.55
C SER A 52 -2.16 3.80 15.76
N LYS A 53 -1.46 2.86 16.40
CA LYS A 53 -0.36 2.15 15.75
C LYS A 53 -0.88 0.97 14.93
N ALA A 54 -0.36 0.84 13.71
CA ALA A 54 -0.77 -0.24 12.82
C ALA A 54 0.39 -1.18 12.54
N GLU A 55 0.10 -2.48 12.50
CA GLU A 55 1.13 -3.48 12.25
C GLU A 55 1.40 -3.62 10.74
N ILE A 56 2.64 -3.94 10.40
CA ILE A 56 3.03 -4.11 9.00
C ILE A 56 3.88 -5.36 8.81
N THR A 57 3.60 -6.09 7.73
CA THR A 57 4.35 -7.31 7.43
C THR A 57 4.70 -7.38 5.95
N PHE A 58 6.00 -7.48 5.66
CA PHE A 58 6.46 -7.56 4.28
C PHE A 58 7.19 -8.88 4.04
N ASP A 59 6.66 -9.66 3.09
CA ASP A 59 7.26 -10.95 2.75
C ASP A 59 7.28 -11.15 1.24
N ASP A 60 8.47 -11.11 0.66
CA ASP A 60 8.63 -11.30 -0.78
C ASP A 60 8.27 -12.72 -1.18
N HIS A 61 7.11 -12.87 -1.84
CA HIS A 61 6.64 -14.17 -2.28
C HIS A 61 7.16 -14.48 -3.69
N LYS A 62 6.93 -13.56 -4.61
CA LYS A 62 7.37 -13.74 -5.99
C LYS A 62 7.96 -12.45 -6.54
N ASN A 63 8.50 -12.52 -7.75
CA ASN A 63 9.10 -11.35 -8.39
C ASN A 63 8.03 -10.40 -8.88
N GLY A 64 6.85 -10.93 -9.20
CA GLY A 64 5.77 -10.11 -9.68
C GLY A 64 5.14 -9.27 -8.58
N SER A 65 4.67 -9.93 -7.52
CA SER A 65 4.05 -9.24 -6.40
C SER A 65 4.76 -9.58 -5.09
N CYS A 66 4.49 -8.78 -4.07
CA CYS A 66 5.11 -8.99 -2.76
C CYS A 66 4.05 -9.32 -1.71
N GLY A 67 2.90 -8.66 -1.80
CA GLY A 67 1.83 -8.89 -0.86
C GLY A 67 2.09 -8.23 0.49
N VAL A 68 1.44 -7.09 0.71
CA VAL A 68 1.61 -6.36 1.96
C VAL A 68 0.33 -6.36 2.78
N SER A 69 0.45 -6.61 4.08
CA SER A 69 -0.70 -6.64 4.97
C SER A 69 -0.47 -5.76 6.19
N TYR A 70 -1.55 -5.22 6.73
CA TYR A 70 -1.47 -4.35 7.91
C TYR A 70 -2.73 -4.46 8.76
N ILE A 71 -2.55 -4.53 10.07
CA ILE A 71 -3.67 -4.64 10.99
C ILE A 71 -3.76 -3.41 11.89
N ALA A 72 -4.98 -2.90 12.05
CA ALA A 72 -5.21 -1.72 12.89
C ALA A 72 -5.94 -2.10 14.17
N GLN A 73 -5.22 -2.06 15.29
CA GLN A 73 -5.80 -2.39 16.59
C GLN A 73 -7.00 -1.50 16.89
N GLU A 74 -6.96 -0.27 16.38
CA GLU A 74 -8.05 0.68 16.61
C GLU A 74 -8.60 1.19 15.29
N PRO A 75 -9.92 1.41 15.24
CA PRO A 75 -10.61 1.90 14.04
C PRO A 75 -10.26 3.36 13.73
N GLY A 76 -10.49 3.76 12.50
CA GLY A 76 -10.20 5.13 12.09
C GLY A 76 -9.70 5.22 10.67
N ASN A 77 -9.28 6.41 10.26
CA ASN A 77 -8.77 6.63 8.91
C ASN A 77 -7.25 6.59 8.89
N TYR A 78 -6.69 5.43 8.54
CA TYR A 78 -5.25 5.27 8.48
C TYR A 78 -4.71 5.69 7.12
N GLU A 79 -3.81 6.68 7.14
CA GLU A 79 -3.21 7.17 5.90
C GLU A 79 -1.90 6.46 5.61
N VAL A 80 -1.94 5.50 4.70
CA VAL A 80 -0.75 4.73 4.33
C VAL A 80 0.04 5.46 3.25
N SER A 81 1.22 5.96 3.62
CA SER A 81 2.07 6.68 2.68
C SER A 81 2.95 5.71 1.89
N ILE A 82 2.79 5.70 0.57
CA ILE A 82 3.56 4.83 -0.30
C ILE A 82 4.50 5.62 -1.18
N LYS A 83 5.81 5.38 -1.03
CA LYS A 83 6.82 6.07 -1.82
C LYS A 83 7.59 5.09 -2.69
N PHE A 84 7.63 5.37 -3.99
CA PHE A 84 8.34 4.51 -4.93
C PHE A 84 9.72 5.08 -5.26
N ASN A 85 10.75 4.25 -5.12
CA ASN A 85 12.12 4.68 -5.40
C ASN A 85 12.38 6.07 -4.83
N ASP A 86 11.83 6.34 -3.65
CA ASP A 86 12.00 7.63 -3.00
C ASP A 86 11.22 8.72 -3.73
N GLU A 87 10.04 8.37 -4.21
CA GLU A 87 9.19 9.32 -4.93
C GLU A 87 7.72 9.08 -4.62
N HIS A 88 6.99 10.17 -4.38
CA HIS A 88 5.57 10.08 -4.06
C HIS A 88 4.75 9.91 -5.34
N ILE A 89 3.90 8.88 -5.35
CA ILE A 89 3.05 8.61 -6.51
C ILE A 89 1.74 9.40 -6.43
N PRO A 90 1.09 9.56 -7.59
CA PRO A 90 -0.18 10.29 -7.68
C PRO A 90 -1.33 9.54 -7.01
N GLU A 91 -1.01 8.39 -6.41
CA GLU A 91 -2.02 7.58 -5.74
C GLU A 91 -1.72 7.46 -4.26
N SER A 92 -0.70 8.19 -3.80
CA SER A 92 -0.31 8.16 -2.40
C SER A 92 -0.09 9.57 -1.86
N PRO A 93 -0.24 9.73 -0.54
CA PRO A 93 -0.60 8.64 0.35
C PRO A 93 -2.04 8.16 0.15
N TYR A 94 -2.35 6.98 0.67
CA TYR A 94 -3.68 6.42 0.54
C TYR A 94 -4.48 6.61 1.82
N LEU A 95 -5.80 6.73 1.69
CA LEU A 95 -6.67 6.91 2.83
C LEU A 95 -7.64 5.74 2.98
N VAL A 96 -7.34 4.85 3.92
CA VAL A 96 -8.18 3.68 4.17
C VAL A 96 -9.00 3.85 5.44
N PRO A 97 -10.30 4.17 5.27
CA PRO A 97 -11.21 4.37 6.40
C PRO A 97 -11.53 3.07 7.13
N VAL A 98 -10.75 2.76 8.15
CA VAL A 98 -10.94 1.54 8.93
C VAL A 98 -12.04 1.73 9.97
N ILE A 99 -12.79 0.66 10.23
CA ILE A 99 -13.87 0.71 11.21
C ILE A 99 -13.92 -0.59 12.02
N ALA A 100 -14.46 -0.49 13.23
CA ALA A 100 -14.58 -1.64 14.11
C ALA A 100 -15.80 -2.48 13.75
N PRO A 101 -15.54 -3.73 13.32
CA PRO A 101 -16.61 -4.66 12.93
C PRO A 101 -17.43 -5.14 14.13
N SER A 102 -18.74 -4.97 14.05
CA SER A 102 -19.64 -5.38 15.12
C SER A 102 -20.43 -6.63 14.72
N ASP A 103 -20.05 -7.76 15.30
CA ASP A 103 -20.72 -9.03 15.01
C ASP A 103 -21.70 -9.38 16.13
N ASP A 104 -22.85 -9.94 15.75
CA ASP A 104 -23.86 -10.35 16.71
C ASP A 104 -23.82 -11.85 16.97
N ALA A 105 -23.62 -12.22 18.22
CA ALA A 105 -23.56 -13.62 18.60
C ALA A 105 -24.72 -14.00 19.52
N GLY A 1 -0.77 11.49 -33.46
CA GLY A 1 -0.07 10.23 -33.27
C GLY A 1 0.28 9.99 -31.82
N SER A 2 0.84 8.80 -31.54
CA SER A 2 1.23 8.44 -30.18
C SER A 2 2.75 8.35 -30.05
N SER A 3 3.26 8.83 -28.93
CA SER A 3 4.70 8.80 -28.68
C SER A 3 5.04 7.81 -27.56
N GLY A 4 6.18 7.15 -27.69
CA GLY A 4 6.60 6.20 -26.68
C GLY A 4 7.37 5.03 -27.29
N SER A 5 8.68 5.21 -27.46
CA SER A 5 9.52 4.16 -28.02
C SER A 5 10.50 3.63 -26.98
N SER A 6 11.23 4.54 -26.34
CA SER A 6 12.20 4.16 -25.31
C SER A 6 11.50 3.59 -24.09
N GLY A 7 10.53 4.34 -23.56
CA GLY A 7 9.80 3.90 -22.38
C GLY A 7 10.16 4.70 -21.15
N GLU A 8 9.95 6.02 -21.23
CA GLU A 8 10.25 6.90 -20.11
C GLU A 8 9.09 6.92 -19.10
N GLY A 9 9.32 6.32 -17.94
CA GLY A 9 8.29 6.28 -16.91
C GLY A 9 8.87 6.40 -15.52
N GLY A 10 7.98 6.44 -14.52
CA GLY A 10 8.42 6.55 -13.14
C GLY A 10 7.32 6.25 -12.15
N ALA A 11 7.22 7.06 -11.11
CA ALA A 11 6.20 6.87 -10.08
C ALA A 11 4.80 7.04 -10.67
N HIS A 12 4.52 8.24 -11.16
CA HIS A 12 3.21 8.54 -11.74
C HIS A 12 2.71 7.35 -12.55
N LYS A 13 3.63 6.54 -13.06
CA LYS A 13 3.28 5.38 -13.87
C LYS A 13 3.13 4.14 -12.99
N VAL A 14 2.65 4.35 -11.76
CA VAL A 14 2.46 3.25 -10.82
C VAL A 14 1.08 3.31 -10.17
N ARG A 15 0.21 2.39 -10.54
CA ARG A 15 -1.14 2.34 -10.00
C ARG A 15 -1.30 1.18 -9.03
N ALA A 16 -1.72 1.49 -7.80
CA ALA A 16 -1.91 0.47 -6.78
C ALA A 16 -3.38 0.36 -6.38
N GLY A 17 -3.89 -0.87 -6.36
CA GLY A 17 -5.27 -1.09 -6.00
C GLY A 17 -5.48 -2.38 -5.23
N GLY A 18 -6.49 -3.14 -5.62
CA GLY A 18 -6.78 -4.40 -4.95
C GLY A 18 -7.66 -4.22 -3.73
N PRO A 19 -8.28 -5.33 -3.28
CA PRO A 19 -9.17 -5.32 -2.11
C PRO A 19 -8.42 -5.07 -0.81
N GLY A 20 -8.49 -3.85 -0.31
CA GLY A 20 -7.82 -3.51 0.93
C GLY A 20 -7.65 -2.01 1.11
N LEU A 21 -7.57 -1.29 -0.01
CA LEU A 21 -7.41 0.15 0.02
C LEU A 21 -8.76 0.86 -0.01
N GLU A 22 -9.80 0.13 -0.39
CA GLU A 22 -11.14 0.68 -0.47
C GLU A 22 -11.70 0.95 0.92
N ARG A 23 -11.43 0.02 1.85
CA ARG A 23 -11.91 0.16 3.22
C ARG A 23 -11.35 -0.96 4.09
N GLY A 24 -10.93 -0.60 5.30
CA GLY A 24 -10.38 -1.58 6.22
C GLY A 24 -11.23 -1.76 7.46
N GLU A 25 -10.88 -2.73 8.29
CA GLU A 25 -11.62 -3.02 9.51
C GLU A 25 -10.67 -3.18 10.69
N ALA A 26 -11.05 -2.60 11.83
CA ALA A 26 -10.24 -2.69 13.03
C ALA A 26 -10.14 -4.12 13.54
N GLY A 27 -8.93 -4.67 13.57
CA GLY A 27 -8.74 -6.03 14.03
C GLY A 27 -8.66 -7.02 12.88
N VAL A 28 -8.94 -6.53 11.67
CA VAL A 28 -8.90 -7.39 10.49
C VAL A 28 -7.73 -7.04 9.59
N PRO A 29 -6.96 -8.06 9.18
CA PRO A 29 -5.79 -7.88 8.31
C PRO A 29 -6.18 -7.47 6.90
N ALA A 30 -5.70 -6.31 6.47
CA ALA A 30 -5.98 -5.81 5.12
C ALA A 30 -4.81 -6.05 4.18
N GLU A 31 -4.93 -7.08 3.35
CA GLU A 31 -3.87 -7.42 2.40
C GLU A 31 -4.18 -6.82 1.03
N PHE A 32 -3.12 -6.44 0.31
CA PHE A 32 -3.28 -5.85 -1.02
C PHE A 32 -2.01 -6.06 -1.85
N SER A 33 -2.19 -6.38 -3.12
CA SER A 33 -1.07 -6.61 -4.02
C SER A 33 -0.68 -5.33 -4.75
N ILE A 34 0.61 -5.14 -4.96
CA ILE A 34 1.10 -3.95 -5.66
C ILE A 34 2.18 -4.31 -6.66
N TRP A 35 1.82 -4.29 -7.94
CA TRP A 35 2.76 -4.61 -9.01
C TRP A 35 3.02 -3.39 -9.89
N THR A 36 4.23 -3.33 -10.46
CA THR A 36 4.60 -2.22 -11.32
C THR A 36 5.50 -2.69 -12.46
N ARG A 37 4.94 -2.72 -13.67
CA ARG A 37 5.69 -3.16 -14.85
C ARG A 37 6.16 -1.96 -15.66
N GLU A 38 5.22 -1.09 -16.02
CA GLU A 38 5.53 0.10 -16.81
C GLU A 38 6.74 0.84 -16.22
N ALA A 39 6.58 1.36 -15.01
CA ALA A 39 7.64 2.09 -14.34
C ALA A 39 8.93 1.27 -14.31
N GLY A 40 8.82 0.04 -13.80
CA GLY A 40 9.98 -0.82 -13.71
C GLY A 40 10.22 -1.36 -12.31
N ALA A 41 10.99 -2.42 -12.20
CA ALA A 41 11.30 -3.02 -10.92
C ALA A 41 12.01 -2.04 -10.00
N GLY A 42 11.25 -1.46 -9.07
CA GLY A 42 11.84 -0.50 -8.13
C GLY A 42 11.41 -0.75 -6.70
N GLY A 43 12.10 -0.11 -5.77
CA GLY A 43 11.77 -0.28 -4.36
C GLY A 43 10.39 0.25 -4.02
N LEU A 44 9.86 -0.19 -2.88
CA LEU A 44 8.53 0.25 -2.45
C LEU A 44 8.51 0.44 -0.93
N SER A 45 8.24 1.67 -0.49
CA SER A 45 8.18 1.98 0.93
C SER A 45 6.74 2.19 1.38
N ILE A 46 6.37 1.60 2.52
CA ILE A 46 5.04 1.73 3.06
C ILE A 46 5.07 2.13 4.52
N ALA A 47 4.21 3.07 4.90
CA ALA A 47 4.13 3.54 6.28
C ALA A 47 2.69 3.85 6.68
N VAL A 48 2.14 3.01 7.55
CA VAL A 48 0.77 3.19 8.01
C VAL A 48 0.72 4.05 9.27
N GLU A 49 0.17 5.24 9.14
CA GLU A 49 0.06 6.18 10.26
C GLU A 49 -1.39 6.56 10.51
N GLY A 50 -1.81 6.46 11.77
CA GLY A 50 -3.18 6.81 12.12
C GLY A 50 -3.33 7.15 13.59
N PRO A 51 -4.57 7.05 14.10
CA PRO A 51 -4.88 7.34 15.50
C PRO A 51 -4.29 6.30 16.45
N SER A 52 -3.79 5.21 15.89
CA SER A 52 -3.21 4.13 16.68
C SER A 52 -2.20 3.33 15.87
N LYS A 53 -1.34 2.60 16.56
CA LYS A 53 -0.33 1.78 15.90
C LYS A 53 -0.96 0.73 15.00
N ALA A 54 -0.31 0.46 13.87
CA ALA A 54 -0.82 -0.52 12.92
C ALA A 54 0.25 -1.55 12.58
N GLU A 55 -0.08 -2.83 12.75
CA GLU A 55 0.85 -3.91 12.45
C GLU A 55 1.21 -3.92 10.97
N ILE A 56 2.44 -4.34 10.68
CA ILE A 56 2.90 -4.40 9.29
C ILE A 56 3.84 -5.58 9.08
N THR A 57 3.57 -6.36 8.04
CA THR A 57 4.39 -7.53 7.72
C THR A 57 4.62 -7.65 6.22
N PHE A 58 5.85 -7.34 5.79
CA PHE A 58 6.20 -7.40 4.38
C PHE A 58 7.28 -8.45 4.15
N ASP A 59 6.89 -9.56 3.53
CA ASP A 59 7.83 -10.64 3.24
C ASP A 59 8.22 -10.65 1.77
N ASP A 60 9.52 -10.51 1.50
CA ASP A 60 10.02 -10.49 0.13
C ASP A 60 10.40 -11.90 -0.31
N HIS A 61 9.44 -12.61 -0.92
CA HIS A 61 9.68 -13.96 -1.40
C HIS A 61 8.54 -14.43 -2.29
N LYS A 62 8.87 -15.23 -3.31
CA LYS A 62 7.88 -15.74 -4.24
C LYS A 62 7.21 -16.99 -3.68
N ASN A 63 6.12 -16.81 -2.97
CA ASN A 63 5.38 -17.93 -2.38
C ASN A 63 4.01 -18.08 -3.02
N GLY A 64 3.46 -16.97 -3.49
CA GLY A 64 2.15 -17.00 -4.12
C GLY A 64 1.35 -15.74 -3.86
N SER A 65 1.21 -14.90 -4.88
CA SER A 65 0.47 -13.66 -4.76
C SER A 65 0.67 -13.04 -3.36
N CYS A 66 1.92 -13.02 -2.91
CA CYS A 66 2.25 -12.46 -1.61
C CYS A 66 2.30 -10.94 -1.67
N GLY A 67 1.47 -10.28 -0.86
CA GLY A 67 1.44 -8.84 -0.84
C GLY A 67 1.75 -8.27 0.54
N VAL A 68 1.28 -7.06 0.79
CA VAL A 68 1.51 -6.41 2.07
C VAL A 68 0.30 -6.54 2.99
N SER A 69 0.56 -6.86 4.26
CA SER A 69 -0.51 -7.02 5.24
C SER A 69 -0.38 -6.00 6.36
N TYR A 70 -1.53 -5.54 6.87
CA TYR A 70 -1.54 -4.56 7.95
C TYR A 70 -2.85 -4.63 8.73
N ILE A 71 -2.76 -4.52 10.04
CA ILE A 71 -3.94 -4.56 10.89
C ILE A 71 -4.03 -3.31 11.76
N ALA A 72 -5.22 -2.71 11.80
CA ALA A 72 -5.45 -1.51 12.59
C ALA A 72 -6.16 -1.84 13.90
N GLN A 73 -5.40 -1.95 14.98
CA GLN A 73 -5.96 -2.27 16.29
C GLN A 73 -7.21 -1.43 16.55
N GLU A 74 -7.07 -0.12 16.47
CA GLU A 74 -8.18 0.79 16.71
C GLU A 74 -8.73 1.34 15.40
N PRO A 75 -10.05 1.53 15.34
CA PRO A 75 -10.73 2.04 14.14
C PRO A 75 -10.41 3.52 13.89
N GLY A 76 -10.35 3.89 12.62
CA GLY A 76 -10.06 5.28 12.26
C GLY A 76 -9.53 5.40 10.86
N ASN A 77 -9.14 6.62 10.48
CA ASN A 77 -8.61 6.89 9.14
C ASN A 77 -7.10 6.69 9.11
N TYR A 78 -6.67 5.53 8.63
CA TYR A 78 -5.24 5.22 8.54
C TYR A 78 -4.66 5.70 7.22
N GLU A 79 -3.68 6.60 7.30
CA GLU A 79 -3.04 7.13 6.11
C GLU A 79 -1.79 6.32 5.76
N VAL A 80 -1.88 5.55 4.68
CA VAL A 80 -0.76 4.73 4.24
C VAL A 80 0.09 5.47 3.21
N SER A 81 1.28 5.88 3.63
CA SER A 81 2.19 6.61 2.75
C SER A 81 3.02 5.64 1.91
N ILE A 82 2.88 5.76 0.59
CA ILE A 82 3.61 4.90 -0.33
C ILE A 82 4.58 5.71 -1.19
N LYS A 83 5.76 5.15 -1.43
CA LYS A 83 6.77 5.81 -2.23
C LYS A 83 7.43 4.84 -3.21
N PHE A 84 7.44 5.20 -4.49
CA PHE A 84 8.03 4.35 -5.51
C PHE A 84 9.34 4.94 -6.02
N ASN A 85 10.45 4.32 -5.65
CA ASN A 85 11.77 4.79 -6.06
C ASN A 85 12.08 6.14 -5.44
N ASP A 86 11.66 6.33 -4.19
CA ASP A 86 11.90 7.58 -3.48
C ASP A 86 11.07 8.72 -4.08
N GLU A 87 9.87 8.38 -4.55
CA GLU A 87 8.98 9.38 -5.14
C GLU A 87 7.54 9.14 -4.72
N HIS A 88 6.85 10.22 -4.36
CA HIS A 88 5.46 10.13 -3.94
C HIS A 88 4.51 10.11 -5.14
N ILE A 89 3.98 8.93 -5.44
CA ILE A 89 3.06 8.78 -6.57
C ILE A 89 1.84 9.67 -6.41
N PRO A 90 1.16 9.96 -7.53
CA PRO A 90 -0.05 10.79 -7.54
C PRO A 90 -1.23 10.11 -6.87
N GLU A 91 -1.01 8.91 -6.35
CA GLU A 91 -2.06 8.16 -5.67
C GLU A 91 -1.76 8.02 -4.18
N SER A 92 -0.57 8.45 -3.78
CA SER A 92 -0.16 8.36 -2.39
C SER A 92 0.09 9.75 -1.80
N PRO A 93 -0.05 9.87 -0.48
CA PRO A 93 -0.42 8.75 0.39
C PRO A 93 -1.87 8.31 0.17
N TYR A 94 -2.26 7.23 0.83
CA TYR A 94 -3.61 6.70 0.71
C TYR A 94 -4.38 6.88 2.02
N LEU A 95 -5.69 7.04 1.91
CA LEU A 95 -6.54 7.23 3.08
C LEU A 95 -7.62 6.16 3.13
N VAL A 96 -7.43 5.18 4.02
CA VAL A 96 -8.39 4.09 4.18
C VAL A 96 -9.16 4.23 5.49
N PRO A 97 -10.47 4.51 5.38
CA PRO A 97 -11.34 4.67 6.55
C PRO A 97 -11.59 3.34 7.26
N VAL A 98 -10.73 3.04 8.23
CA VAL A 98 -10.87 1.80 8.99
C VAL A 98 -11.94 1.93 10.07
N ILE A 99 -12.80 0.93 10.16
CA ILE A 99 -13.88 0.93 11.16
C ILE A 99 -13.91 -0.38 11.93
N ALA A 100 -14.40 -0.32 13.17
CA ALA A 100 -14.47 -1.50 14.02
C ALA A 100 -15.72 -2.31 13.70
N PRO A 101 -15.52 -3.54 13.22
CA PRO A 101 -16.62 -4.44 12.86
C PRO A 101 -17.39 -4.95 14.09
N SER A 102 -18.66 -4.59 14.17
CA SER A 102 -19.49 -5.00 15.30
C SER A 102 -19.87 -6.47 15.19
N ASP A 103 -19.43 -7.26 16.16
CA ASP A 103 -19.72 -8.69 16.17
C ASP A 103 -20.80 -9.02 17.20
N ASP A 104 -22.01 -9.29 16.72
CA ASP A 104 -23.12 -9.63 17.61
C ASP A 104 -23.02 -11.07 18.09
N ALA A 105 -22.89 -11.23 19.40
CA ALA A 105 -22.79 -12.56 20.00
C ALA A 105 -23.42 -12.58 21.39
N GLY A 1 24.04 1.40 -17.71
CA GLY A 1 24.63 1.01 -18.98
C GLY A 1 25.57 2.06 -19.53
N SER A 2 25.05 2.93 -20.40
CA SER A 2 25.85 3.98 -21.00
C SER A 2 25.13 5.33 -20.91
N SER A 3 24.52 5.59 -19.76
CA SER A 3 23.80 6.83 -19.54
C SER A 3 22.51 6.86 -20.35
N GLY A 4 21.81 5.72 -20.37
CA GLY A 4 20.57 5.63 -21.11
C GLY A 4 19.68 4.51 -20.61
N SER A 5 18.37 4.74 -20.61
CA SER A 5 17.42 3.73 -20.16
C SER A 5 16.38 3.44 -21.25
N SER A 6 15.81 2.24 -21.19
CA SER A 6 14.80 1.84 -22.17
C SER A 6 13.45 2.47 -21.85
N GLY A 7 13.02 2.36 -20.60
CA GLY A 7 11.75 2.93 -20.19
C GLY A 7 11.89 4.34 -19.67
N GLU A 8 10.91 5.18 -19.98
CA GLU A 8 10.92 6.57 -19.53
C GLU A 8 9.81 6.83 -18.52
N GLY A 9 9.52 5.83 -17.70
CA GLY A 9 8.49 5.97 -16.69
C GLY A 9 9.06 6.16 -15.30
N GLY A 10 8.19 6.04 -14.29
CA GLY A 10 8.64 6.20 -12.92
C GLY A 10 7.50 6.05 -11.92
N ALA A 11 7.43 6.96 -10.96
CA ALA A 11 6.39 6.92 -9.94
C ALA A 11 5.01 7.12 -10.56
N HIS A 12 4.76 8.33 -11.06
CA HIS A 12 3.48 8.64 -11.69
C HIS A 12 2.93 7.44 -12.45
N LYS A 13 3.83 6.64 -13.00
CA LYS A 13 3.43 5.46 -13.75
C LYS A 13 3.25 4.25 -12.83
N VAL A 14 2.71 4.52 -11.65
CA VAL A 14 2.47 3.45 -10.67
C VAL A 14 1.15 3.68 -9.93
N ARG A 15 0.21 2.74 -10.12
CA ARG A 15 -1.09 2.84 -9.47
C ARG A 15 -1.26 1.73 -8.43
N ALA A 16 -2.26 1.89 -7.58
CA ALA A 16 -2.53 0.91 -6.53
C ALA A 16 -4.02 0.84 -6.21
N GLY A 17 -4.57 -0.37 -6.26
CA GLY A 17 -5.99 -0.54 -5.98
C GLY A 17 -6.35 -2.00 -5.72
N GLY A 18 -6.67 -2.31 -4.47
CA GLY A 18 -7.03 -3.66 -4.12
C GLY A 18 -8.22 -3.72 -3.17
N PRO A 19 -8.65 -4.95 -2.83
CA PRO A 19 -9.78 -5.16 -1.93
C PRO A 19 -9.46 -4.78 -0.49
N GLY A 20 -8.24 -4.31 -0.27
CA GLY A 20 -7.82 -3.91 1.06
C GLY A 20 -7.32 -2.48 1.12
N LEU A 21 -7.70 -1.69 0.12
CA LEU A 21 -7.28 -0.29 0.05
C LEU A 21 -8.48 0.64 0.14
N GLU A 22 -9.58 0.24 -0.48
CA GLU A 22 -10.80 1.04 -0.47
C GLU A 22 -11.26 1.32 0.96
N ARG A 23 -11.13 0.32 1.82
CA ARG A 23 -11.52 0.46 3.21
C ARG A 23 -10.69 -0.46 4.11
N GLY A 24 -10.87 -0.32 5.43
CA GLY A 24 -10.13 -1.14 6.37
C GLY A 24 -10.99 -1.61 7.52
N GLU A 25 -10.48 -2.58 8.28
CA GLU A 25 -11.21 -3.11 9.42
C GLU A 25 -10.31 -3.21 10.64
N ALA A 26 -10.82 -2.76 11.79
CA ALA A 26 -10.06 -2.80 13.03
C ALA A 26 -9.88 -4.23 13.53
N GLY A 27 -8.65 -4.59 13.86
CA GLY A 27 -8.36 -5.93 14.34
C GLY A 27 -8.38 -6.96 13.23
N VAL A 28 -8.45 -6.49 11.99
CA VAL A 28 -8.48 -7.38 10.83
C VAL A 28 -7.32 -7.08 9.89
N PRO A 29 -6.56 -8.13 9.54
CA PRO A 29 -5.41 -8.01 8.63
C PRO A 29 -5.83 -7.70 7.20
N ALA A 30 -5.55 -6.48 6.75
CA ALA A 30 -5.91 -6.06 5.40
C ALA A 30 -4.69 -6.10 4.48
N GLU A 31 -4.80 -6.86 3.40
CA GLU A 31 -3.71 -6.99 2.44
C GLU A 31 -4.12 -6.46 1.07
N PHE A 32 -3.15 -5.92 0.33
CA PHE A 32 -3.41 -5.37 -0.99
C PHE A 32 -2.20 -5.56 -1.91
N SER A 33 -2.46 -5.79 -3.19
CA SER A 33 -1.39 -5.98 -4.16
C SER A 33 -1.07 -4.68 -4.88
N ILE A 34 0.15 -4.59 -5.40
CA ILE A 34 0.57 -3.40 -6.13
C ILE A 34 1.01 -3.74 -7.55
N TRP A 35 0.16 -3.40 -8.52
CA TRP A 35 0.47 -3.67 -9.92
C TRP A 35 1.32 -2.56 -10.52
N THR A 36 2.48 -2.93 -11.03
CA THR A 36 3.39 -1.96 -11.64
C THR A 36 4.39 -2.65 -12.55
N ARG A 37 4.28 -2.38 -13.85
CA ARG A 37 5.18 -2.98 -14.83
C ARG A 37 5.99 -1.90 -15.55
N GLU A 38 5.32 -1.16 -16.43
CA GLU A 38 5.98 -0.09 -17.18
C GLU A 38 6.97 0.67 -16.30
N ALA A 39 6.51 1.06 -15.12
CA ALA A 39 7.36 1.80 -14.19
C ALA A 39 8.76 1.20 -14.12
N GLY A 40 8.83 -0.10 -13.85
CA GLY A 40 10.12 -0.76 -13.77
C GLY A 40 10.39 -1.33 -12.39
N ALA A 41 11.02 -2.50 -12.34
CA ALA A 41 11.34 -3.15 -11.08
C ALA A 41 12.04 -2.18 -10.13
N GLY A 42 11.28 -1.65 -9.17
CA GLY A 42 11.84 -0.72 -8.21
C GLY A 42 11.38 -1.00 -6.79
N GLY A 43 12.01 -0.33 -5.83
CA GLY A 43 11.65 -0.53 -4.43
C GLY A 43 10.24 -0.10 -4.14
N LEU A 44 9.74 -0.49 -2.96
CA LEU A 44 8.38 -0.14 -2.55
C LEU A 44 8.29 0.03 -1.04
N SER A 45 8.06 1.27 -0.60
CA SER A 45 7.96 1.57 0.82
C SER A 45 6.51 1.81 1.22
N ILE A 46 6.14 1.32 2.40
CA ILE A 46 4.78 1.48 2.90
C ILE A 46 4.77 1.75 4.41
N ALA A 47 4.16 2.85 4.80
CA ALA A 47 4.09 3.22 6.21
C ALA A 47 2.66 3.61 6.59
N VAL A 48 2.01 2.77 7.38
CA VAL A 48 0.64 3.03 7.83
C VAL A 48 0.63 3.85 9.10
N GLU A 49 0.13 5.09 9.01
CA GLU A 49 0.07 5.97 10.16
C GLU A 49 -1.36 6.48 10.38
N GLY A 50 -1.92 6.18 11.54
CA GLY A 50 -3.27 6.62 11.84
C GLY A 50 -3.42 7.07 13.28
N PRO A 51 -4.67 7.06 13.79
CA PRO A 51 -4.97 7.47 15.16
C PRO A 51 -4.44 6.49 16.19
N SER A 52 -3.95 5.35 15.72
CA SER A 52 -3.41 4.33 16.61
C SER A 52 -2.28 3.56 15.93
N LYS A 53 -1.56 2.76 16.71
CA LYS A 53 -0.45 1.97 16.19
C LYS A 53 -0.96 0.85 15.29
N ALA A 54 -0.35 0.72 14.11
CA ALA A 54 -0.73 -0.32 13.16
C ALA A 54 0.42 -1.28 12.89
N GLU A 55 0.12 -2.57 12.93
CA GLU A 55 1.14 -3.59 12.69
C GLU A 55 1.36 -3.81 11.19
N ILE A 56 2.61 -4.04 10.82
CA ILE A 56 2.96 -4.25 9.41
C ILE A 56 3.86 -5.48 9.25
N THR A 57 3.53 -6.32 8.27
CA THR A 57 4.31 -7.52 8.01
C THR A 57 4.70 -7.62 6.55
N PHE A 58 5.99 -7.45 6.27
CA PHE A 58 6.49 -7.53 4.90
C PHE A 58 7.66 -8.51 4.80
N ASP A 59 7.48 -9.55 3.98
CA ASP A 59 8.52 -10.56 3.81
C ASP A 59 8.69 -10.88 2.32
N ASP A 60 9.85 -10.52 1.78
CA ASP A 60 10.15 -10.78 0.38
C ASP A 60 11.28 -11.80 0.23
N HIS A 61 11.00 -12.86 -0.51
CA HIS A 61 12.00 -13.91 -0.74
C HIS A 61 12.30 -14.64 0.57
N LYS A 62 11.26 -15.01 1.30
CA LYS A 62 11.41 -15.72 2.56
C LYS A 62 10.64 -17.04 2.55
N ASN A 63 9.42 -17.01 2.03
CA ASN A 63 8.59 -18.20 1.96
C ASN A 63 8.18 -18.49 0.51
N GLY A 64 8.07 -17.43 -0.29
CA GLY A 64 7.68 -17.59 -1.68
C GLY A 64 7.00 -16.35 -2.23
N SER A 65 5.71 -16.46 -2.52
CA SER A 65 4.95 -15.34 -3.07
C SER A 65 4.12 -14.66 -1.98
N CYS A 66 4.70 -13.65 -1.35
CA CYS A 66 4.02 -12.91 -0.30
C CYS A 66 3.73 -11.48 -0.72
N GLY A 67 2.79 -10.83 -0.03
CA GLY A 67 2.44 -9.46 -0.35
C GLY A 67 2.60 -8.53 0.83
N VAL A 68 1.62 -7.65 1.01
CA VAL A 68 1.66 -6.69 2.12
C VAL A 68 0.45 -6.86 3.03
N SER A 69 0.68 -6.78 4.33
CA SER A 69 -0.39 -6.93 5.31
C SER A 69 -0.28 -5.86 6.40
N TYR A 70 -1.43 -5.44 6.92
CA TYR A 70 -1.47 -4.41 7.96
C TYR A 70 -2.73 -4.55 8.80
N ILE A 71 -2.58 -4.34 10.11
CA ILE A 71 -3.71 -4.44 11.02
C ILE A 71 -3.86 -3.15 11.85
N ALA A 72 -5.11 -2.78 12.12
CA ALA A 72 -5.39 -1.58 12.90
C ALA A 72 -6.13 -1.92 14.19
N GLN A 73 -5.40 -1.99 15.29
CA GLN A 73 -6.00 -2.31 16.58
C GLN A 73 -7.30 -1.55 16.78
N GLU A 74 -7.30 -0.27 16.44
CA GLU A 74 -8.48 0.57 16.59
C GLU A 74 -8.92 1.12 15.24
N PRO A 75 -10.25 1.23 15.05
CA PRO A 75 -10.83 1.74 13.80
C PRO A 75 -10.58 3.23 13.62
N GLY A 76 -10.45 3.66 12.37
CA GLY A 76 -10.22 5.06 12.08
C GLY A 76 -9.66 5.29 10.69
N ASN A 77 -9.31 6.53 10.38
CA ASN A 77 -8.76 6.87 9.07
C ASN A 77 -7.23 6.76 9.09
N TYR A 78 -6.72 5.65 8.59
CA TYR A 78 -5.28 5.43 8.55
C TYR A 78 -4.70 5.88 7.21
N GLU A 79 -3.69 6.74 7.28
CA GLU A 79 -3.04 7.25 6.07
C GLU A 79 -1.79 6.44 5.73
N VAL A 80 -1.85 5.67 4.65
CA VAL A 80 -0.73 4.85 4.24
C VAL A 80 0.18 5.63 3.28
N SER A 81 1.47 5.69 3.62
CA SER A 81 2.44 6.39 2.81
C SER A 81 3.18 5.43 1.89
N ILE A 82 2.91 5.53 0.59
CA ILE A 82 3.55 4.67 -0.40
C ILE A 82 4.48 5.47 -1.30
N LYS A 83 5.72 5.01 -1.43
CA LYS A 83 6.69 5.67 -2.27
C LYS A 83 7.33 4.69 -3.25
N PHE A 84 7.24 5.01 -4.54
CA PHE A 84 7.80 4.15 -5.58
C PHE A 84 9.16 4.66 -6.03
N ASN A 85 10.21 3.90 -5.74
CA ASN A 85 11.57 4.28 -6.11
C ASN A 85 11.97 5.59 -5.46
N ASP A 86 11.51 5.79 -4.23
CA ASP A 86 11.81 7.01 -3.49
C ASP A 86 11.05 8.21 -4.06
N GLU A 87 9.79 7.98 -4.42
CA GLU A 87 8.97 9.05 -4.99
C GLU A 87 7.52 8.90 -4.54
N HIS A 88 6.85 10.04 -4.35
CA HIS A 88 5.45 10.04 -3.92
C HIS A 88 4.51 10.04 -5.13
N ILE A 89 3.95 8.88 -5.44
CA ILE A 89 3.03 8.75 -6.56
C ILE A 89 1.84 9.68 -6.39
N PRO A 90 1.16 9.97 -7.52
CA PRO A 90 -0.02 10.85 -7.52
C PRO A 90 -1.23 10.20 -6.85
N GLU A 91 -1.03 9.01 -6.29
CA GLU A 91 -2.10 8.30 -5.62
C GLU A 91 -1.74 8.04 -4.16
N SER A 92 -0.70 8.70 -3.69
CA SER A 92 -0.24 8.55 -2.31
C SER A 92 0.06 9.90 -1.67
N PRO A 93 -0.06 9.98 -0.34
CA PRO A 93 -0.44 8.82 0.49
C PRO A 93 -1.89 8.43 0.29
N TYR A 94 -2.23 7.20 0.69
CA TYR A 94 -3.58 6.70 0.56
C TYR A 94 -4.36 6.86 1.87
N LEU A 95 -5.67 7.04 1.75
CA LEU A 95 -6.52 7.20 2.92
C LEU A 95 -7.52 6.05 3.05
N VAL A 96 -7.22 5.11 3.92
CA VAL A 96 -8.10 3.95 4.14
C VAL A 96 -8.86 4.08 5.44
N PRO A 97 -10.14 4.46 5.34
CA PRO A 97 -11.02 4.63 6.50
C PRO A 97 -11.36 3.30 7.17
N VAL A 98 -10.52 2.87 8.11
CA VAL A 98 -10.74 1.61 8.82
C VAL A 98 -11.94 1.71 9.76
N ILE A 99 -12.86 0.77 9.64
CA ILE A 99 -14.04 0.75 10.48
C ILE A 99 -14.07 -0.49 11.37
N ALA A 100 -14.80 -0.40 12.48
CA ALA A 100 -14.90 -1.52 13.41
C ALA A 100 -15.98 -2.50 12.96
N PRO A 101 -15.55 -3.71 12.56
CA PRO A 101 -16.46 -4.76 12.11
C PRO A 101 -17.30 -5.32 13.24
N SER A 102 -18.61 -5.40 13.01
CA SER A 102 -19.53 -5.92 14.03
C SER A 102 -20.06 -7.29 13.61
N ASP A 103 -19.37 -8.34 14.06
CA ASP A 103 -19.77 -9.71 13.74
C ASP A 103 -19.29 -10.68 14.82
N ASP A 104 -20.15 -11.63 15.18
CA ASP A 104 -19.81 -12.61 16.20
C ASP A 104 -19.24 -13.87 15.57
N ALA A 105 -18.49 -14.63 16.35
CA ALA A 105 -17.87 -15.86 15.87
C ALA A 105 -18.63 -17.09 16.37
N GLY A 1 14.85 14.53 -36.68
CA GLY A 1 16.08 14.39 -35.93
C GLY A 1 16.02 13.24 -34.93
N SER A 2 16.54 13.47 -33.74
CA SER A 2 16.55 12.44 -32.70
C SER A 2 16.04 13.00 -31.38
N SER A 3 15.90 12.14 -30.38
CA SER A 3 15.43 12.54 -29.06
C SER A 3 15.65 11.43 -28.03
N GLY A 4 15.86 11.83 -26.78
CA GLY A 4 16.08 10.86 -25.73
C GLY A 4 14.98 10.87 -24.69
N SER A 5 13.87 10.19 -24.99
CA SER A 5 12.73 10.13 -24.08
C SER A 5 13.20 9.90 -22.65
N SER A 6 14.03 8.87 -22.46
CA SER A 6 14.55 8.55 -21.13
C SER A 6 13.42 8.43 -20.12
N GLY A 7 12.35 7.74 -20.50
CA GLY A 7 11.22 7.56 -19.62
C GLY A 7 10.77 6.12 -19.51
N GLU A 8 11.70 5.24 -19.13
CA GLU A 8 11.40 3.83 -19.00
C GLU A 8 10.24 3.60 -18.04
N GLY A 9 10.29 4.27 -16.89
CA GLY A 9 9.24 4.14 -15.89
C GLY A 9 8.99 5.42 -15.14
N GLY A 10 8.82 5.31 -13.83
CA GLY A 10 8.57 6.47 -13.00
C GLY A 10 7.39 6.29 -12.06
N ALA A 11 7.46 6.93 -10.91
CA ALA A 11 6.40 6.83 -9.92
C ALA A 11 5.02 6.96 -10.57
N HIS A 12 4.89 7.94 -11.47
CA HIS A 12 3.63 8.17 -12.16
C HIS A 12 3.17 6.91 -12.88
N LYS A 13 4.12 6.15 -13.41
CA LYS A 13 3.81 4.92 -14.12
C LYS A 13 3.23 3.88 -13.18
N VAL A 14 3.75 3.84 -11.96
CA VAL A 14 3.29 2.89 -10.95
C VAL A 14 1.83 3.14 -10.60
N ARG A 15 1.12 2.08 -10.24
CA ARG A 15 -0.28 2.17 -9.88
C ARG A 15 -0.66 1.13 -8.83
N ALA A 16 -1.59 1.48 -7.95
CA ALA A 16 -2.03 0.57 -6.89
C ALA A 16 -3.55 0.58 -6.78
N GLY A 17 -4.08 -0.39 -6.04
CA GLY A 17 -5.51 -0.49 -5.86
C GLY A 17 -5.97 -1.91 -5.57
N GLY A 18 -6.80 -2.07 -4.54
CA GLY A 18 -7.29 -3.38 -4.18
C GLY A 18 -8.41 -3.32 -3.16
N PRO A 19 -8.94 -4.49 -2.76
CA PRO A 19 -10.02 -4.59 -1.80
C PRO A 19 -9.58 -4.21 -0.39
N GLY A 20 -8.31 -3.85 -0.25
CA GLY A 20 -7.78 -3.47 1.05
C GLY A 20 -7.77 -1.96 1.25
N LEU A 21 -7.63 -1.23 0.15
CA LEU A 21 -7.60 0.23 0.21
C LEU A 21 -9.00 0.80 0.28
N GLU A 22 -9.95 0.10 -0.34
CA GLU A 22 -11.34 0.55 -0.34
C GLU A 22 -11.83 0.87 1.07
N ARG A 23 -11.70 -0.11 1.96
CA ARG A 23 -12.13 0.06 3.34
C ARG A 23 -11.49 -1.00 4.24
N GLY A 24 -11.03 -0.56 5.41
CA GLY A 24 -10.39 -1.49 6.34
C GLY A 24 -11.24 -1.72 7.58
N GLU A 25 -10.92 -2.76 8.33
CA GLU A 25 -11.65 -3.09 9.55
C GLU A 25 -10.70 -3.30 10.72
N ALA A 26 -11.00 -2.65 11.84
CA ALA A 26 -10.16 -2.77 13.04
C ALA A 26 -10.08 -4.22 13.50
N GLY A 27 -8.86 -4.74 13.57
CA GLY A 27 -8.66 -6.12 14.00
C GLY A 27 -8.52 -7.08 12.83
N VAL A 28 -9.05 -6.68 11.68
CA VAL A 28 -8.99 -7.51 10.48
C VAL A 28 -7.84 -7.08 9.57
N PRO A 29 -7.04 -8.05 9.13
CA PRO A 29 -5.91 -7.79 8.23
C PRO A 29 -6.33 -7.37 6.84
N ALA A 30 -5.81 -6.25 6.37
CA ALA A 30 -6.14 -5.73 5.04
C ALA A 30 -4.90 -5.65 4.16
N GLU A 31 -4.76 -6.63 3.27
CA GLU A 31 -3.61 -6.67 2.36
C GLU A 31 -4.04 -6.33 0.93
N PHE A 32 -3.20 -5.55 0.24
CA PHE A 32 -3.49 -5.15 -1.13
C PHE A 32 -2.48 -5.76 -2.09
N SER A 33 -2.81 -5.72 -3.38
CA SER A 33 -1.93 -6.28 -4.41
C SER A 33 -1.19 -5.16 -5.16
N ILE A 34 0.13 -5.28 -5.25
CA ILE A 34 0.93 -4.29 -5.94
C ILE A 34 1.29 -4.76 -7.35
N TRP A 35 0.84 -4.01 -8.35
CA TRP A 35 1.12 -4.34 -9.74
C TRP A 35 2.07 -3.33 -10.37
N THR A 36 3.25 -3.79 -10.76
CA THR A 36 4.25 -2.92 -11.37
C THR A 36 4.80 -3.53 -12.65
N ARG A 37 4.24 -3.13 -13.78
CA ARG A 37 4.68 -3.64 -15.07
C ARG A 37 5.55 -2.63 -15.79
N GLU A 38 4.96 -1.47 -16.11
CA GLU A 38 5.68 -0.41 -16.81
C GLU A 38 6.50 0.42 -15.82
N ALA A 39 7.22 -0.26 -14.94
CA ALA A 39 8.05 0.42 -13.95
C ALA A 39 9.53 0.07 -14.15
N GLY A 40 9.84 -1.22 -14.18
CA GLY A 40 11.21 -1.65 -14.37
C GLY A 40 11.78 -2.31 -13.13
N ALA A 41 12.54 -1.55 -12.36
CA ALA A 41 13.15 -2.07 -11.13
C ALA A 41 13.33 -0.97 -10.09
N GLY A 42 13.05 -1.29 -8.84
CA GLY A 42 13.19 -0.31 -7.78
C GLY A 42 12.69 -0.83 -6.44
N GLY A 43 12.76 0.02 -5.41
CA GLY A 43 12.31 -0.38 -4.09
C GLY A 43 11.01 0.27 -3.70
N LEU A 44 10.21 -0.42 -2.91
CA LEU A 44 8.93 0.10 -2.46
C LEU A 44 8.94 0.38 -0.96
N SER A 45 8.26 1.44 -0.56
CA SER A 45 8.19 1.82 0.85
C SER A 45 6.75 2.13 1.26
N ILE A 46 6.33 1.58 2.39
CA ILE A 46 4.99 1.81 2.90
C ILE A 46 5.01 2.26 4.36
N ALA A 47 4.09 3.15 4.70
CA ALA A 47 4.00 3.67 6.06
C ALA A 47 2.55 3.90 6.48
N VAL A 48 2.10 3.18 7.49
CA VAL A 48 0.73 3.30 7.99
C VAL A 48 0.69 4.15 9.25
N GLU A 49 0.17 5.36 9.12
CA GLU A 49 0.07 6.28 10.25
C GLU A 49 -1.40 6.64 10.52
N GLY A 50 -1.76 6.68 11.80
CA GLY A 50 -3.13 7.03 12.16
C GLY A 50 -3.27 7.34 13.64
N PRO A 51 -4.50 7.24 14.15
CA PRO A 51 -4.80 7.52 15.56
C PRO A 51 -4.20 6.47 16.50
N SER A 52 -3.70 5.39 15.92
CA SER A 52 -3.10 4.31 16.70
C SER A 52 -2.05 3.56 15.89
N LYS A 53 -1.32 2.68 16.54
CA LYS A 53 -0.27 1.89 15.89
C LYS A 53 -0.90 0.78 15.06
N ALA A 54 -0.22 0.43 13.97
CA ALA A 54 -0.70 -0.64 13.09
C ALA A 54 0.41 -1.63 12.76
N GLU A 55 0.06 -2.91 12.70
CA GLU A 55 1.03 -3.96 12.41
C GLU A 55 1.29 -4.04 10.91
N ILE A 56 2.45 -4.58 10.54
CA ILE A 56 2.82 -4.74 9.15
C ILE A 56 3.62 -6.02 8.91
N THR A 57 3.23 -6.76 7.88
CA THR A 57 3.90 -8.02 7.55
C THR A 57 4.42 -8.00 6.12
N PHE A 58 5.73 -7.77 5.97
CA PHE A 58 6.34 -7.73 4.65
C PHE A 58 7.37 -8.86 4.50
N ASP A 59 7.17 -9.68 3.48
CA ASP A 59 8.06 -10.81 3.22
C ASP A 59 9.05 -10.46 2.10
N ASP A 60 10.32 -10.79 2.32
CA ASP A 60 11.36 -10.52 1.34
C ASP A 60 11.64 -11.75 0.48
N HIS A 61 11.99 -11.52 -0.78
CA HIS A 61 12.29 -12.61 -1.70
C HIS A 61 11.11 -13.59 -1.77
N LYS A 62 9.93 -13.10 -1.47
CA LYS A 62 8.72 -13.93 -1.50
C LYS A 62 8.79 -14.94 -2.64
N ASN A 63 8.09 -16.06 -2.47
CA ASN A 63 8.06 -17.11 -3.49
C ASN A 63 7.00 -16.82 -4.55
N GLY A 64 5.96 -16.09 -4.15
CA GLY A 64 4.89 -15.75 -5.08
C GLY A 64 4.23 -14.43 -4.73
N SER A 65 4.35 -13.47 -5.64
CA SER A 65 3.75 -12.15 -5.44
C SER A 65 2.44 -12.26 -4.67
N CYS A 66 2.46 -11.84 -3.42
CA CYS A 66 1.27 -11.88 -2.58
C CYS A 66 0.80 -10.47 -2.22
N GLY A 67 1.72 -9.67 -1.67
CA GLY A 67 1.37 -8.31 -1.29
C GLY A 67 1.72 -8.01 0.16
N VAL A 68 1.35 -6.82 0.62
CA VAL A 68 1.63 -6.41 1.99
C VAL A 68 0.35 -6.36 2.82
N SER A 69 0.43 -6.83 4.05
CA SER A 69 -0.72 -6.84 4.94
C SER A 69 -0.54 -5.84 6.09
N TYR A 70 -1.65 -5.42 6.67
CA TYR A 70 -1.61 -4.46 7.77
C TYR A 70 -2.89 -4.54 8.61
N ILE A 71 -2.72 -4.54 9.93
CA ILE A 71 -3.86 -4.61 10.85
C ILE A 71 -3.91 -3.38 11.75
N ALA A 72 -5.13 -2.95 12.08
CA ALA A 72 -5.31 -1.80 12.95
C ALA A 72 -6.10 -2.17 14.20
N GLN A 73 -5.41 -2.27 15.33
CA GLN A 73 -6.05 -2.62 16.59
C GLN A 73 -7.24 -1.71 16.86
N GLU A 74 -7.08 -0.43 16.56
CA GLU A 74 -8.15 0.54 16.78
C GLU A 74 -8.63 1.13 15.45
N PRO A 75 -9.95 1.39 15.37
CA PRO A 75 -10.56 1.95 14.16
C PRO A 75 -10.15 3.40 13.92
N GLY A 76 -10.24 3.84 12.67
CA GLY A 76 -9.88 5.21 12.33
C GLY A 76 -9.38 5.33 10.91
N ASN A 77 -9.08 6.57 10.51
CA ASN A 77 -8.58 6.83 9.16
C ASN A 77 -7.06 6.71 9.11
N TYR A 78 -6.58 5.55 8.68
CA TYR A 78 -5.14 5.31 8.58
C TYR A 78 -4.61 5.74 7.22
N GLU A 79 -3.75 6.76 7.22
CA GLU A 79 -3.16 7.27 5.99
C GLU A 79 -1.89 6.51 5.64
N VAL A 80 -1.96 5.68 4.61
CA VAL A 80 -0.82 4.89 4.17
C VAL A 80 0.00 5.64 3.12
N SER A 81 1.19 6.09 3.51
CA SER A 81 2.06 6.82 2.60
C SER A 81 2.96 5.87 1.82
N ILE A 82 2.80 5.87 0.49
CA ILE A 82 3.59 5.01 -0.37
C ILE A 82 4.56 5.83 -1.22
N LYS A 83 5.81 5.39 -1.27
CA LYS A 83 6.83 6.08 -2.05
C LYS A 83 7.61 5.09 -2.92
N PHE A 84 7.59 5.32 -4.24
CA PHE A 84 8.29 4.45 -5.17
C PHE A 84 9.62 5.07 -5.59
N ASN A 85 10.71 4.31 -5.41
CA ASN A 85 12.03 4.79 -5.76
C ASN A 85 12.30 6.16 -5.17
N ASP A 86 11.75 6.41 -3.99
CA ASP A 86 11.93 7.69 -3.31
C ASP A 86 11.12 8.79 -3.99
N GLU A 87 9.89 8.47 -4.39
CA GLU A 87 9.02 9.42 -5.06
C GLU A 87 7.57 9.22 -4.66
N HIS A 88 6.84 10.31 -4.48
CA HIS A 88 5.44 10.25 -4.09
C HIS A 88 4.54 10.13 -5.32
N ILE A 89 3.97 8.94 -5.51
CA ILE A 89 3.09 8.70 -6.64
C ILE A 89 1.82 9.53 -6.56
N PRO A 90 1.14 9.72 -7.71
CA PRO A 90 -0.09 10.50 -7.77
C PRO A 90 -1.26 9.80 -7.08
N GLU A 91 -0.99 8.65 -6.48
CA GLU A 91 -2.02 7.89 -5.79
C GLU A 91 -1.76 7.87 -4.28
N SER A 92 -0.63 8.44 -3.87
CA SER A 92 -0.26 8.50 -2.46
C SER A 92 -0.13 9.94 -1.99
N PRO A 93 -0.31 10.15 -0.68
CA PRO A 93 -0.62 9.06 0.26
C PRO A 93 -2.02 8.50 0.06
N TYR A 94 -2.31 7.39 0.72
CA TYR A 94 -3.62 6.76 0.62
C TYR A 94 -4.42 6.92 1.91
N LEU A 95 -5.74 6.96 1.77
CA LEU A 95 -6.61 7.12 2.92
C LEU A 95 -7.60 5.96 3.02
N VAL A 96 -7.43 5.12 4.03
CA VAL A 96 -8.31 3.98 4.24
C VAL A 96 -9.06 4.10 5.57
N PRO A 97 -10.36 4.44 5.49
CA PRO A 97 -11.21 4.58 6.67
C PRO A 97 -11.50 3.24 7.35
N VAL A 98 -10.77 2.95 8.41
CA VAL A 98 -10.94 1.70 9.15
C VAL A 98 -12.01 1.85 10.22
N ILE A 99 -12.87 0.85 10.34
CA ILE A 99 -13.94 0.87 11.34
C ILE A 99 -13.99 -0.44 12.11
N ALA A 100 -14.58 -0.41 13.30
CA ALA A 100 -14.71 -1.60 14.13
C ALA A 100 -15.96 -2.38 13.78
N PRO A 101 -15.78 -3.62 13.29
CA PRO A 101 -16.89 -4.49 12.91
C PRO A 101 -17.69 -4.98 14.12
N SER A 102 -18.95 -4.58 14.19
CA SER A 102 -19.81 -4.97 15.29
C SER A 102 -20.20 -6.45 15.19
N ASP A 103 -19.99 -7.19 16.27
CA ASP A 103 -20.32 -8.61 16.30
C ASP A 103 -21.42 -8.90 17.32
N ASP A 104 -22.66 -8.98 16.82
CA ASP A 104 -23.80 -9.24 17.69
C ASP A 104 -23.79 -8.32 18.90
N ALA A 105 -23.52 -7.04 18.66
CA ALA A 105 -23.49 -6.05 19.73
C ALA A 105 -24.73 -5.17 19.70
N GLY A 1 18.85 1.40 -8.81
CA GLY A 1 17.86 2.21 -9.49
C GLY A 1 17.99 3.69 -9.16
N SER A 2 18.52 4.46 -10.09
CA SER A 2 18.70 5.90 -9.90
C SER A 2 18.37 6.67 -11.16
N SER A 3 17.74 7.83 -11.00
CA SER A 3 17.37 8.67 -12.14
C SER A 3 17.69 10.13 -11.86
N GLY A 4 18.66 10.68 -12.59
CA GLY A 4 19.04 12.06 -12.41
C GLY A 4 18.49 12.96 -13.50
N SER A 5 19.37 13.43 -14.38
CA SER A 5 18.97 14.31 -15.46
C SER A 5 17.75 13.74 -16.21
N SER A 6 17.91 12.54 -16.75
CA SER A 6 16.83 11.89 -17.48
C SER A 6 15.80 11.30 -16.52
N GLY A 7 14.70 10.80 -17.08
CA GLY A 7 13.65 10.22 -16.26
C GLY A 7 12.53 9.62 -17.10
N GLU A 8 12.68 8.35 -17.45
CA GLU A 8 11.68 7.66 -18.25
C GLU A 8 10.96 6.60 -17.43
N GLY A 9 9.78 6.95 -16.93
CA GLY A 9 9.01 6.01 -16.12
C GLY A 9 9.47 5.98 -14.68
N GLY A 10 8.51 6.00 -13.75
CA GLY A 10 8.83 5.97 -12.34
C GLY A 10 7.62 5.77 -11.47
N ALA A 11 7.32 6.76 -10.64
CA ALA A 11 6.17 6.68 -9.74
C ALA A 11 4.86 6.82 -10.52
N HIS A 12 4.71 7.93 -11.23
CA HIS A 12 3.51 8.19 -12.00
C HIS A 12 3.09 6.94 -12.78
N LYS A 13 4.05 6.07 -13.04
CA LYS A 13 3.79 4.82 -13.77
C LYS A 13 3.67 3.65 -12.81
N VAL A 14 3.04 3.88 -11.66
CA VAL A 14 2.85 2.84 -10.66
C VAL A 14 1.50 2.99 -9.97
N ARG A 15 0.86 1.85 -9.69
CA ARG A 15 -0.43 1.85 -9.02
C ARG A 15 -0.49 0.79 -7.92
N ALA A 16 -1.46 0.91 -7.04
CA ALA A 16 -1.62 -0.04 -5.94
C ALA A 16 -2.82 -0.94 -6.17
N GLY A 17 -2.94 -1.99 -5.36
CA GLY A 17 -4.05 -2.91 -5.49
C GLY A 17 -5.40 -2.21 -5.51
N GLY A 18 -6.47 -2.99 -5.60
CA GLY A 18 -7.80 -2.41 -5.65
C GLY A 18 -8.46 -2.40 -4.28
N PRO A 19 -8.91 -3.58 -3.83
CA PRO A 19 -9.57 -3.72 -2.53
C PRO A 19 -8.62 -3.53 -1.36
N GLY A 20 -9.16 -3.52 -0.15
CA GLY A 20 -8.34 -3.34 1.04
C GLY A 20 -8.03 -1.88 1.31
N LEU A 21 -7.73 -1.13 0.26
CA LEU A 21 -7.41 0.29 0.39
C LEU A 21 -8.69 1.12 0.51
N GLU A 22 -9.71 0.75 -0.25
CA GLU A 22 -10.98 1.46 -0.23
C GLU A 22 -11.49 1.61 1.20
N ARG A 23 -11.64 0.49 1.89
CA ARG A 23 -12.13 0.49 3.26
C ARG A 23 -11.41 -0.56 4.09
N GLY A 24 -11.26 -0.29 5.39
CA GLY A 24 -10.58 -1.22 6.27
C GLY A 24 -11.42 -1.56 7.48
N GLU A 25 -10.93 -2.50 8.29
CA GLU A 25 -11.63 -2.92 9.50
C GLU A 25 -10.67 -3.05 10.67
N ALA A 26 -11.15 -2.72 11.86
CA ALA A 26 -10.34 -2.80 13.07
C ALA A 26 -10.14 -4.26 13.49
N GLY A 27 -8.88 -4.69 13.56
CA GLY A 27 -8.58 -6.05 13.95
C GLY A 27 -8.60 -7.01 12.77
N VAL A 28 -8.63 -6.46 11.56
CA VAL A 28 -8.66 -7.27 10.35
C VAL A 28 -7.43 -7.01 9.48
N PRO A 29 -6.70 -8.08 9.14
CA PRO A 29 -5.50 -7.98 8.32
C PRO A 29 -5.82 -7.61 6.87
N ALA A 30 -5.64 -6.33 6.54
CA ALA A 30 -5.91 -5.85 5.19
C ALA A 30 -4.72 -6.08 4.28
N GLU A 31 -4.81 -7.12 3.45
CA GLU A 31 -3.73 -7.46 2.52
C GLU A 31 -3.99 -6.86 1.14
N PHE A 32 -2.96 -6.26 0.56
CA PHE A 32 -3.08 -5.65 -0.76
C PHE A 32 -1.74 -5.69 -1.50
N SER A 33 -1.77 -6.23 -2.71
CA SER A 33 -0.55 -6.33 -3.52
C SER A 33 -0.43 -5.14 -4.47
N ILE A 34 0.79 -4.80 -4.83
CA ILE A 34 1.04 -3.68 -5.74
C ILE A 34 1.67 -4.16 -7.05
N TRP A 35 0.90 -4.06 -8.13
CA TRP A 35 1.37 -4.48 -9.44
C TRP A 35 2.09 -3.34 -10.15
N THR A 36 3.23 -3.65 -10.77
CA THR A 36 4.01 -2.65 -11.49
C THR A 36 4.32 -3.11 -12.90
N ARG A 37 3.49 -2.70 -13.85
CA ARG A 37 3.68 -3.06 -15.25
C ARG A 37 4.54 -2.04 -15.97
N GLU A 38 3.99 -0.86 -16.21
CA GLU A 38 4.72 0.21 -16.89
C GLU A 38 6.08 0.43 -16.24
N ALA A 39 6.07 0.98 -15.04
CA ALA A 39 7.31 1.25 -14.31
C ALA A 39 8.26 0.07 -14.37
N GLY A 40 9.52 0.33 -14.69
CA GLY A 40 10.50 -0.73 -14.78
C GLY A 40 10.58 -1.56 -13.50
N ALA A 41 11.41 -1.10 -12.57
CA ALA A 41 11.58 -1.79 -11.30
C ALA A 41 12.43 -0.98 -10.33
N GLY A 42 12.12 -1.07 -9.04
CA GLY A 42 12.87 -0.34 -8.04
C GLY A 42 12.46 -0.70 -6.62
N GLY A 43 12.72 0.21 -5.68
CA GLY A 43 12.36 -0.04 -4.31
C GLY A 43 10.97 0.45 -3.96
N LEU A 44 10.35 -0.19 -2.98
CA LEU A 44 9.01 0.20 -2.55
C LEU A 44 8.96 0.44 -1.04
N SER A 45 8.42 1.59 -0.65
CA SER A 45 8.31 1.94 0.76
C SER A 45 6.86 2.05 1.18
N ILE A 46 6.57 1.60 2.40
CA ILE A 46 5.21 1.64 2.93
C ILE A 46 5.22 1.95 4.43
N ALA A 47 4.42 2.94 4.81
CA ALA A 47 4.32 3.34 6.22
C ALA A 47 2.89 3.70 6.59
N VAL A 48 2.29 2.89 7.46
CA VAL A 48 0.93 3.13 7.91
C VAL A 48 0.89 4.07 9.09
N GLU A 49 0.21 5.21 8.93
CA GLU A 49 0.09 6.20 9.99
C GLU A 49 -1.36 6.58 10.23
N GLY A 50 -1.83 6.38 11.45
CA GLY A 50 -3.20 6.71 11.79
C GLY A 50 -3.35 7.20 13.21
N PRO A 51 -4.57 7.10 13.77
CA PRO A 51 -4.87 7.54 15.13
C PRO A 51 -4.21 6.65 16.18
N SER A 52 -3.94 5.41 15.81
CA SER A 52 -3.33 4.45 16.72
C SER A 52 -2.26 3.63 16.00
N LYS A 53 -1.56 2.78 16.76
CA LYS A 53 -0.52 1.93 16.20
C LYS A 53 -1.11 0.85 15.32
N ALA A 54 -0.51 0.65 14.15
CA ALA A 54 -0.98 -0.37 13.21
C ALA A 54 0.15 -1.31 12.80
N GLU A 55 -0.15 -2.60 12.76
CA GLU A 55 0.85 -3.60 12.38
C GLU A 55 1.11 -3.58 10.88
N ILE A 56 2.32 -3.95 10.49
CA ILE A 56 2.70 -3.98 9.09
C ILE A 56 3.57 -5.18 8.77
N THR A 57 3.25 -5.87 7.68
CA THR A 57 4.00 -7.05 7.26
C THR A 57 4.42 -6.95 5.81
N PHE A 58 5.71 -6.69 5.57
CA PHE A 58 6.24 -6.57 4.23
C PHE A 58 6.83 -7.90 3.75
N ASP A 59 6.37 -8.36 2.59
CA ASP A 59 6.86 -9.61 2.02
C ASP A 59 7.74 -9.35 0.80
N ASP A 60 8.75 -10.20 0.62
CA ASP A 60 9.67 -10.06 -0.51
C ASP A 60 9.20 -10.90 -1.69
N HIS A 61 9.48 -10.42 -2.90
CA HIS A 61 9.09 -11.14 -4.11
C HIS A 61 10.25 -11.98 -4.65
N LYS A 62 10.13 -13.29 -4.53
CA LYS A 62 11.17 -14.20 -5.00
C LYS A 62 10.58 -15.34 -5.82
N ASN A 63 9.72 -16.12 -5.19
CA ASN A 63 9.07 -17.24 -5.86
C ASN A 63 7.58 -17.01 -6.00
N GLY A 64 7.06 -16.03 -5.26
CA GLY A 64 5.64 -15.71 -5.32
C GLY A 64 4.99 -15.78 -3.96
N SER A 65 5.17 -14.75 -3.15
CA SER A 65 4.58 -14.70 -1.82
C SER A 65 3.22 -14.02 -1.85
N CYS A 66 2.63 -13.84 -0.68
CA CYS A 66 1.33 -13.21 -0.57
C CYS A 66 1.40 -11.72 -0.91
N GLY A 67 2.08 -10.95 -0.06
CA GLY A 67 2.21 -9.52 -0.31
C GLY A 67 2.31 -8.73 0.98
N VAL A 68 1.87 -7.48 0.94
CA VAL A 68 1.90 -6.61 2.11
C VAL A 68 0.60 -6.68 2.89
N SER A 69 0.70 -6.61 4.21
CA SER A 69 -0.49 -6.66 5.07
C SER A 69 -0.35 -5.68 6.24
N TYR A 70 -1.48 -5.29 6.80
CA TYR A 70 -1.49 -4.36 7.93
C TYR A 70 -2.75 -4.53 8.77
N ILE A 71 -2.58 -4.49 10.09
CA ILE A 71 -3.72 -4.64 11.00
C ILE A 71 -3.85 -3.42 11.92
N ALA A 72 -5.07 -2.94 12.07
CA ALA A 72 -5.34 -1.78 12.92
C ALA A 72 -6.16 -2.18 14.14
N GLN A 73 -5.52 -2.15 15.31
CA GLN A 73 -6.20 -2.50 16.55
C GLN A 73 -7.45 -1.66 16.76
N GLU A 74 -7.29 -0.33 16.68
CA GLU A 74 -8.41 0.58 16.86
C GLU A 74 -8.89 1.12 15.51
N PRO A 75 -10.21 1.32 15.39
CA PRO A 75 -10.81 1.84 14.15
C PRO A 75 -10.47 3.30 13.90
N GLY A 76 -10.46 3.70 12.64
CA GLY A 76 -10.14 5.07 12.29
C GLY A 76 -9.54 5.19 10.91
N ASN A 77 -9.20 6.41 10.51
CA ASN A 77 -8.62 6.66 9.19
C ASN A 77 -7.11 6.54 9.25
N TYR A 78 -6.57 5.48 8.64
CA TYR A 78 -5.14 5.24 8.61
C TYR A 78 -4.55 5.61 7.25
N GLU A 79 -3.70 6.64 7.25
CA GLU A 79 -3.07 7.09 6.01
C GLU A 79 -1.81 6.28 5.72
N VAL A 80 -1.83 5.55 4.61
CA VAL A 80 -0.69 4.72 4.22
C VAL A 80 0.20 5.47 3.24
N SER A 81 1.47 5.65 3.63
CA SER A 81 2.43 6.35 2.80
C SER A 81 3.16 5.37 1.88
N ILE A 82 2.97 5.54 0.57
CA ILE A 82 3.62 4.68 -0.40
C ILE A 82 4.55 5.47 -1.32
N LYS A 83 5.83 5.14 -1.28
CA LYS A 83 6.83 5.82 -2.10
C LYS A 83 7.55 4.83 -3.00
N PHE A 84 7.57 5.13 -4.30
CA PHE A 84 8.23 4.27 -5.27
C PHE A 84 9.53 4.89 -5.76
N ASN A 85 10.65 4.28 -5.35
CA ASN A 85 11.97 4.77 -5.74
C ASN A 85 12.21 6.18 -5.19
N ASP A 86 11.79 6.40 -3.95
CA ASP A 86 11.96 7.69 -3.31
C ASP A 86 11.11 8.76 -3.99
N GLU A 87 9.90 8.37 -4.41
CA GLU A 87 9.00 9.29 -5.08
C GLU A 87 7.55 9.04 -4.66
N HIS A 88 6.80 10.12 -4.45
CA HIS A 88 5.40 10.01 -4.04
C HIS A 88 4.49 9.89 -5.26
N ILE A 89 3.89 8.71 -5.44
CA ILE A 89 3.00 8.47 -6.56
C ILE A 89 1.75 9.33 -6.45
N PRO A 90 1.07 9.53 -7.60
CA PRO A 90 -0.15 10.33 -7.67
C PRO A 90 -1.34 9.65 -6.99
N GLU A 91 -1.07 8.49 -6.38
CA GLU A 91 -2.11 7.74 -5.69
C GLU A 91 -1.79 7.62 -4.20
N SER A 92 -0.68 8.21 -3.79
CA SER A 92 -0.27 8.18 -2.39
C SER A 92 -0.03 9.58 -1.86
N PRO A 93 -0.16 9.74 -0.54
CA PRO A 93 -0.52 8.65 0.36
C PRO A 93 -1.97 8.19 0.16
N TYR A 94 -2.31 7.05 0.74
CA TYR A 94 -3.66 6.50 0.63
C TYR A 94 -4.43 6.68 1.92
N LEU A 95 -5.75 6.81 1.82
CA LEU A 95 -6.60 6.99 2.98
C LEU A 95 -7.58 5.82 3.13
N VAL A 96 -7.34 4.98 4.13
CA VAL A 96 -8.20 3.83 4.38
C VAL A 96 -9.00 4.00 5.66
N PRO A 97 -10.28 4.36 5.52
CA PRO A 97 -11.18 4.57 6.66
C PRO A 97 -11.51 3.26 7.38
N VAL A 98 -10.69 2.90 8.36
CA VAL A 98 -10.91 1.68 9.13
C VAL A 98 -12.00 1.86 10.17
N ILE A 99 -12.82 0.84 10.35
CA ILE A 99 -13.92 0.89 11.32
C ILE A 99 -14.06 -0.45 12.04
N ALA A 100 -14.72 -0.41 13.19
CA ALA A 100 -14.95 -1.62 13.99
C ALA A 100 -16.09 -2.43 13.43
N PRO A 101 -15.79 -3.66 12.95
CA PRO A 101 -16.78 -4.56 12.39
C PRO A 101 -17.75 -5.11 13.44
N SER A 102 -19.03 -4.85 13.25
CA SER A 102 -20.05 -5.32 14.19
C SER A 102 -20.39 -6.78 13.94
N ASP A 103 -19.48 -7.67 14.29
CA ASP A 103 -19.69 -9.10 14.10
C ASP A 103 -20.41 -9.70 15.30
N ASP A 104 -20.90 -10.93 15.14
CA ASP A 104 -21.62 -11.61 16.20
C ASP A 104 -20.76 -12.72 16.80
N ALA A 105 -20.11 -12.43 17.92
CA ALA A 105 -19.26 -13.39 18.59
C ALA A 105 -19.41 -13.31 20.11
N GLY A 1 25.03 -6.45 -17.66
CA GLY A 1 24.18 -7.63 -17.77
C GLY A 1 23.07 -7.44 -18.78
N SER A 2 21.84 -7.28 -18.30
CA SER A 2 20.69 -7.10 -19.17
C SER A 2 19.99 -5.77 -18.88
N SER A 3 19.81 -5.47 -17.60
CA SER A 3 19.16 -4.23 -17.20
C SER A 3 19.75 -3.71 -15.88
N GLY A 4 19.70 -2.38 -15.72
CA GLY A 4 20.24 -1.78 -14.51
C GLY A 4 19.79 -0.34 -14.34
N SER A 5 20.38 0.56 -15.11
CA SER A 5 20.05 1.98 -15.04
C SER A 5 19.19 2.39 -16.23
N SER A 6 18.24 1.54 -16.59
CA SER A 6 17.36 1.81 -17.71
C SER A 6 16.36 2.91 -17.37
N GLY A 7 15.87 3.60 -18.39
CA GLY A 7 14.92 4.67 -18.17
C GLY A 7 13.48 4.21 -18.30
N GLU A 8 12.94 3.67 -17.22
CA GLU A 8 11.56 3.17 -17.22
C GLU A 8 10.66 4.11 -16.41
N GLY A 9 10.13 5.12 -17.07
CA GLY A 9 9.25 6.07 -16.41
C GLY A 9 9.71 6.40 -15.00
N GLY A 10 8.90 6.06 -14.02
CA GLY A 10 9.24 6.33 -12.63
C GLY A 10 8.16 5.89 -11.66
N ALA A 11 7.67 6.83 -10.87
CA ALA A 11 6.62 6.52 -9.89
C ALA A 11 5.23 6.67 -10.50
N HIS A 12 4.99 7.84 -11.10
CA HIS A 12 3.70 8.11 -11.72
C HIS A 12 3.12 6.85 -12.35
N LYS A 13 3.99 6.04 -12.95
CA LYS A 13 3.56 4.80 -13.59
C LYS A 13 3.00 3.83 -12.56
N VAL A 14 3.81 3.49 -11.56
CA VAL A 14 3.39 2.57 -10.52
C VAL A 14 1.96 2.86 -10.05
N ARG A 15 1.09 1.86 -10.20
CA ARG A 15 -0.30 2.01 -9.81
C ARG A 15 -0.67 1.00 -8.73
N ALA A 16 -1.58 1.40 -7.84
CA ALA A 16 -2.02 0.53 -6.76
C ALA A 16 -3.54 0.45 -6.70
N GLY A 17 -4.05 -0.57 -6.03
CA GLY A 17 -5.49 -0.74 -5.91
C GLY A 17 -5.87 -2.13 -5.44
N GLY A 18 -6.43 -2.22 -4.24
CA GLY A 18 -6.83 -3.51 -3.70
C GLY A 18 -8.16 -3.44 -2.97
N PRO A 19 -8.73 -4.61 -2.66
CA PRO A 19 -10.02 -4.71 -1.96
C PRO A 19 -9.93 -4.24 -0.51
N GLY A 20 -8.74 -3.79 -0.12
CA GLY A 20 -8.54 -3.32 1.25
C GLY A 20 -8.37 -1.81 1.32
N LEU A 21 -7.67 -1.25 0.35
CA LEU A 21 -7.43 0.18 0.31
C LEU A 21 -8.75 0.96 0.32
N GLU A 22 -9.78 0.37 -0.28
CA GLU A 22 -11.08 1.00 -0.34
C GLU A 22 -11.66 1.19 1.07
N ARG A 23 -11.39 0.22 1.94
CA ARG A 23 -11.88 0.28 3.32
C ARG A 23 -11.22 -0.80 4.17
N GLY A 24 -11.06 -0.51 5.45
CA GLY A 24 -10.45 -1.47 6.36
C GLY A 24 -11.29 -1.72 7.60
N GLU A 25 -10.84 -2.65 8.44
CA GLU A 25 -11.57 -2.98 9.66
C GLU A 25 -10.63 -2.98 10.86
N ALA A 26 -11.20 -2.85 12.06
CA ALA A 26 -10.42 -2.83 13.28
C ALA A 26 -10.06 -4.24 13.73
N GLY A 27 -8.76 -4.51 13.85
CA GLY A 27 -8.32 -5.83 14.27
C GLY A 27 -8.49 -6.87 13.19
N VAL A 28 -8.40 -6.44 11.94
CA VAL A 28 -8.55 -7.35 10.80
C VAL A 28 -7.39 -7.19 9.82
N PRO A 29 -6.75 -8.32 9.48
CA PRO A 29 -5.63 -8.34 8.54
C PRO A 29 -6.06 -8.03 7.11
N ALA A 30 -5.81 -6.81 6.66
CA ALA A 30 -6.17 -6.39 5.31
C ALA A 30 -4.93 -6.15 4.47
N GLU A 31 -4.66 -7.05 3.53
CA GLU A 31 -3.50 -6.93 2.66
C GLU A 31 -3.93 -6.66 1.21
N PHE A 32 -3.10 -5.93 0.49
CA PHE A 32 -3.39 -5.60 -0.90
C PHE A 32 -2.19 -5.90 -1.80
N SER A 33 -2.47 -6.28 -3.05
CA SER A 33 -1.41 -6.60 -4.00
C SER A 33 -1.14 -5.42 -4.93
N ILE A 34 0.13 -5.08 -5.09
CA ILE A 34 0.53 -3.98 -5.95
C ILE A 34 1.19 -4.47 -7.23
N TRP A 35 0.69 -4.02 -8.36
CA TRP A 35 1.23 -4.43 -9.66
C TRP A 35 2.26 -3.42 -10.14
N THR A 36 3.52 -3.85 -10.19
CA THR A 36 4.61 -2.99 -10.64
C THR A 36 5.08 -3.39 -12.03
N ARG A 37 4.14 -3.59 -12.94
CA ARG A 37 4.46 -3.98 -14.31
C ARG A 37 4.95 -2.77 -15.10
N GLU A 38 4.18 -1.69 -15.07
CA GLU A 38 4.54 -0.47 -15.79
C GLU A 38 5.95 -0.02 -15.44
N ALA A 39 6.21 0.12 -14.14
CA ALA A 39 7.52 0.54 -13.67
C ALA A 39 8.55 -0.57 -13.85
N GLY A 40 9.74 -0.20 -14.31
CA GLY A 40 10.79 -1.18 -14.51
C GLY A 40 11.10 -1.98 -13.25
N ALA A 41 12.20 -1.64 -12.60
CA ALA A 41 12.61 -2.34 -11.39
C ALA A 41 13.17 -1.36 -10.36
N GLY A 42 12.63 -1.39 -9.15
CA GLY A 42 13.10 -0.51 -8.10
C GLY A 42 12.59 -0.92 -6.73
N GLY A 43 12.83 -0.07 -5.74
CA GLY A 43 12.39 -0.36 -4.38
C GLY A 43 11.01 0.20 -4.08
N LEU A 44 10.50 -0.08 -2.89
CA LEU A 44 9.19 0.40 -2.48
C LEU A 44 9.14 0.63 -0.98
N SER A 45 8.47 1.71 -0.58
CA SER A 45 8.35 2.06 0.84
C SER A 45 6.90 2.32 1.21
N ILE A 46 6.48 1.81 2.37
CA ILE A 46 5.12 1.99 2.83
C ILE A 46 5.10 2.33 4.32
N ALA A 47 4.25 3.29 4.69
CA ALA A 47 4.12 3.70 6.09
C ALA A 47 2.66 3.94 6.46
N VAL A 48 2.18 3.16 7.42
CA VAL A 48 0.79 3.29 7.87
C VAL A 48 0.70 4.12 9.15
N GLU A 49 0.22 5.35 9.01
CA GLU A 49 0.08 6.25 10.15
C GLU A 49 -1.39 6.58 10.41
N GLY A 50 -1.72 6.85 11.67
CA GLY A 50 -3.08 7.18 12.02
C GLY A 50 -3.24 7.51 13.49
N PRO A 51 -4.47 7.38 14.02
CA PRO A 51 -4.77 7.67 15.42
C PRO A 51 -4.15 6.65 16.36
N SER A 52 -3.77 5.51 15.82
CA SER A 52 -3.17 4.45 16.62
C SER A 52 -2.14 3.67 15.80
N LYS A 53 -1.32 2.88 16.49
CA LYS A 53 -0.29 2.08 15.83
C LYS A 53 -0.92 0.92 15.06
N ALA A 54 -0.28 0.56 13.94
CA ALA A 54 -0.78 -0.53 13.11
C ALA A 54 0.36 -1.48 12.72
N GLU A 55 0.06 -2.77 12.73
CA GLU A 55 1.06 -3.78 12.37
C GLU A 55 1.27 -3.83 10.87
N ILE A 56 2.45 -4.26 10.45
CA ILE A 56 2.78 -4.36 9.03
C ILE A 56 3.66 -5.57 8.75
N THR A 57 3.28 -6.34 7.72
CA THR A 57 4.03 -7.53 7.35
C THR A 57 4.46 -7.48 5.88
N PHE A 58 5.76 -7.46 5.64
CA PHE A 58 6.30 -7.41 4.28
C PHE A 58 6.77 -8.79 3.84
N ASP A 59 6.24 -9.25 2.71
CA ASP A 59 6.61 -10.56 2.17
C ASP A 59 7.63 -10.42 1.05
N ASP A 60 8.91 -10.60 1.37
CA ASP A 60 9.97 -10.49 0.38
C ASP A 60 10.05 -11.75 -0.48
N HIS A 61 9.58 -11.65 -1.71
CA HIS A 61 9.60 -12.78 -2.63
C HIS A 61 9.73 -12.31 -4.08
N LYS A 62 10.57 -12.98 -4.84
CA LYS A 62 10.79 -12.63 -6.24
C LYS A 62 10.03 -13.57 -7.16
N ASN A 63 10.31 -14.86 -7.07
CA ASN A 63 9.65 -15.86 -7.90
C ASN A 63 8.19 -16.03 -7.47
N GLY A 64 7.92 -15.83 -6.19
CA GLY A 64 6.57 -15.97 -5.68
C GLY A 64 5.72 -14.75 -5.98
N SER A 65 5.44 -13.96 -4.95
CA SER A 65 4.62 -12.76 -5.11
C SER A 65 4.86 -11.79 -3.96
N CYS A 66 4.77 -10.50 -4.26
CA CYS A 66 4.98 -9.46 -3.25
C CYS A 66 3.65 -9.02 -2.65
N GLY A 67 3.53 -9.14 -1.33
CA GLY A 67 2.31 -8.75 -0.66
C GLY A 67 2.57 -7.98 0.62
N VAL A 68 1.62 -7.14 1.01
CA VAL A 68 1.75 -6.34 2.22
C VAL A 68 0.46 -6.35 3.03
N SER A 69 0.56 -6.81 4.28
CA SER A 69 -0.60 -6.88 5.16
C SER A 69 -0.45 -5.90 6.32
N TYR A 70 -1.59 -5.38 6.78
CA TYR A 70 -1.59 -4.42 7.89
C TYR A 70 -2.82 -4.60 8.76
N ILE A 71 -2.63 -4.53 10.08
CA ILE A 71 -3.74 -4.69 11.01
C ILE A 71 -3.86 -3.48 11.93
N ALA A 72 -5.06 -2.90 11.98
CA ALA A 72 -5.30 -1.72 12.81
C ALA A 72 -6.11 -2.10 14.05
N GLN A 73 -5.43 -2.28 15.17
CA GLN A 73 -6.09 -2.64 16.42
C GLN A 73 -7.32 -1.78 16.65
N GLU A 74 -7.15 -0.47 16.53
CA GLU A 74 -8.26 0.47 16.72
C GLU A 74 -8.75 1.02 15.38
N PRO A 75 -10.07 1.25 15.28
CA PRO A 75 -10.69 1.78 14.06
C PRO A 75 -10.32 3.24 13.81
N GLY A 76 -10.32 3.64 12.54
CA GLY A 76 -9.99 5.01 12.20
C GLY A 76 -9.44 5.14 10.79
N ASN A 77 -9.17 6.37 10.38
CA ASN A 77 -8.65 6.63 9.04
C ASN A 77 -7.12 6.55 9.03
N TYR A 78 -6.60 5.39 8.64
CA TYR A 78 -5.16 5.18 8.58
C TYR A 78 -4.60 5.60 7.23
N GLU A 79 -3.75 6.62 7.24
CA GLU A 79 -3.14 7.12 6.02
C GLU A 79 -1.86 6.36 5.69
N VAL A 80 -1.88 5.63 4.59
CA VAL A 80 -0.72 4.86 4.16
C VAL A 80 0.10 5.61 3.12
N SER A 81 1.26 6.10 3.52
CA SER A 81 2.13 6.84 2.63
C SER A 81 3.05 5.89 1.86
N ILE A 82 2.87 5.85 0.54
CA ILE A 82 3.68 4.98 -0.32
C ILE A 82 4.65 5.81 -1.16
N LYS A 83 5.90 5.36 -1.22
CA LYS A 83 6.92 6.05 -2.01
C LYS A 83 7.68 5.07 -2.89
N PHE A 84 7.73 5.36 -4.18
CA PHE A 84 8.43 4.51 -5.13
C PHE A 84 9.75 5.14 -5.56
N ASN A 85 10.85 4.57 -5.08
CA ASN A 85 12.18 5.08 -5.41
C ASN A 85 12.36 6.50 -4.88
N ASP A 86 11.85 6.75 -3.69
CA ASP A 86 11.97 8.07 -3.07
C ASP A 86 11.10 9.09 -3.81
N GLU A 87 9.96 8.64 -4.32
CA GLU A 87 9.06 9.51 -5.05
C GLU A 87 7.60 9.23 -4.66
N HIS A 88 6.84 10.30 -4.45
CA HIS A 88 5.43 10.17 -4.08
C HIS A 88 4.56 10.05 -5.31
N ILE A 89 3.94 8.88 -5.49
CA ILE A 89 3.06 8.65 -6.63
C ILE A 89 1.79 9.49 -6.54
N PRO A 90 1.13 9.68 -7.69
CA PRO A 90 -0.12 10.45 -7.76
C PRO A 90 -1.29 9.74 -7.08
N GLU A 91 -1.01 8.57 -6.51
CA GLU A 91 -2.04 7.79 -5.83
C GLU A 91 -1.78 7.73 -4.33
N SER A 92 -0.60 8.19 -3.92
CA SER A 92 -0.22 8.19 -2.51
C SER A 92 -0.03 9.61 -2.00
N PRO A 93 -0.21 9.79 -0.68
CA PRO A 93 -0.57 8.70 0.23
C PRO A 93 -2.00 8.20 0.01
N TYR A 94 -2.36 7.14 0.72
CA TYR A 94 -3.70 6.57 0.59
C TYR A 94 -4.49 6.73 1.89
N LEU A 95 -5.81 6.84 1.77
CA LEU A 95 -6.67 7.00 2.93
C LEU A 95 -7.63 5.82 3.06
N VAL A 96 -7.47 5.04 4.12
CA VAL A 96 -8.32 3.89 4.37
C VAL A 96 -9.10 4.05 5.66
N PRO A 97 -10.39 4.39 5.54
CA PRO A 97 -11.28 4.58 6.69
C PRO A 97 -11.60 3.27 7.39
N VAL A 98 -10.77 2.91 8.37
CA VAL A 98 -10.97 1.68 9.12
C VAL A 98 -12.09 1.84 10.15
N ILE A 99 -12.99 0.86 10.19
CA ILE A 99 -14.10 0.89 11.14
C ILE A 99 -14.19 -0.41 11.93
N ALA A 100 -14.84 -0.35 13.08
CA ALA A 100 -15.00 -1.52 13.93
C ALA A 100 -16.18 -2.39 13.46
N PRO A 101 -15.87 -3.62 13.02
CA PRO A 101 -16.88 -4.56 12.53
C PRO A 101 -17.77 -5.07 13.65
N SER A 102 -19.09 -5.01 13.44
CA SER A 102 -20.05 -5.46 14.44
C SER A 102 -20.21 -6.98 14.38
N ASP A 103 -19.87 -7.65 15.48
CA ASP A 103 -19.98 -9.10 15.55
C ASP A 103 -21.43 -9.54 15.43
N ASP A 104 -22.30 -8.92 16.22
CA ASP A 104 -23.72 -9.26 16.20
C ASP A 104 -24.40 -8.65 14.98
N ALA A 105 -24.33 -7.32 14.85
CA ALA A 105 -24.93 -6.63 13.72
C ALA A 105 -23.98 -6.58 12.53
N GLY A 1 16.29 -0.06 -33.20
CA GLY A 1 15.46 0.60 -32.21
C GLY A 1 15.85 0.23 -30.79
N SER A 2 17.05 0.63 -30.39
CA SER A 2 17.55 0.33 -29.05
C SER A 2 16.69 1.03 -27.99
N SER A 3 15.95 0.23 -27.24
CA SER A 3 15.08 0.76 -26.18
C SER A 3 15.82 1.81 -25.35
N GLY A 4 17.05 1.47 -24.95
CA GLY A 4 17.84 2.39 -24.15
C GLY A 4 18.62 1.68 -23.06
N SER A 5 19.75 2.26 -22.66
CA SER A 5 20.60 1.67 -21.64
C SER A 5 19.82 1.45 -20.35
N SER A 6 19.18 2.50 -19.86
CA SER A 6 18.39 2.42 -18.63
C SER A 6 17.32 3.51 -18.60
N GLY A 7 16.19 3.18 -17.99
CA GLY A 7 15.09 4.14 -17.90
C GLY A 7 13.83 3.64 -18.58
N GLU A 8 12.82 3.33 -17.79
CA GLU A 8 11.56 2.84 -18.32
C GLU A 8 10.38 3.65 -17.78
N GLY A 9 10.54 4.18 -16.57
CA GLY A 9 9.50 4.98 -15.96
C GLY A 9 9.83 5.40 -14.54
N GLY A 10 8.85 5.94 -13.84
CA GLY A 10 9.07 6.39 -12.48
C GLY A 10 7.88 6.13 -11.58
N ALA A 11 7.59 7.06 -10.68
CA ALA A 11 6.47 6.92 -9.77
C ALA A 11 5.14 7.09 -10.50
N HIS A 12 4.91 8.28 -11.04
CA HIS A 12 3.68 8.58 -11.76
C HIS A 12 3.19 7.34 -12.52
N LYS A 13 4.12 6.61 -13.12
CA LYS A 13 3.79 5.42 -13.87
C LYS A 13 3.15 4.37 -12.97
N VAL A 14 3.81 4.07 -11.85
CA VAL A 14 3.30 3.08 -10.90
C VAL A 14 1.82 3.33 -10.60
N ARG A 15 1.06 2.24 -10.48
CA ARG A 15 -0.36 2.34 -10.20
C ARG A 15 -0.80 1.20 -9.28
N ALA A 16 -1.44 1.57 -8.16
CA ALA A 16 -1.92 0.58 -7.19
C ALA A 16 -3.41 0.34 -7.35
N GLY A 17 -3.82 -0.91 -7.22
CA GLY A 17 -5.23 -1.25 -7.34
C GLY A 17 -5.57 -2.55 -6.66
N GLY A 18 -6.76 -2.62 -6.06
CA GLY A 18 -7.19 -3.82 -5.38
C GLY A 18 -7.89 -3.52 -4.07
N PRO A 19 -8.29 -4.60 -3.35
CA PRO A 19 -8.99 -4.47 -2.07
C PRO A 19 -8.07 -3.95 -0.96
N GLY A 20 -8.64 -3.80 0.23
CA GLY A 20 -7.85 -3.31 1.35
C GLY A 20 -7.70 -1.80 1.35
N LEU A 21 -7.49 -1.24 0.17
CA LEU A 21 -7.34 0.20 0.03
C LEU A 21 -8.68 0.91 0.05
N GLU A 22 -9.74 0.17 -0.30
CA GLU A 22 -11.09 0.72 -0.33
C GLU A 22 -11.60 0.98 1.08
N ARG A 23 -11.58 -0.06 1.91
CA ARG A 23 -12.03 0.05 3.29
C ARG A 23 -11.40 -1.04 4.16
N GLY A 24 -11.14 -0.70 5.42
CA GLY A 24 -10.54 -1.66 6.33
C GLY A 24 -11.36 -1.86 7.58
N GLU A 25 -10.98 -2.84 8.40
CA GLU A 25 -11.70 -3.14 9.63
C GLU A 25 -10.73 -3.31 10.79
N ALA A 26 -10.94 -2.53 11.85
CA ALA A 26 -10.09 -2.59 13.03
C ALA A 26 -9.97 -4.02 13.55
N GLY A 27 -8.74 -4.52 13.64
CA GLY A 27 -8.51 -5.86 14.11
C GLY A 27 -8.25 -6.85 12.99
N VAL A 28 -8.83 -6.57 11.83
CA VAL A 28 -8.67 -7.44 10.67
C VAL A 28 -7.58 -6.90 9.74
N PRO A 29 -6.70 -7.81 9.28
CA PRO A 29 -5.60 -7.45 8.38
C PRO A 29 -6.09 -7.08 6.98
N ALA A 30 -5.44 -6.09 6.38
CA ALA A 30 -5.81 -5.64 5.04
C ALA A 30 -4.60 -5.65 4.11
N GLU A 31 -4.52 -6.68 3.27
CA GLU A 31 -3.41 -6.80 2.33
C GLU A 31 -3.85 -6.43 0.91
N PHE A 32 -2.94 -5.86 0.13
CA PHE A 32 -3.24 -5.46 -1.23
C PHE A 32 -2.09 -5.81 -2.17
N SER A 33 -2.38 -5.90 -3.46
CA SER A 33 -1.36 -6.23 -4.46
C SER A 33 -0.85 -4.97 -5.15
N ILE A 34 0.44 -4.95 -5.41
CA ILE A 34 1.07 -3.81 -6.08
C ILE A 34 1.74 -4.23 -7.37
N TRP A 35 1.18 -3.79 -8.50
CA TRP A 35 1.74 -4.11 -9.81
C TRP A 35 2.66 -3.00 -10.30
N THR A 36 3.63 -3.37 -11.13
CA THR A 36 4.59 -2.41 -11.67
C THR A 36 4.73 -2.57 -13.18
N ARG A 37 4.27 -1.56 -13.92
CA ARG A 37 4.35 -1.59 -15.38
C ARG A 37 5.18 -0.42 -15.90
N GLU A 38 6.31 -0.74 -16.51
CA GLU A 38 7.19 0.29 -17.06
C GLU A 38 7.44 1.40 -16.03
N ALA A 39 7.68 1.00 -14.79
CA ALA A 39 7.93 1.94 -13.72
C ALA A 39 9.35 1.80 -13.18
N GLY A 40 9.76 0.55 -12.94
CA GLY A 40 11.09 0.29 -12.42
C GLY A 40 11.09 -0.77 -11.33
N ALA A 41 10.02 -0.81 -10.55
CA ALA A 41 9.91 -1.77 -9.46
C ALA A 41 11.22 -1.95 -8.73
N GLY A 42 11.89 -0.83 -8.44
CA GLY A 42 13.16 -0.88 -7.75
C GLY A 42 13.11 -0.19 -6.40
N GLY A 43 11.92 -0.14 -5.81
CA GLY A 43 11.77 0.50 -4.51
C GLY A 43 10.31 0.69 -4.13
N LEU A 44 9.98 0.37 -2.88
CA LEU A 44 8.62 0.51 -2.40
C LEU A 44 8.60 0.70 -0.89
N SER A 45 8.21 1.89 -0.44
CA SER A 45 8.15 2.19 0.98
C SER A 45 6.72 2.48 1.41
N ILE A 46 6.23 1.70 2.37
CA ILE A 46 4.87 1.88 2.87
C ILE A 46 4.88 2.18 4.37
N ALA A 47 4.17 3.24 4.75
CA ALA A 47 4.09 3.63 6.15
C ALA A 47 2.65 3.92 6.56
N VAL A 48 2.13 3.12 7.48
CA VAL A 48 0.75 3.30 7.95
C VAL A 48 0.71 4.15 9.20
N GLU A 49 0.15 5.35 9.07
CA GLU A 49 0.05 6.27 10.19
C GLU A 49 -1.40 6.70 10.42
N GLY A 50 -1.91 6.40 11.61
CA GLY A 50 -3.29 6.76 11.93
C GLY A 50 -3.45 7.20 13.38
N PRO A 51 -4.69 7.11 13.89
CA PRO A 51 -5.00 7.49 15.27
C PRO A 51 -4.40 6.53 16.29
N SER A 52 -3.87 5.41 15.80
CA SER A 52 -3.25 4.42 16.67
C SER A 52 -2.19 3.62 15.92
N LYS A 53 -1.31 2.97 16.68
CA LYS A 53 -0.23 2.17 16.09
C LYS A 53 -0.80 1.07 15.21
N ALA A 54 -0.19 0.88 14.04
CA ALA A 54 -0.63 -0.14 13.11
C ALA A 54 0.49 -1.15 12.83
N GLU A 55 0.11 -2.41 12.65
CA GLU A 55 1.07 -3.47 12.38
C GLU A 55 1.25 -3.67 10.87
N ILE A 56 2.42 -4.15 10.48
CA ILE A 56 2.71 -4.39 9.06
C ILE A 56 3.59 -5.62 8.89
N THR A 57 3.26 -6.44 7.90
CA THR A 57 4.02 -7.66 7.63
C THR A 57 4.35 -7.78 6.14
N PHE A 58 5.62 -8.01 5.84
CA PHE A 58 6.07 -8.15 4.46
C PHE A 58 6.94 -9.39 4.28
N ASP A 59 6.44 -10.35 3.50
CA ASP A 59 7.18 -11.59 3.26
C ASP A 59 7.55 -11.71 1.79
N ASP A 60 8.85 -11.66 1.52
CA ASP A 60 9.35 -11.76 0.15
C ASP A 60 10.15 -13.05 -0.04
N HIS A 61 9.54 -14.05 -0.67
CA HIS A 61 10.20 -15.32 -0.92
C HIS A 61 10.74 -15.39 -2.34
N LYS A 62 9.87 -15.14 -3.32
CA LYS A 62 10.26 -15.18 -4.72
C LYS A 62 9.83 -13.91 -5.44
N ASN A 63 8.52 -13.71 -5.54
CA ASN A 63 7.97 -12.53 -6.20
C ASN A 63 7.08 -11.73 -5.25
N GLY A 64 7.38 -11.83 -3.95
CA GLY A 64 6.60 -11.12 -2.96
C GLY A 64 5.11 -11.12 -3.27
N SER A 65 4.59 -12.29 -3.62
CA SER A 65 3.18 -12.42 -3.94
C SER A 65 2.30 -12.03 -2.76
N CYS A 66 2.63 -12.57 -1.59
CA CYS A 66 1.87 -12.29 -0.38
C CYS A 66 1.46 -10.82 -0.33
N GLY A 67 2.36 -9.94 -0.74
CA GLY A 67 2.07 -8.51 -0.74
C GLY A 67 2.37 -7.87 0.60
N VAL A 68 1.62 -6.82 0.93
CA VAL A 68 1.81 -6.11 2.19
C VAL A 68 0.53 -6.11 3.03
N SER A 69 0.59 -6.74 4.19
CA SER A 69 -0.56 -6.82 5.08
C SER A 69 -0.40 -5.87 6.27
N TYR A 70 -1.51 -5.30 6.72
CA TYR A 70 -1.50 -4.37 7.84
C TYR A 70 -2.75 -4.53 8.69
N ILE A 71 -2.60 -4.33 10.00
CA ILE A 71 -3.73 -4.43 10.92
C ILE A 71 -3.84 -3.20 11.80
N ALA A 72 -5.07 -2.76 12.04
CA ALA A 72 -5.32 -1.59 12.87
C ALA A 72 -6.07 -1.97 14.15
N GLN A 73 -5.34 -2.02 15.25
CA GLN A 73 -5.93 -2.38 16.53
C GLN A 73 -7.17 -1.52 16.81
N GLU A 74 -7.08 -0.24 16.51
CA GLU A 74 -8.19 0.68 16.73
C GLU A 74 -8.74 1.19 15.40
N PRO A 75 -10.06 1.39 15.35
CA PRO A 75 -10.74 1.88 14.14
C PRO A 75 -10.42 3.34 13.85
N GLY A 76 -10.54 3.72 12.58
CA GLY A 76 -10.26 5.09 12.18
C GLY A 76 -9.66 5.19 10.80
N ASN A 77 -9.30 6.40 10.39
CA ASN A 77 -8.72 6.62 9.07
C ASN A 77 -7.20 6.48 9.12
N TYR A 78 -6.69 5.40 8.54
CA TYR A 78 -5.25 5.15 8.52
C TYR A 78 -4.64 5.61 7.20
N GLU A 79 -3.83 6.66 7.26
CA GLU A 79 -3.19 7.20 6.07
C GLU A 79 -1.90 6.44 5.77
N VAL A 80 -1.90 5.71 4.66
CA VAL A 80 -0.72 4.94 4.25
C VAL A 80 0.08 5.68 3.20
N SER A 81 1.31 6.05 3.55
CA SER A 81 2.19 6.76 2.64
C SER A 81 3.05 5.79 1.82
N ILE A 82 2.84 5.79 0.51
CA ILE A 82 3.58 4.90 -0.38
C ILE A 82 4.57 5.70 -1.24
N LYS A 83 5.84 5.36 -1.14
CA LYS A 83 6.88 6.03 -1.90
C LYS A 83 7.61 5.05 -2.81
N PHE A 84 7.59 5.31 -4.12
CA PHE A 84 8.25 4.45 -5.09
C PHE A 84 9.58 5.05 -5.52
N ASN A 85 10.66 4.31 -5.27
CA ASN A 85 11.99 4.77 -5.64
C ASN A 85 12.27 6.15 -5.05
N ASP A 86 11.73 6.41 -3.88
CA ASP A 86 11.92 7.69 -3.21
C ASP A 86 11.10 8.79 -3.88
N GLU A 87 9.90 8.44 -4.31
CA GLU A 87 9.01 9.39 -4.97
C GLU A 87 7.56 9.16 -4.58
N HIS A 88 6.83 10.25 -4.40
CA HIS A 88 5.42 10.17 -4.01
C HIS A 88 4.52 10.07 -5.25
N ILE A 89 3.96 8.89 -5.47
CA ILE A 89 3.09 8.66 -6.62
C ILE A 89 1.81 9.50 -6.51
N PRO A 90 1.16 9.73 -7.65
CA PRO A 90 -0.09 10.50 -7.72
C PRO A 90 -1.26 9.78 -7.07
N GLU A 91 -0.99 8.61 -6.50
CA GLU A 91 -2.02 7.81 -5.85
C GLU A 91 -1.79 7.74 -4.35
N SER A 92 -0.60 8.16 -3.91
CA SER A 92 -0.25 8.14 -2.51
C SER A 92 -0.06 9.55 -1.96
N PRO A 93 -0.26 9.71 -0.65
CA PRO A 93 -0.62 8.61 0.24
C PRO A 93 -2.04 8.12 -0.01
N TYR A 94 -2.47 7.13 0.77
CA TYR A 94 -3.80 6.57 0.64
C TYR A 94 -4.58 6.71 1.94
N LEU A 95 -5.91 6.82 1.81
CA LEU A 95 -6.77 6.97 2.98
C LEU A 95 -7.72 5.77 3.10
N VAL A 96 -7.50 4.95 4.12
CA VAL A 96 -8.34 3.78 4.36
C VAL A 96 -9.15 3.94 5.64
N PRO A 97 -10.45 4.25 5.49
CA PRO A 97 -11.36 4.42 6.62
C PRO A 97 -11.66 3.11 7.34
N VAL A 98 -10.83 2.77 8.32
CA VAL A 98 -11.01 1.55 9.08
C VAL A 98 -12.07 1.71 10.17
N ILE A 99 -12.82 0.65 10.43
CA ILE A 99 -13.87 0.69 11.44
C ILE A 99 -13.90 -0.61 12.24
N ALA A 100 -14.35 -0.52 13.49
CA ALA A 100 -14.43 -1.69 14.36
C ALA A 100 -15.67 -2.52 14.04
N PRO A 101 -15.45 -3.73 13.51
CA PRO A 101 -16.54 -4.65 13.15
C PRO A 101 -17.25 -5.21 14.38
N SER A 102 -18.53 -4.88 14.52
CA SER A 102 -19.32 -5.34 15.65
C SER A 102 -19.25 -6.86 15.77
N ASP A 103 -18.51 -7.33 16.77
CA ASP A 103 -18.37 -8.76 16.99
C ASP A 103 -19.70 -9.39 17.39
N ASP A 104 -20.41 -9.95 16.41
CA ASP A 104 -21.69 -10.58 16.65
C ASP A 104 -21.52 -12.08 16.89
N ALA A 105 -22.28 -12.61 17.85
CA ALA A 105 -22.21 -14.03 18.18
C ALA A 105 -23.55 -14.72 17.90
N GLY A 1 8.22 5.11 -33.79
CA GLY A 1 9.60 4.72 -33.93
C GLY A 1 10.53 5.60 -33.11
N SER A 2 10.26 5.69 -31.81
CA SER A 2 11.07 6.50 -30.92
C SER A 2 11.99 5.63 -30.07
N SER A 3 13.21 5.43 -30.55
CA SER A 3 14.19 4.60 -29.84
C SER A 3 15.33 5.46 -29.31
N GLY A 4 15.62 5.30 -28.02
CA GLY A 4 16.70 6.07 -27.41
C GLY A 4 16.21 6.93 -26.26
N SER A 5 15.39 6.35 -25.40
CA SER A 5 14.85 7.08 -24.26
C SER A 5 15.74 6.91 -23.03
N SER A 6 15.99 8.02 -22.32
CA SER A 6 16.84 7.99 -21.14
C SER A 6 16.03 8.33 -19.90
N GLY A 7 15.36 7.33 -19.34
CA GLY A 7 14.56 7.56 -18.14
C GLY A 7 13.11 7.16 -18.34
N GLU A 8 12.87 5.88 -18.61
CA GLU A 8 11.52 5.39 -18.82
C GLU A 8 10.88 4.96 -17.50
N GLY A 9 9.59 5.27 -17.35
CA GLY A 9 8.88 4.92 -16.13
C GLY A 9 8.47 6.14 -15.32
N GLY A 10 8.77 6.13 -14.03
CA GLY A 10 8.40 7.24 -13.17
C GLY A 10 7.28 6.90 -12.22
N ALA A 11 7.40 7.37 -10.98
CA ALA A 11 6.38 7.11 -9.97
C ALA A 11 4.98 7.27 -10.55
N HIS A 12 4.79 8.31 -11.36
CA HIS A 12 3.49 8.57 -11.97
C HIS A 12 2.96 7.32 -12.68
N LYS A 13 3.85 6.61 -13.36
CA LYS A 13 3.48 5.40 -14.08
C LYS A 13 2.87 4.37 -13.13
N VAL A 14 3.58 4.07 -12.05
CA VAL A 14 3.11 3.10 -11.07
C VAL A 14 1.64 3.32 -10.75
N ARG A 15 0.88 2.24 -10.67
CA ARG A 15 -0.55 2.32 -10.36
C ARG A 15 -0.96 1.21 -9.39
N ALA A 16 -1.47 1.62 -8.24
CA ALA A 16 -1.91 0.66 -7.22
C ALA A 16 -3.43 0.58 -7.18
N GLY A 17 -3.93 -0.58 -6.73
CA GLY A 17 -5.37 -0.77 -6.64
C GLY A 17 -5.75 -2.23 -6.45
N GLY A 18 -6.04 -2.60 -5.20
CA GLY A 18 -6.41 -3.98 -4.91
C GLY A 18 -7.40 -4.08 -3.77
N PRO A 19 -7.80 -5.32 -3.44
CA PRO A 19 -8.76 -5.58 -2.36
C PRO A 19 -8.16 -5.29 -0.99
N GLY A 20 -8.73 -4.31 -0.30
CA GLY A 20 -8.23 -3.95 1.02
C GLY A 20 -8.05 -2.46 1.20
N LEU A 21 -7.64 -1.79 0.12
CA LEU A 21 -7.42 -0.35 0.16
C LEU A 21 -8.74 0.40 0.16
N GLU A 22 -9.77 -0.21 -0.42
CA GLU A 22 -11.10 0.40 -0.49
C GLU A 22 -11.60 0.74 0.92
N ARG A 23 -11.54 -0.22 1.82
CA ARG A 23 -11.99 -0.03 3.19
C ARG A 23 -11.27 -0.97 4.14
N GLY A 24 -11.09 -0.53 5.38
CA GLY A 24 -10.42 -1.35 6.37
C GLY A 24 -11.29 -1.66 7.57
N GLU A 25 -10.80 -2.52 8.45
CA GLU A 25 -11.56 -2.90 9.64
C GLU A 25 -10.63 -3.05 10.85
N ALA A 26 -11.11 -2.62 12.02
CA ALA A 26 -10.32 -2.71 13.24
C ALA A 26 -10.18 -4.16 13.70
N GLY A 27 -8.96 -4.66 13.69
CA GLY A 27 -8.70 -6.03 14.10
C GLY A 27 -8.70 -7.00 12.94
N VAL A 28 -8.70 -6.46 11.72
CA VAL A 28 -8.69 -7.28 10.52
C VAL A 28 -7.49 -6.95 9.63
N PRO A 29 -6.74 -7.99 9.24
CA PRO A 29 -5.56 -7.83 8.40
C PRO A 29 -5.92 -7.45 6.96
N ALA A 30 -5.72 -6.18 6.63
CA ALA A 30 -6.03 -5.69 5.29
C ALA A 30 -4.86 -5.93 4.33
N GLU A 31 -5.01 -6.91 3.45
CA GLU A 31 -3.98 -7.24 2.49
C GLU A 31 -4.37 -6.80 1.08
N PHE A 32 -3.48 -6.06 0.43
CA PHE A 32 -3.74 -5.57 -0.91
C PHE A 32 -2.60 -5.93 -1.85
N SER A 33 -2.94 -6.25 -3.11
CA SER A 33 -1.94 -6.61 -4.10
C SER A 33 -1.50 -5.40 -4.90
N ILE A 34 -0.19 -5.25 -5.07
CA ILE A 34 0.36 -4.13 -5.83
C ILE A 34 1.55 -4.57 -6.67
N TRP A 35 1.47 -4.31 -7.98
CA TRP A 35 2.53 -4.68 -8.90
C TRP A 35 2.99 -3.47 -9.71
N THR A 36 4.30 -3.32 -9.84
CA THR A 36 4.87 -2.20 -10.59
C THR A 36 5.39 -2.66 -11.96
N ARG A 37 4.48 -3.20 -12.78
CA ARG A 37 4.85 -3.67 -14.10
C ARG A 37 4.79 -2.54 -15.12
N GLU A 38 4.28 -1.39 -14.69
CA GLU A 38 4.17 -0.23 -15.56
C GLU A 38 5.43 0.62 -15.50
N ALA A 39 6.04 0.67 -14.33
CA ALA A 39 7.26 1.46 -14.13
C ALA A 39 8.48 0.55 -13.99
N GLY A 40 8.89 -0.06 -15.10
CA GLY A 40 10.04 -0.95 -15.08
C GLY A 40 10.08 -1.80 -13.83
N ALA A 41 10.94 -1.42 -12.90
CA ALA A 41 11.08 -2.16 -11.64
C ALA A 41 11.84 -1.34 -10.60
N GLY A 42 11.48 -1.52 -9.33
CA GLY A 42 12.13 -0.78 -8.26
C GLY A 42 11.60 -1.16 -6.90
N GLY A 43 12.14 -0.52 -5.86
CA GLY A 43 11.71 -0.81 -4.51
C GLY A 43 10.38 -0.16 -4.17
N LEU A 44 9.84 -0.49 -3.00
CA LEU A 44 8.57 0.07 -2.57
C LEU A 44 8.53 0.21 -1.04
N SER A 45 8.30 1.42 -0.57
CA SER A 45 8.23 1.69 0.87
C SER A 45 6.81 1.98 1.31
N ILE A 46 6.42 1.42 2.45
CA ILE A 46 5.08 1.62 2.98
C ILE A 46 5.12 1.96 4.47
N ALA A 47 4.41 3.01 4.85
CA ALA A 47 4.36 3.44 6.24
C ALA A 47 2.94 3.84 6.65
N VAL A 48 2.33 3.05 7.51
CA VAL A 48 0.97 3.32 7.97
C VAL A 48 0.98 4.30 9.14
N GLU A 49 0.20 5.38 9.01
CA GLU A 49 0.12 6.39 10.06
C GLU A 49 -1.33 6.81 10.30
N GLY A 50 -1.80 6.62 11.51
CA GLY A 50 -3.16 6.99 11.85
C GLY A 50 -3.33 7.39 13.30
N PRO A 51 -4.57 7.34 13.80
CA PRO A 51 -4.87 7.70 15.19
C PRO A 51 -4.34 6.68 16.18
N SER A 52 -3.86 5.55 15.66
CA SER A 52 -3.32 4.49 16.50
C SER A 52 -2.25 3.69 15.77
N LYS A 53 -1.45 2.95 16.50
CA LYS A 53 -0.39 2.14 15.91
C LYS A 53 -0.98 0.95 15.15
N ALA A 54 -0.48 0.72 13.95
CA ALA A 54 -0.94 -0.39 13.12
C ALA A 54 0.20 -1.33 12.75
N GLU A 55 -0.06 -2.62 12.81
CA GLU A 55 0.95 -3.62 12.48
C GLU A 55 1.21 -3.65 10.98
N ILE A 56 2.46 -3.94 10.61
CA ILE A 56 2.85 -4.00 9.21
C ILE A 56 3.83 -5.15 8.96
N THR A 57 3.55 -5.92 7.91
CA THR A 57 4.40 -7.05 7.56
C THR A 57 4.73 -7.05 6.07
N PHE A 58 6.01 -6.91 5.75
CA PHE A 58 6.45 -6.89 4.36
C PHE A 58 7.33 -8.11 4.06
N ASP A 59 7.04 -8.76 2.94
CA ASP A 59 7.81 -9.95 2.54
C ASP A 59 8.06 -9.93 1.03
N ASP A 60 9.31 -10.17 0.66
CA ASP A 60 9.68 -10.19 -0.76
C ASP A 60 10.25 -11.54 -1.15
N HIS A 61 9.89 -12.02 -2.34
CA HIS A 61 10.37 -13.31 -2.83
C HIS A 61 10.43 -14.33 -1.70
N LYS A 62 9.35 -14.45 -0.95
CA LYS A 62 9.27 -15.39 0.16
C LYS A 62 8.28 -16.51 -0.14
N ASN A 63 7.11 -16.14 -0.66
CA ASN A 63 6.08 -17.11 -0.99
C ASN A 63 5.73 -17.06 -2.47
N GLY A 64 6.00 -15.91 -3.09
CA GLY A 64 5.71 -15.74 -4.50
C GLY A 64 4.38 -15.08 -4.75
N SER A 65 3.36 -15.53 -4.02
CA SER A 65 2.01 -14.98 -4.17
C SER A 65 1.63 -14.14 -2.95
N CYS A 66 2.61 -13.42 -2.42
CA CYS A 66 2.38 -12.57 -1.26
C CYS A 66 2.61 -11.10 -1.60
N GLY A 67 2.29 -10.22 -0.66
CA GLY A 67 2.47 -8.80 -0.88
C GLY A 67 2.67 -8.03 0.41
N VAL A 68 1.69 -7.22 0.78
CA VAL A 68 1.77 -6.43 2.00
C VAL A 68 0.51 -6.60 2.86
N SER A 69 0.70 -6.63 4.17
CA SER A 69 -0.42 -6.79 5.10
C SER A 69 -0.29 -5.84 6.28
N TYR A 70 -1.42 -5.48 6.87
CA TYR A 70 -1.43 -4.56 8.01
C TYR A 70 -2.72 -4.73 8.82
N ILE A 71 -2.60 -4.58 10.14
CA ILE A 71 -3.75 -4.71 11.02
C ILE A 71 -3.89 -3.47 11.91
N ALA A 72 -5.12 -2.95 11.98
CA ALA A 72 -5.39 -1.77 12.80
C ALA A 72 -6.14 -2.15 14.07
N GLN A 73 -5.45 -2.02 15.21
CA GLN A 73 -6.05 -2.35 16.50
C GLN A 73 -7.30 -1.52 16.74
N GLU A 74 -7.17 -0.20 16.63
CA GLU A 74 -8.29 0.71 16.83
C GLU A 74 -8.82 1.24 15.50
N PRO A 75 -10.14 1.45 15.44
CA PRO A 75 -10.80 1.95 14.23
C PRO A 75 -10.47 3.42 13.96
N GLY A 76 -10.34 3.76 12.68
CA GLY A 76 -10.01 5.13 12.31
C GLY A 76 -9.49 5.24 10.90
N ASN A 77 -9.17 6.46 10.48
CA ASN A 77 -8.66 6.70 9.13
C ASN A 77 -7.14 6.55 9.09
N TYR A 78 -6.68 5.37 8.67
CA TYR A 78 -5.25 5.10 8.60
C TYR A 78 -4.70 5.49 7.23
N GLU A 79 -3.76 6.42 7.21
CA GLU A 79 -3.15 6.88 5.97
C GLU A 79 -1.87 6.09 5.67
N VAL A 80 -1.90 5.36 4.56
CA VAL A 80 -0.74 4.56 4.16
C VAL A 80 0.15 5.33 3.19
N SER A 81 1.37 5.63 3.63
CA SER A 81 2.31 6.37 2.81
C SER A 81 3.10 5.42 1.90
N ILE A 82 2.96 5.61 0.59
CA ILE A 82 3.64 4.78 -0.38
C ILE A 82 4.62 5.60 -1.22
N LYS A 83 5.84 5.10 -1.36
CA LYS A 83 6.85 5.79 -2.15
C LYS A 83 7.54 4.83 -3.11
N PHE A 84 7.53 5.16 -4.39
CA PHE A 84 8.15 4.34 -5.41
C PHE A 84 9.54 4.85 -5.77
N ASN A 85 10.57 4.17 -5.28
CA ASN A 85 11.95 4.56 -5.54
C ASN A 85 12.25 5.93 -4.93
N ASP A 86 11.80 6.13 -3.70
CA ASP A 86 12.03 7.39 -3.01
C ASP A 86 11.25 8.53 -3.67
N GLU A 87 10.04 8.20 -4.15
CA GLU A 87 9.19 9.19 -4.80
C GLU A 87 7.73 8.99 -4.43
N HIS A 88 7.02 10.09 -4.21
CA HIS A 88 5.61 10.03 -3.85
C HIS A 88 4.73 10.01 -5.09
N ILE A 89 3.95 8.93 -5.25
CA ILE A 89 3.07 8.80 -6.39
C ILE A 89 1.83 9.68 -6.25
N PRO A 90 1.18 9.98 -7.37
CA PRO A 90 -0.02 10.81 -7.41
C PRO A 90 -1.23 10.12 -6.77
N GLU A 91 -1.00 8.91 -6.25
CA GLU A 91 -2.07 8.15 -5.62
C GLU A 91 -1.76 7.89 -4.15
N SER A 92 -0.67 8.49 -3.66
CA SER A 92 -0.26 8.32 -2.28
C SER A 92 0.05 9.67 -1.64
N PRO A 93 -0.08 9.74 -0.30
CA PRO A 93 -0.49 8.58 0.51
C PRO A 93 -1.95 8.21 0.29
N TYR A 94 -2.31 6.98 0.68
CA TYR A 94 -3.67 6.50 0.52
C TYR A 94 -4.46 6.63 1.82
N LEU A 95 -5.77 6.83 1.70
CA LEU A 95 -6.63 6.97 2.87
C LEU A 95 -7.56 5.77 3.01
N VAL A 96 -7.32 4.96 4.03
CA VAL A 96 -8.15 3.78 4.28
C VAL A 96 -8.96 3.94 5.56
N PRO A 97 -10.25 4.24 5.41
CA PRO A 97 -11.17 4.42 6.54
C PRO A 97 -11.47 3.12 7.26
N VAL A 98 -10.78 2.89 8.37
CA VAL A 98 -10.97 1.68 9.16
C VAL A 98 -12.05 1.86 10.21
N ILE A 99 -12.88 0.85 10.39
CA ILE A 99 -13.96 0.90 11.37
C ILE A 99 -14.08 -0.42 12.14
N ALA A 100 -14.70 -0.36 13.30
CA ALA A 100 -14.89 -1.55 14.13
C ALA A 100 -16.12 -2.34 13.69
N PRO A 101 -15.89 -3.55 13.15
CA PRO A 101 -16.97 -4.42 12.68
C PRO A 101 -17.80 -4.98 13.82
N SER A 102 -19.13 -4.88 13.69
CA SER A 102 -20.04 -5.37 14.72
C SER A 102 -20.11 -6.90 14.69
N ASP A 103 -19.64 -7.52 15.75
CA ASP A 103 -19.66 -8.97 15.86
C ASP A 103 -20.38 -9.43 17.13
N ASP A 104 -21.00 -10.60 17.06
CA ASP A 104 -21.73 -11.14 18.20
C ASP A 104 -21.25 -12.55 18.53
N ALA A 105 -21.21 -12.87 19.83
CA ALA A 105 -20.78 -14.18 20.28
C ALA A 105 -21.86 -15.23 20.06
N GLY A 1 -0.10 21.76 -22.68
CA GLY A 1 0.57 20.57 -22.18
C GLY A 1 1.99 20.44 -22.69
N SER A 2 2.94 20.32 -21.78
CA SER A 2 4.34 20.20 -22.14
C SER A 2 4.77 18.74 -22.21
N SER A 3 5.60 18.42 -23.20
CA SER A 3 6.06 17.05 -23.39
C SER A 3 7.43 17.03 -24.09
N GLY A 4 8.37 16.30 -23.52
CA GLY A 4 9.69 16.21 -24.11
C GLY A 4 10.79 16.19 -23.06
N SER A 5 10.88 15.09 -22.33
CA SER A 5 11.89 14.95 -21.27
C SER A 5 12.20 13.48 -21.01
N SER A 6 13.46 13.11 -21.11
CA SER A 6 13.89 11.74 -20.88
C SER A 6 13.56 11.30 -19.46
N GLY A 7 13.49 9.99 -19.25
CA GLY A 7 13.18 9.47 -17.93
C GLY A 7 11.92 8.62 -17.93
N GLU A 8 11.76 7.79 -18.95
CA GLU A 8 10.59 6.92 -19.05
C GLU A 8 10.57 5.89 -17.93
N GLY A 9 9.41 5.72 -17.31
CA GLY A 9 9.27 4.77 -16.23
C GLY A 9 9.65 5.36 -14.88
N GLY A 10 8.64 5.73 -14.10
CA GLY A 10 8.89 6.32 -12.80
C GLY A 10 7.78 6.02 -11.81
N ALA A 11 7.53 6.96 -10.90
CA ALA A 11 6.49 6.79 -9.89
C ALA A 11 5.11 6.90 -10.51
N HIS A 12 4.87 8.01 -11.22
CA HIS A 12 3.58 8.23 -11.86
C HIS A 12 3.13 7.01 -12.65
N LYS A 13 4.07 6.38 -13.34
CA LYS A 13 3.78 5.19 -14.14
C LYS A 13 3.19 4.09 -13.26
N VAL A 14 3.71 3.97 -12.04
CA VAL A 14 3.25 2.96 -11.10
C VAL A 14 1.79 3.18 -10.74
N ARG A 15 1.08 2.09 -10.46
CA ARG A 15 -0.33 2.16 -10.10
C ARG A 15 -0.66 1.16 -8.98
N ALA A 16 -1.61 1.53 -8.14
CA ALA A 16 -2.02 0.67 -7.03
C ALA A 16 -3.52 0.78 -6.79
N GLY A 17 -4.19 -0.37 -6.79
CA GLY A 17 -5.63 -0.39 -6.56
C GLY A 17 -6.19 -1.80 -6.47
N GLY A 18 -7.20 -1.97 -5.64
CA GLY A 18 -7.81 -3.28 -5.48
C GLY A 18 -8.37 -3.50 -4.08
N PRO A 19 -8.55 -4.77 -3.70
CA PRO A 19 -9.08 -5.13 -2.39
C PRO A 19 -8.11 -4.82 -1.25
N GLY A 20 -8.59 -4.12 -0.23
CA GLY A 20 -7.75 -3.78 0.89
C GLY A 20 -7.63 -2.28 1.09
N LEU A 21 -7.35 -1.56 0.01
CA LEU A 21 -7.22 -0.11 0.07
C LEU A 21 -8.58 0.57 0.09
N GLU A 22 -9.54 -0.03 -0.62
CA GLU A 22 -10.89 0.52 -0.69
C GLU A 22 -11.45 0.77 0.72
N ARG A 23 -11.23 -0.20 1.60
CA ARG A 23 -11.72 -0.09 2.97
C ARG A 23 -11.07 -1.15 3.87
N GLY A 24 -10.92 -0.83 5.15
CA GLY A 24 -10.31 -1.76 6.08
C GLY A 24 -11.18 -2.00 7.30
N GLU A 25 -10.72 -2.88 8.18
CA GLU A 25 -11.47 -3.20 9.40
C GLU A 25 -10.52 -3.39 10.58
N ALA A 26 -10.67 -2.53 11.58
CA ALA A 26 -9.84 -2.59 12.77
C ALA A 26 -9.79 -4.00 13.34
N GLY A 27 -8.58 -4.55 13.46
CA GLY A 27 -8.43 -5.89 13.99
C GLY A 27 -8.23 -6.92 12.90
N VAL A 28 -8.74 -6.64 11.71
CA VAL A 28 -8.62 -7.55 10.58
C VAL A 28 -7.49 -7.12 9.65
N PRO A 29 -6.68 -8.09 9.21
CA PRO A 29 -5.54 -7.84 8.31
C PRO A 29 -5.99 -7.45 6.91
N ALA A 30 -5.78 -6.19 6.56
CA ALA A 30 -6.17 -5.69 5.23
C ALA A 30 -4.95 -5.56 4.33
N GLU A 31 -4.78 -6.54 3.44
CA GLU A 31 -3.66 -6.54 2.51
C GLU A 31 -4.13 -6.37 1.07
N PHE A 32 -3.42 -5.56 0.30
CA PHE A 32 -3.77 -5.32 -1.09
C PHE A 32 -2.67 -5.80 -2.03
N SER A 33 -3.05 -6.11 -3.26
CA SER A 33 -2.09 -6.59 -4.26
C SER A 33 -1.48 -5.43 -5.04
N ILE A 34 -0.18 -5.21 -4.86
CA ILE A 34 0.52 -4.13 -5.54
C ILE A 34 1.33 -4.67 -6.72
N TRP A 35 1.00 -4.19 -7.91
CA TRP A 35 1.69 -4.62 -9.12
C TRP A 35 2.18 -3.42 -9.92
N THR A 36 3.48 -3.40 -10.22
CA THR A 36 4.07 -2.31 -10.98
C THR A 36 4.90 -2.83 -12.15
N ARG A 37 4.29 -2.90 -13.32
CA ARG A 37 4.99 -3.39 -14.51
C ARG A 37 5.81 -2.28 -15.14
N GLU A 38 5.13 -1.29 -15.72
CA GLU A 38 5.81 -0.17 -16.36
C GLU A 38 6.58 0.66 -15.34
N ALA A 39 7.79 0.20 -15.01
CA ALA A 39 8.63 0.91 -14.04
C ALA A 39 10.04 0.34 -14.04
N GLY A 40 10.98 1.11 -13.48
CA GLY A 40 12.36 0.67 -13.43
C GLY A 40 12.64 -0.23 -12.24
N ALA A 41 13.92 -0.35 -11.88
CA ALA A 41 14.31 -1.18 -10.75
C ALA A 41 14.24 -0.40 -9.44
N GLY A 42 13.30 0.52 -9.36
CA GLY A 42 13.13 1.32 -8.16
C GLY A 42 12.74 0.50 -6.96
N GLY A 43 12.40 1.17 -5.86
CA GLY A 43 12.01 0.47 -4.65
C GLY A 43 10.64 0.91 -4.15
N LEU A 44 10.20 0.32 -3.04
CA LEU A 44 8.91 0.64 -2.46
C LEU A 44 9.03 0.89 -0.96
N SER A 45 8.31 1.89 -0.46
CA SER A 45 8.34 2.23 0.95
C SER A 45 6.92 2.46 1.48
N ILE A 46 6.45 1.55 2.32
CA ILE A 46 5.12 1.65 2.90
C ILE A 46 5.19 2.05 4.38
N ALA A 47 4.29 2.94 4.78
CA ALA A 47 4.25 3.40 6.17
C ALA A 47 2.83 3.80 6.57
N VAL A 48 2.22 2.99 7.43
CA VAL A 48 0.87 3.26 7.90
C VAL A 48 0.87 4.19 9.11
N GLU A 49 0.19 5.33 8.97
CA GLU A 49 0.13 6.30 10.06
C GLU A 49 -1.32 6.70 10.33
N GLY A 50 -1.73 6.60 11.60
CA GLY A 50 -3.08 6.95 11.97
C GLY A 50 -3.20 7.35 13.43
N PRO A 51 -4.42 7.26 13.97
CA PRO A 51 -4.69 7.60 15.38
C PRO A 51 -4.07 6.61 16.35
N SER A 52 -3.77 5.41 15.86
CA SER A 52 -3.18 4.37 16.68
C SER A 52 -2.09 3.62 15.92
N LYS A 53 -1.31 2.82 16.64
CA LYS A 53 -0.24 2.05 16.04
C LYS A 53 -0.80 0.88 15.24
N ALA A 54 -0.26 0.67 14.04
CA ALA A 54 -0.70 -0.41 13.17
C ALA A 54 0.45 -1.34 12.83
N GLU A 55 0.16 -2.64 12.76
CA GLU A 55 1.17 -3.64 12.46
C GLU A 55 1.36 -3.77 10.94
N ILE A 56 2.57 -4.11 10.53
CA ILE A 56 2.88 -4.27 9.11
C ILE A 56 3.74 -5.50 8.88
N THR A 57 3.31 -6.36 7.95
CA THR A 57 4.05 -7.57 7.63
C THR A 57 4.43 -7.61 6.15
N PHE A 58 5.74 -7.59 5.88
CA PHE A 58 6.23 -7.62 4.52
C PHE A 58 6.83 -8.99 4.18
N ASP A 59 6.01 -9.84 3.57
CA ASP A 59 6.47 -11.18 3.20
C ASP A 59 7.05 -11.18 1.79
N ASP A 60 8.38 -11.28 1.70
CA ASP A 60 9.06 -11.29 0.42
C ASP A 60 9.79 -12.61 0.20
N HIS A 61 9.43 -13.31 -0.86
CA HIS A 61 10.05 -14.60 -1.18
C HIS A 61 9.86 -14.94 -2.65
N LYS A 62 10.55 -15.98 -3.11
CA LYS A 62 10.45 -16.42 -4.49
C LYS A 62 9.02 -16.83 -4.83
N ASN A 63 8.52 -17.83 -4.12
CA ASN A 63 7.17 -18.33 -4.34
C ASN A 63 6.16 -17.59 -3.45
N GLY A 64 6.61 -17.18 -2.28
CA GLY A 64 5.75 -16.46 -1.35
C GLY A 64 5.20 -15.18 -1.95
N SER A 65 5.88 -14.07 -1.68
CA SER A 65 5.46 -12.77 -2.19
C SER A 65 3.96 -12.58 -2.00
N CYS A 66 3.46 -12.95 -0.82
CA CYS A 66 2.05 -12.81 -0.50
C CYS A 66 1.56 -11.39 -0.77
N GLY A 67 2.26 -10.42 -0.18
CA GLY A 67 1.89 -9.02 -0.37
C GLY A 67 2.08 -8.20 0.89
N VAL A 68 1.40 -7.07 0.97
CA VAL A 68 1.51 -6.19 2.12
C VAL A 68 0.23 -6.21 2.96
N SER A 69 0.36 -6.62 4.21
CA SER A 69 -0.79 -6.69 5.11
C SER A 69 -0.61 -5.74 6.30
N TYR A 70 -1.73 -5.22 6.79
CA TYR A 70 -1.70 -4.28 7.91
C TYR A 70 -2.96 -4.44 8.77
N ILE A 71 -2.78 -4.35 10.10
CA ILE A 71 -3.88 -4.48 11.02
C ILE A 71 -3.96 -3.27 11.96
N ALA A 72 -5.18 -2.77 12.16
CA ALA A 72 -5.39 -1.61 13.03
C ALA A 72 -6.20 -2.00 14.27
N GLN A 73 -5.51 -2.22 15.38
CA GLN A 73 -6.16 -2.60 16.63
C GLN A 73 -7.38 -1.72 16.89
N GLU A 74 -7.26 -0.44 16.57
CA GLU A 74 -8.35 0.51 16.78
C GLU A 74 -8.82 1.09 15.45
N PRO A 75 -10.13 1.34 15.34
CA PRO A 75 -10.73 1.89 14.13
C PRO A 75 -10.35 3.34 13.91
N GLY A 76 -10.38 3.78 12.66
CA GLY A 76 -10.04 5.15 12.33
C GLY A 76 -9.55 5.31 10.90
N ASN A 77 -9.24 6.54 10.52
CA ASN A 77 -8.75 6.83 9.18
C ASN A 77 -7.23 6.70 9.10
N TYR A 78 -6.76 5.58 8.59
CA TYR A 78 -5.33 5.34 8.47
C TYR A 78 -4.80 5.85 7.13
N GLU A 79 -3.80 6.70 7.18
CA GLU A 79 -3.20 7.28 5.97
C GLU A 79 -1.89 6.58 5.64
N VAL A 80 -1.92 5.75 4.60
CA VAL A 80 -0.72 5.02 4.17
C VAL A 80 0.15 5.89 3.27
N SER A 81 1.45 5.93 3.59
CA SER A 81 2.40 6.72 2.82
C SER A 81 3.29 5.83 1.97
N ILE A 82 2.98 5.73 0.68
CA ILE A 82 3.75 4.92 -0.24
C ILE A 82 4.70 5.77 -1.09
N LYS A 83 5.98 5.43 -1.05
CA LYS A 83 6.98 6.17 -1.82
C LYS A 83 7.75 5.23 -2.74
N PHE A 84 7.62 5.45 -4.05
CA PHE A 84 8.32 4.63 -5.03
C PHE A 84 9.62 5.28 -5.48
N ASN A 85 10.71 4.53 -5.38
CA ASN A 85 12.02 5.04 -5.78
C ASN A 85 12.26 6.44 -5.20
N ASP A 86 11.72 6.68 -4.01
CA ASP A 86 11.88 7.96 -3.35
C ASP A 86 11.01 9.03 -4.02
N GLU A 87 9.78 8.64 -4.36
CA GLU A 87 8.84 9.57 -5.01
C GLU A 87 7.42 9.29 -4.56
N HIS A 88 6.68 10.36 -4.26
CA HIS A 88 5.30 10.23 -3.82
C HIS A 88 4.35 10.13 -5.01
N ILE A 89 4.01 8.89 -5.37
CA ILE A 89 3.12 8.65 -6.49
C ILE A 89 1.87 9.53 -6.41
N PRO A 90 1.24 9.78 -7.57
CA PRO A 90 0.03 10.61 -7.65
C PRO A 90 -1.18 9.92 -7.03
N GLU A 91 -0.96 8.77 -6.43
CA GLU A 91 -2.04 8.01 -5.80
C GLU A 91 -1.79 7.87 -4.30
N SER A 92 -0.61 8.29 -3.85
CA SER A 92 -0.25 8.21 -2.44
C SER A 92 0.01 9.59 -1.87
N PRO A 93 -0.16 9.73 -0.55
CA PRO A 93 -0.58 8.63 0.32
C PRO A 93 -2.03 8.23 0.08
N TYR A 94 -2.43 7.10 0.67
CA TYR A 94 -3.79 6.61 0.51
C TYR A 94 -4.57 6.73 1.82
N LEU A 95 -5.87 6.96 1.70
CA LEU A 95 -6.73 7.11 2.88
C LEU A 95 -7.73 5.96 2.96
N VAL A 96 -7.52 5.06 3.93
CA VAL A 96 -8.40 3.92 4.12
C VAL A 96 -9.17 4.04 5.44
N PRO A 97 -10.48 4.29 5.33
CA PRO A 97 -11.35 4.42 6.51
C PRO A 97 -11.56 3.09 7.23
N VAL A 98 -10.69 2.80 8.18
CA VAL A 98 -10.79 1.56 8.95
C VAL A 98 -11.87 1.65 10.02
N ILE A 99 -12.73 0.65 10.06
CA ILE A 99 -13.82 0.62 11.03
C ILE A 99 -13.76 -0.64 11.89
N ALA A 100 -14.30 -0.57 13.09
CA ALA A 100 -14.30 -1.70 14.00
C ALA A 100 -15.42 -2.69 13.65
N PRO A 101 -15.02 -3.91 13.25
CA PRO A 101 -15.97 -4.97 12.88
C PRO A 101 -16.75 -5.49 14.07
N SER A 102 -18.07 -5.49 13.95
CA SER A 102 -18.93 -5.97 15.03
C SER A 102 -18.52 -7.37 15.48
N ASP A 103 -18.39 -7.55 16.79
CA ASP A 103 -18.00 -8.84 17.35
C ASP A 103 -19.22 -9.70 17.64
N ASP A 104 -19.49 -10.66 16.75
CA ASP A 104 -20.63 -11.55 16.91
C ASP A 104 -20.48 -12.40 18.16
N ALA A 105 -19.38 -13.16 18.22
CA ALA A 105 -19.11 -14.03 19.36
C ALA A 105 -17.62 -14.05 19.70
N GLY A 1 5.39 16.38 -24.89
CA GLY A 1 5.85 15.11 -24.35
C GLY A 1 6.66 15.29 -23.08
N SER A 2 7.68 14.45 -22.92
CA SER A 2 8.54 14.51 -21.73
C SER A 2 9.98 14.81 -22.12
N SER A 3 10.76 15.29 -21.16
CA SER A 3 12.16 15.61 -21.40
C SER A 3 12.86 14.50 -22.17
N GLY A 4 12.87 13.30 -21.58
CA GLY A 4 13.50 12.17 -22.22
C GLY A 4 12.50 11.27 -22.93
N SER A 5 12.86 10.79 -24.11
CA SER A 5 11.99 9.92 -24.89
C SER A 5 12.48 8.47 -24.82
N SER A 6 12.86 8.04 -23.62
CA SER A 6 13.35 6.67 -23.43
C SER A 6 13.15 6.24 -21.98
N GLY A 7 12.73 4.99 -21.81
CA GLY A 7 12.50 4.46 -20.47
C GLY A 7 11.84 5.47 -19.55
N GLU A 8 10.67 5.95 -19.95
CA GLU A 8 9.95 6.93 -19.16
C GLU A 8 9.15 6.25 -18.04
N GLY A 9 9.78 5.29 -17.37
CA GLY A 9 9.13 4.58 -16.30
C GLY A 9 9.53 5.08 -14.92
N GLY A 10 8.53 5.38 -14.09
CA GLY A 10 8.82 5.87 -12.76
C GLY A 10 7.67 5.64 -11.80
N ALA A 11 7.46 6.60 -10.89
CA ALA A 11 6.38 6.49 -9.92
C ALA A 11 5.02 6.65 -10.58
N HIS A 12 4.76 7.85 -11.09
CA HIS A 12 3.48 8.12 -11.75
C HIS A 12 3.01 6.91 -12.55
N LYS A 13 3.95 6.16 -13.10
CA LYS A 13 3.64 4.97 -13.88
C LYS A 13 3.41 3.77 -12.97
N VAL A 14 2.80 4.00 -11.81
CA VAL A 14 2.54 2.94 -10.85
C VAL A 14 1.11 3.04 -10.30
N ARG A 15 0.31 2.01 -10.56
CA ARG A 15 -1.07 1.99 -10.09
C ARG A 15 -1.27 0.91 -9.03
N ALA A 16 -1.78 1.30 -7.88
CA ALA A 16 -2.02 0.35 -6.79
C ALA A 16 -3.50 -0.01 -6.69
N GLY A 17 -3.79 -1.30 -6.69
CA GLY A 17 -5.17 -1.75 -6.60
C GLY A 17 -5.32 -2.97 -5.72
N GLY A 18 -6.56 -3.42 -5.55
CA GLY A 18 -6.82 -4.59 -4.71
C GLY A 18 -7.68 -4.27 -3.52
N PRO A 19 -8.12 -5.31 -2.80
CA PRO A 19 -8.97 -5.16 -1.61
C PRO A 19 -8.21 -4.55 -0.44
N GLY A 20 -8.92 -3.79 0.39
CA GLY A 20 -8.30 -3.16 1.54
C GLY A 20 -8.19 -1.66 1.39
N LEU A 21 -7.46 -1.22 0.36
CA LEU A 21 -7.27 0.20 0.11
C LEU A 21 -8.60 0.94 0.08
N GLU A 22 -9.60 0.30 -0.54
CA GLU A 22 -10.93 0.89 -0.63
C GLU A 22 -11.53 1.12 0.75
N ARG A 23 -11.39 0.13 1.62
CA ARG A 23 -11.92 0.22 2.97
C ARG A 23 -11.27 -0.82 3.88
N GLY A 24 -10.95 -0.41 5.11
CA GLY A 24 -10.33 -1.33 6.05
C GLY A 24 -11.17 -1.54 7.29
N GLU A 25 -10.75 -2.46 8.14
CA GLU A 25 -11.48 -2.77 9.36
C GLU A 25 -10.53 -2.90 10.55
N ALA A 26 -11.02 -2.59 11.74
CA ALA A 26 -10.22 -2.68 12.96
C ALA A 26 -10.05 -4.12 13.40
N GLY A 27 -8.81 -4.51 13.68
CA GLY A 27 -8.53 -5.87 14.12
C GLY A 27 -8.68 -6.88 13.01
N VAL A 28 -8.71 -6.38 11.77
CA VAL A 28 -8.85 -7.25 10.60
C VAL A 28 -7.71 -7.03 9.61
N PRO A 29 -7.01 -8.13 9.26
CA PRO A 29 -5.88 -8.08 8.32
C PRO A 29 -6.35 -7.78 6.89
N ALA A 30 -5.90 -6.65 6.36
CA ALA A 30 -6.25 -6.25 5.01
C ALA A 30 -5.01 -6.10 4.13
N GLU A 31 -4.87 -6.98 3.15
CA GLU A 31 -3.73 -6.96 2.24
C GLU A 31 -4.17 -6.63 0.82
N PHE A 32 -3.28 -5.98 0.07
CA PHE A 32 -3.59 -5.61 -1.31
C PHE A 32 -2.40 -5.89 -2.23
N SER A 33 -2.67 -6.07 -3.51
CA SER A 33 -1.62 -6.35 -4.48
C SER A 33 -1.25 -5.10 -5.27
N ILE A 34 0.04 -4.92 -5.52
CA ILE A 34 0.53 -3.76 -6.26
C ILE A 34 1.08 -4.17 -7.62
N TRP A 35 0.54 -3.58 -8.68
CA TRP A 35 0.99 -3.89 -10.03
C TRP A 35 1.91 -2.79 -10.55
N THR A 36 3.19 -3.11 -10.72
CA THR A 36 4.17 -2.16 -11.22
C THR A 36 4.91 -2.72 -12.42
N ARG A 37 4.41 -2.40 -13.62
CA ARG A 37 5.05 -2.86 -14.85
C ARG A 37 5.53 -1.69 -15.70
N GLU A 38 4.62 -0.78 -16.01
CA GLU A 38 4.96 0.39 -16.81
C GLU A 38 6.15 1.14 -16.21
N ALA A 39 6.42 0.88 -14.93
CA ALA A 39 7.53 1.52 -14.25
C ALA A 39 8.65 0.52 -13.94
N GLY A 40 9.16 -0.12 -14.98
CA GLY A 40 10.21 -1.10 -14.81
C GLY A 40 10.06 -1.90 -13.53
N ALA A 41 10.91 -1.63 -12.55
CA ALA A 41 10.87 -2.34 -11.28
C ALA A 41 11.86 -1.75 -10.28
N GLY A 42 11.42 -1.58 -9.04
CA GLY A 42 12.29 -1.03 -8.02
C GLY A 42 11.79 -1.33 -6.62
N GLY A 43 12.20 -0.51 -5.65
CA GLY A 43 11.79 -0.71 -4.28
C GLY A 43 10.40 -0.17 -3.99
N LEU A 44 9.89 -0.44 -2.79
CA LEU A 44 8.57 0.03 -2.41
C LEU A 44 8.51 0.30 -0.91
N SER A 45 8.33 1.58 -0.55
CA SER A 45 8.24 1.97 0.85
C SER A 45 6.81 2.26 1.25
N ILE A 46 6.39 1.70 2.39
CA ILE A 46 5.03 1.90 2.89
C ILE A 46 5.03 2.19 4.38
N ALA A 47 4.36 3.25 4.77
CA ALA A 47 4.27 3.64 6.17
C ALA A 47 2.82 3.90 6.59
N VAL A 48 2.29 3.02 7.43
CA VAL A 48 0.91 3.16 7.91
C VAL A 48 0.85 3.99 9.18
N GLU A 49 0.19 5.14 9.10
CA GLU A 49 0.06 6.02 10.25
C GLU A 49 -1.41 6.29 10.57
N GLY A 50 -1.70 6.57 11.84
CA GLY A 50 -3.06 6.84 12.25
C GLY A 50 -3.16 7.23 13.71
N PRO A 51 -4.37 7.14 14.27
CA PRO A 51 -4.62 7.49 15.68
C PRO A 51 -4.00 6.49 16.64
N SER A 52 -3.66 5.31 16.13
CA SER A 52 -3.07 4.25 16.95
C SER A 52 -1.97 3.53 16.19
N LYS A 53 -1.34 2.56 16.83
CA LYS A 53 -0.27 1.79 16.22
C LYS A 53 -0.83 0.72 15.29
N ALA A 54 -0.25 0.60 14.10
CA ALA A 54 -0.69 -0.39 13.13
C ALA A 54 0.44 -1.38 12.80
N GLU A 55 0.06 -2.62 12.56
CA GLU A 55 1.04 -3.66 12.23
C GLU A 55 1.19 -3.81 10.73
N ILE A 56 2.38 -4.21 10.28
CA ILE A 56 2.66 -4.39 8.88
C ILE A 56 3.59 -5.57 8.64
N THR A 57 3.03 -6.64 8.06
CA THR A 57 3.81 -7.84 7.77
C THR A 57 4.32 -7.84 6.34
N PHE A 58 5.63 -7.62 6.19
CA PHE A 58 6.24 -7.58 4.87
C PHE A 58 7.53 -8.41 4.86
N ASP A 59 7.53 -9.47 4.05
CA ASP A 59 8.70 -10.34 3.94
C ASP A 59 9.15 -10.47 2.49
N ASP A 60 10.27 -9.85 2.17
CA ASP A 60 10.82 -9.89 0.81
C ASP A 60 11.90 -10.96 0.70
N HIS A 61 11.70 -11.88 -0.23
CA HIS A 61 12.66 -12.96 -0.45
C HIS A 61 13.42 -12.76 -1.75
N LYS A 62 12.68 -12.54 -2.83
CA LYS A 62 13.29 -12.33 -4.14
C LYS A 62 12.75 -11.05 -4.79
N ASN A 63 11.45 -11.02 -5.04
CA ASN A 63 10.81 -9.86 -5.66
C ASN A 63 10.06 -9.04 -4.61
N GLY A 64 9.67 -9.69 -3.52
CA GLY A 64 8.94 -9.01 -2.47
C GLY A 64 7.56 -9.60 -2.25
N SER A 65 7.06 -9.49 -1.02
CA SER A 65 5.75 -10.01 -0.68
C SER A 65 4.70 -9.60 -1.71
N CYS A 66 4.13 -10.59 -2.38
CA CYS A 66 3.11 -10.33 -3.40
C CYS A 66 2.25 -9.13 -3.01
N GLY A 67 1.91 -9.04 -1.73
CA GLY A 67 1.09 -7.94 -1.25
C GLY A 67 1.40 -7.57 0.18
N VAL A 68 1.14 -6.31 0.53
CA VAL A 68 1.40 -5.82 1.88
C VAL A 68 0.15 -5.96 2.76
N SER A 69 0.34 -6.55 3.94
CA SER A 69 -0.76 -6.75 4.88
C SER A 69 -0.57 -5.91 6.13
N TYR A 70 -1.66 -5.31 6.61
CA TYR A 70 -1.60 -4.47 7.80
C TYR A 70 -2.86 -4.66 8.65
N ILE A 71 -2.73 -4.36 9.94
CA ILE A 71 -3.86 -4.50 10.86
C ILE A 71 -3.95 -3.30 11.80
N ALA A 72 -5.12 -2.68 11.84
CA ALA A 72 -5.35 -1.52 12.70
C ALA A 72 -6.09 -1.92 13.97
N GLN A 73 -5.35 -2.06 15.06
CA GLN A 73 -5.93 -2.44 16.34
C GLN A 73 -7.19 -1.63 16.62
N GLU A 74 -7.08 -0.31 16.54
CA GLU A 74 -8.21 0.57 16.78
C GLU A 74 -8.75 1.15 15.47
N PRO A 75 -10.07 1.34 15.40
CA PRO A 75 -10.73 1.87 14.21
C PRO A 75 -10.42 3.35 13.99
N GLY A 76 -10.19 3.73 12.75
CA GLY A 76 -9.88 5.12 12.43
C GLY A 76 -9.41 5.30 11.00
N ASN A 77 -8.99 6.52 10.67
CA ASN A 77 -8.51 6.82 9.33
C ASN A 77 -6.99 6.69 9.26
N TYR A 78 -6.52 5.53 8.79
CA TYR A 78 -5.09 5.29 8.66
C TYR A 78 -4.57 5.75 7.31
N GLU A 79 -3.60 6.66 7.34
CA GLU A 79 -3.02 7.19 6.11
C GLU A 79 -1.75 6.42 5.74
N VAL A 80 -1.88 5.51 4.78
CA VAL A 80 -0.75 4.71 4.34
C VAL A 80 0.03 5.42 3.24
N SER A 81 1.23 5.86 3.58
CA SER A 81 2.08 6.58 2.63
C SER A 81 2.93 5.60 1.82
N ILE A 82 2.85 5.71 0.50
CA ILE A 82 3.61 4.84 -0.39
C ILE A 82 4.59 5.63 -1.24
N LYS A 83 5.83 5.16 -1.31
CA LYS A 83 6.86 5.82 -2.10
C LYS A 83 7.57 4.83 -3.01
N PHE A 84 7.58 5.12 -4.31
CA PHE A 84 8.23 4.25 -5.28
C PHE A 84 9.55 4.86 -5.75
N ASN A 85 10.66 4.29 -5.28
CA ASN A 85 11.98 4.76 -5.65
C ASN A 85 12.22 6.17 -5.11
N ASP A 86 11.78 6.41 -3.89
CA ASP A 86 11.94 7.72 -3.25
C ASP A 86 11.08 8.77 -3.95
N GLU A 87 9.86 8.38 -4.33
CA GLU A 87 8.94 9.29 -5.00
C GLU A 87 7.50 9.03 -4.57
N HIS A 88 6.74 10.11 -4.42
CA HIS A 88 5.35 10.01 -4.00
C HIS A 88 4.43 9.91 -5.21
N ILE A 89 3.88 8.72 -5.45
CA ILE A 89 2.98 8.51 -6.57
C ILE A 89 1.74 9.39 -6.46
N PRO A 90 1.06 9.60 -7.60
CA PRO A 90 -0.15 10.42 -7.65
C PRO A 90 -1.33 9.75 -6.97
N GLU A 91 -1.09 8.59 -6.38
CA GLU A 91 -2.14 7.85 -5.69
C GLU A 91 -1.83 7.73 -4.21
N SER A 92 -0.67 8.24 -3.81
CA SER A 92 -0.26 8.19 -2.41
C SER A 92 0.00 9.59 -1.86
N PRO A 93 -0.14 9.75 -0.54
CA PRO A 93 -0.52 8.65 0.35
C PRO A 93 -1.96 8.22 0.15
N TYR A 94 -2.35 7.14 0.83
CA TYR A 94 -3.71 6.61 0.73
C TYR A 94 -4.45 6.78 2.05
N LEU A 95 -5.78 6.93 1.95
CA LEU A 95 -6.61 7.10 3.14
C LEU A 95 -7.64 6.00 3.24
N VAL A 96 -7.45 5.08 4.18
CA VAL A 96 -8.37 3.97 4.38
C VAL A 96 -9.10 4.09 5.71
N PRO A 97 -10.40 4.43 5.65
CA PRO A 97 -11.23 4.60 6.84
C PRO A 97 -11.51 3.26 7.53
N VAL A 98 -10.62 2.87 8.43
CA VAL A 98 -10.78 1.62 9.17
C VAL A 98 -11.86 1.73 10.23
N ILE A 99 -12.89 0.89 10.13
CA ILE A 99 -13.98 0.90 11.08
C ILE A 99 -14.06 -0.42 11.84
N ALA A 100 -14.64 -0.38 13.04
CA ALA A 100 -14.78 -1.57 13.86
C ALA A 100 -15.96 -2.42 13.40
N PRO A 101 -15.67 -3.62 12.89
CA PRO A 101 -16.70 -4.55 12.41
C PRO A 101 -17.54 -5.12 13.55
N SER A 102 -18.85 -5.10 13.37
CA SER A 102 -19.78 -5.61 14.38
C SER A 102 -19.66 -7.13 14.50
N ASP A 103 -19.23 -7.59 15.66
CA ASP A 103 -19.07 -9.03 15.90
C ASP A 103 -19.83 -9.45 17.16
N ASP A 104 -19.96 -10.76 17.35
CA ASP A 104 -20.66 -11.29 18.51
C ASP A 104 -20.02 -12.59 18.99
N ALA A 105 -20.52 -13.13 20.10
CA ALA A 105 -19.99 -14.36 20.65
C ALA A 105 -20.43 -15.57 19.82
N GLY A 1 4.28 11.22 -22.57
CA GLY A 1 5.31 10.23 -22.80
C GLY A 1 6.06 10.46 -24.11
N SER A 2 7.38 10.59 -24.03
CA SER A 2 8.19 10.82 -25.22
C SER A 2 8.79 9.50 -25.70
N SER A 3 8.90 9.37 -27.02
CA SER A 3 9.46 8.15 -27.62
C SER A 3 10.94 8.04 -27.30
N GLY A 4 11.34 6.88 -26.79
CA GLY A 4 12.74 6.65 -26.45
C GLY A 4 13.01 5.23 -26.01
N SER A 5 14.06 4.62 -26.56
CA SER A 5 14.41 3.26 -26.22
C SER A 5 14.55 3.08 -24.71
N SER A 6 15.50 3.81 -24.13
CA SER A 6 15.74 3.74 -22.69
C SER A 6 14.42 3.63 -21.93
N GLY A 7 13.42 4.40 -22.35
CA GLY A 7 12.13 4.37 -21.68
C GLY A 7 12.10 5.19 -20.42
N GLU A 8 11.14 6.10 -20.33
CA GLU A 8 11.01 6.96 -19.15
C GLU A 8 9.95 6.40 -18.19
N GLY A 9 10.38 6.06 -16.98
CA GLY A 9 9.46 5.53 -16.00
C GLY A 9 9.92 5.80 -14.58
N GLY A 10 8.99 5.70 -13.63
CA GLY A 10 9.33 5.94 -12.23
C GLY A 10 8.11 5.84 -11.33
N ALA A 11 7.82 6.94 -10.62
CA ALA A 11 6.68 6.97 -9.71
C ALA A 11 5.37 7.12 -10.48
N HIS A 12 5.20 8.27 -11.13
CA HIS A 12 3.99 8.54 -11.90
C HIS A 12 3.52 7.29 -12.62
N LYS A 13 4.45 6.40 -12.94
CA LYS A 13 4.14 5.16 -13.64
C LYS A 13 3.95 4.01 -12.65
N VAL A 14 3.36 4.32 -11.50
CA VAL A 14 3.12 3.31 -10.47
C VAL A 14 1.77 3.52 -9.80
N ARG A 15 0.89 2.53 -9.93
CA ARG A 15 -0.44 2.61 -9.33
C ARG A 15 -0.69 1.42 -8.41
N ALA A 16 -1.62 1.60 -7.47
CA ALA A 16 -1.95 0.54 -6.52
C ALA A 16 -3.46 0.35 -6.43
N GLY A 17 -3.89 -0.91 -6.40
CA GLY A 17 -5.31 -1.21 -6.32
C GLY A 17 -5.57 -2.65 -5.97
N GLY A 18 -6.61 -2.89 -5.16
CA GLY A 18 -6.95 -4.24 -4.77
C GLY A 18 -7.71 -4.28 -3.44
N PRO A 19 -7.95 -5.50 -2.94
CA PRO A 19 -8.67 -5.71 -1.68
C PRO A 19 -7.87 -5.25 -0.47
N GLY A 20 -8.27 -4.15 0.13
CA GLY A 20 -7.57 -3.63 1.29
C GLY A 20 -7.54 -2.11 1.33
N LEU A 21 -7.38 -1.50 0.16
CA LEU A 21 -7.32 -0.04 0.06
C LEU A 21 -8.73 0.55 0.13
N GLU A 22 -9.69 -0.13 -0.48
CA GLU A 22 -11.07 0.33 -0.50
C GLU A 22 -11.55 0.66 0.91
N ARG A 23 -11.50 -0.35 1.79
CA ARG A 23 -11.93 -0.17 3.17
C ARG A 23 -11.36 -1.28 4.06
N GLY A 24 -10.94 -0.90 5.26
CA GLY A 24 -10.38 -1.87 6.19
C GLY A 24 -11.26 -2.08 7.40
N GLU A 25 -10.80 -2.94 8.32
CA GLU A 25 -11.56 -3.23 9.53
C GLU A 25 -10.62 -3.40 10.72
N ALA A 26 -10.81 -2.55 11.73
CA ALA A 26 -9.98 -2.61 12.93
C ALA A 26 -9.93 -4.02 13.49
N GLY A 27 -8.71 -4.54 13.67
CA GLY A 27 -8.55 -5.88 14.20
C GLY A 27 -8.33 -6.91 13.11
N VAL A 28 -8.87 -6.66 11.94
CA VAL A 28 -8.73 -7.57 10.81
C VAL A 28 -7.58 -7.15 9.90
N PRO A 29 -6.76 -8.13 9.49
CA PRO A 29 -5.61 -7.88 8.61
C PRO A 29 -6.03 -7.50 7.20
N ALA A 30 -5.69 -6.29 6.79
CA ALA A 30 -6.03 -5.81 5.45
C ALA A 30 -4.81 -5.82 4.54
N GLU A 31 -4.72 -6.84 3.68
CA GLU A 31 -3.61 -6.96 2.76
C GLU A 31 -4.07 -6.76 1.31
N PHE A 32 -3.25 -6.10 0.53
CA PHE A 32 -3.57 -5.84 -0.88
C PHE A 32 -2.40 -6.22 -1.79
N SER A 33 -2.60 -6.05 -3.09
CA SER A 33 -1.57 -6.38 -4.07
C SER A 33 -1.20 -5.16 -4.90
N ILE A 34 0.09 -4.96 -5.14
CA ILE A 34 0.56 -3.84 -5.92
C ILE A 34 1.09 -4.30 -7.28
N TRP A 35 0.72 -3.58 -8.33
CA TRP A 35 1.16 -3.91 -9.68
C TRP A 35 1.89 -2.74 -10.33
N THR A 36 3.05 -3.02 -10.90
CA THR A 36 3.85 -1.99 -11.56
C THR A 36 3.64 -2.00 -13.07
N ARG A 37 3.31 -0.84 -13.62
CA ARG A 37 3.09 -0.72 -15.06
C ARG A 37 4.22 0.05 -15.73
N GLU A 38 5.06 -0.66 -16.46
CA GLU A 38 6.19 -0.05 -17.16
C GLU A 38 6.87 0.98 -16.26
N ALA A 39 7.20 0.57 -15.04
CA ALA A 39 7.87 1.44 -14.09
C ALA A 39 9.38 1.38 -14.24
N GLY A 40 9.94 0.18 -14.13
CA GLY A 40 11.38 0.02 -14.27
C GLY A 40 12.00 -0.62 -13.04
N ALA A 41 12.87 0.13 -12.37
CA ALA A 41 13.53 -0.36 -11.17
C ALA A 41 13.40 0.62 -10.02
N GLY A 42 12.76 0.18 -8.94
CA GLY A 42 12.57 1.03 -7.78
C GLY A 42 12.14 0.26 -6.54
N GLY A 43 11.98 0.97 -5.43
CA GLY A 43 11.57 0.33 -4.20
C GLY A 43 10.25 0.85 -3.68
N LEU A 44 9.44 -0.03 -3.11
CA LEU A 44 8.15 0.35 -2.57
C LEU A 44 8.17 0.38 -1.04
N SER A 45 8.05 1.57 -0.48
CA SER A 45 8.06 1.74 0.97
C SER A 45 6.67 2.09 1.49
N ILE A 46 6.07 1.16 2.22
CA ILE A 46 4.73 1.36 2.77
C ILE A 46 4.81 1.86 4.21
N ALA A 47 4.00 2.87 4.53
CA ALA A 47 3.97 3.43 5.88
C ALA A 47 2.55 3.74 6.31
N VAL A 48 2.06 3.02 7.31
CA VAL A 48 0.71 3.23 7.81
C VAL A 48 0.71 4.15 9.03
N GLU A 49 0.26 5.38 8.83
CA GLU A 49 0.20 6.36 9.92
C GLU A 49 -1.23 6.79 10.19
N GLY A 50 -1.68 6.57 11.42
CA GLY A 50 -3.04 6.94 11.79
C GLY A 50 -3.15 7.37 13.25
N PRO A 51 -4.36 7.29 13.80
CA PRO A 51 -4.63 7.66 15.19
C PRO A 51 -4.02 6.67 16.18
N SER A 52 -3.83 5.43 15.74
CA SER A 52 -3.26 4.39 16.58
C SER A 52 -2.21 3.59 15.82
N LYS A 53 -1.40 2.84 16.56
CA LYS A 53 -0.35 2.03 15.96
C LYS A 53 -0.94 0.90 15.14
N ALA A 54 -0.36 0.65 13.97
CA ALA A 54 -0.84 -0.40 13.09
C ALA A 54 0.30 -1.36 12.72
N GLU A 55 0.02 -2.66 12.78
CA GLU A 55 1.02 -3.67 12.45
C GLU A 55 1.24 -3.74 10.94
N ILE A 56 2.46 -4.10 10.55
CA ILE A 56 2.80 -4.20 9.14
C ILE A 56 3.74 -5.38 8.90
N THR A 57 3.39 -6.23 7.92
CA THR A 57 4.20 -7.39 7.59
C THR A 57 4.52 -7.43 6.09
N PHE A 58 5.77 -7.13 5.75
CA PHE A 58 6.20 -7.13 4.37
C PHE A 58 7.16 -8.29 4.09
N ASP A 59 6.70 -9.24 3.28
CA ASP A 59 7.52 -10.40 2.95
C ASP A 59 7.84 -10.41 1.45
N ASP A 60 9.05 -10.85 1.12
CA ASP A 60 9.48 -10.91 -0.28
C ASP A 60 9.19 -12.29 -0.87
N HIS A 61 8.01 -12.44 -1.45
CA HIS A 61 7.61 -13.70 -2.06
C HIS A 61 6.45 -13.51 -3.03
N LYS A 62 6.27 -14.46 -3.93
CA LYS A 62 5.19 -14.39 -4.91
C LYS A 62 3.94 -13.75 -4.31
N ASN A 63 3.55 -12.59 -4.86
CA ASN A 63 2.37 -11.88 -4.37
C ASN A 63 1.13 -12.32 -5.13
N GLY A 64 1.14 -13.56 -5.62
CA GLY A 64 0.00 -14.08 -6.35
C GLY A 64 -1.33 -13.63 -5.75
N SER A 65 -1.66 -14.19 -4.59
CA SER A 65 -2.92 -13.86 -3.92
C SER A 65 -2.79 -12.52 -3.18
N CYS A 66 -1.78 -12.43 -2.32
CA CYS A 66 -1.55 -11.22 -1.55
C CYS A 66 -0.07 -11.06 -1.21
N GLY A 67 0.26 -9.98 -0.50
CA GLY A 67 1.64 -9.73 -0.13
C GLY A 67 1.76 -8.96 1.16
N VAL A 68 1.54 -7.65 1.10
CA VAL A 68 1.63 -6.79 2.27
C VAL A 68 0.36 -6.87 3.11
N SER A 69 0.52 -6.91 4.43
CA SER A 69 -0.61 -6.99 5.34
C SER A 69 -0.45 -6.02 6.50
N TYR A 70 -1.58 -5.55 7.04
CA TYR A 70 -1.56 -4.62 8.14
C TYR A 70 -2.85 -4.71 8.96
N ILE A 71 -2.72 -4.55 10.28
CA ILE A 71 -3.87 -4.61 11.17
C ILE A 71 -3.98 -3.36 12.02
N ALA A 72 -5.22 -2.93 12.29
CA ALA A 72 -5.45 -1.75 13.10
C ALA A 72 -6.27 -2.09 14.34
N GLN A 73 -5.58 -2.21 15.47
CA GLN A 73 -6.23 -2.54 16.73
C GLN A 73 -7.44 -1.62 16.97
N GLU A 74 -7.27 -0.34 16.64
CA GLU A 74 -8.35 0.63 16.82
C GLU A 74 -8.80 1.19 15.48
N PRO A 75 -10.11 1.44 15.36
CA PRO A 75 -10.71 1.99 14.14
C PRO A 75 -10.31 3.44 13.88
N GLY A 76 -10.40 3.87 12.63
CA GLY A 76 -10.04 5.22 12.27
C GLY A 76 -9.55 5.34 10.85
N ASN A 77 -9.23 6.56 10.44
CA ASN A 77 -8.75 6.82 9.08
C ASN A 77 -7.24 6.69 9.01
N TYR A 78 -6.76 5.54 8.54
CA TYR A 78 -5.33 5.30 8.42
C TYR A 78 -4.81 5.75 7.06
N GLU A 79 -3.77 6.58 7.08
CA GLU A 79 -3.17 7.08 5.85
C GLU A 79 -1.89 6.33 5.52
N VAL A 80 -1.93 5.52 4.47
CA VAL A 80 -0.76 4.75 4.05
C VAL A 80 0.07 5.53 3.04
N SER A 81 1.25 5.99 3.48
CA SER A 81 2.14 6.75 2.61
C SER A 81 3.05 5.82 1.83
N ILE A 82 2.90 5.83 0.50
CA ILE A 82 3.71 4.99 -0.36
C ILE A 82 4.68 5.83 -1.19
N LYS A 83 5.95 5.44 -1.19
CA LYS A 83 6.97 6.15 -1.94
C LYS A 83 7.77 5.19 -2.82
N PHE A 84 7.68 5.38 -4.13
CA PHE A 84 8.38 4.54 -5.08
C PHE A 84 9.72 5.16 -5.48
N ASN A 85 10.78 4.37 -5.41
CA ASN A 85 12.12 4.84 -5.75
C ASN A 85 12.38 6.20 -5.13
N ASP A 86 11.82 6.44 -3.95
CA ASP A 86 12.00 7.72 -3.26
C ASP A 86 11.20 8.82 -3.93
N GLU A 87 9.96 8.51 -4.29
CA GLU A 87 9.09 9.48 -4.95
C GLU A 87 7.64 9.29 -4.52
N HIS A 88 6.93 10.40 -4.36
CA HIS A 88 5.53 10.36 -3.95
C HIS A 88 4.62 10.26 -5.16
N ILE A 89 4.19 9.03 -5.48
CA ILE A 89 3.30 8.81 -6.62
C ILE A 89 2.05 9.67 -6.52
N PRO A 90 1.42 9.92 -7.67
CA PRO A 90 0.20 10.73 -7.74
C PRO A 90 -1.00 10.02 -7.12
N GLU A 91 -0.76 8.85 -6.54
CA GLU A 91 -1.82 8.08 -5.92
C GLU A 91 -1.61 7.99 -4.40
N SER A 92 -0.41 8.35 -3.96
CA SER A 92 -0.08 8.30 -2.54
C SER A 92 0.12 9.71 -1.99
N PRO A 93 -0.06 9.86 -0.66
CA PRO A 93 -0.45 8.74 0.22
C PRO A 93 -1.88 8.28 -0.04
N TYR A 94 -2.27 7.19 0.62
CA TYR A 94 -3.61 6.64 0.47
C TYR A 94 -4.40 6.76 1.76
N LEU A 95 -5.71 6.88 1.63
CA LEU A 95 -6.59 7.02 2.79
C LEU A 95 -7.60 5.88 2.85
N VAL A 96 -7.48 5.02 3.85
CA VAL A 96 -8.38 3.90 4.02
C VAL A 96 -9.14 3.99 5.35
N PRO A 97 -10.45 4.24 5.25
CA PRO A 97 -11.32 4.36 6.43
C PRO A 97 -11.53 3.02 7.13
N VAL A 98 -10.87 2.85 8.27
CA VAL A 98 -10.98 1.62 9.04
C VAL A 98 -12.04 1.74 10.12
N ILE A 99 -12.93 0.74 10.19
CA ILE A 99 -14.00 0.74 11.18
C ILE A 99 -13.96 -0.53 12.02
N ALA A 100 -14.51 -0.45 13.23
CA ALA A 100 -14.54 -1.60 14.13
C ALA A 100 -15.69 -2.53 13.78
N PRO A 101 -15.35 -3.77 13.37
CA PRO A 101 -16.33 -4.78 12.99
C PRO A 101 -17.13 -5.30 14.19
N SER A 102 -18.44 -5.20 14.11
CA SER A 102 -19.31 -5.65 15.20
C SER A 102 -19.97 -6.97 14.85
N ASP A 103 -20.04 -7.87 15.82
CA ASP A 103 -20.65 -9.18 15.62
C ASP A 103 -21.92 -9.32 16.45
N ASP A 104 -23.05 -9.52 15.78
CA ASP A 104 -24.34 -9.68 16.46
C ASP A 104 -24.47 -11.07 17.06
N ALA A 105 -24.11 -12.08 16.28
CA ALA A 105 -24.18 -13.47 16.74
C ALA A 105 -23.02 -13.80 17.67
N GLY A 1 16.53 -1.67 -25.82
CA GLY A 1 16.64 -0.72 -24.71
C GLY A 1 18.08 -0.42 -24.35
N SER A 2 18.26 0.54 -23.46
CA SER A 2 19.60 0.94 -23.03
C SER A 2 19.67 1.04 -21.50
N SER A 3 20.87 0.82 -20.96
CA SER A 3 21.07 0.89 -19.52
C SER A 3 21.88 2.12 -19.15
N GLY A 4 21.94 2.41 -17.85
CA GLY A 4 22.68 3.56 -17.37
C GLY A 4 21.79 4.62 -16.76
N SER A 5 21.74 5.78 -17.39
CA SER A 5 20.91 6.89 -16.91
C SER A 5 19.88 7.29 -17.96
N SER A 6 19.31 6.30 -18.64
CA SER A 6 18.31 6.56 -19.66
C SER A 6 17.19 5.52 -19.62
N GLY A 7 15.99 5.97 -19.27
CA GLY A 7 14.86 5.06 -19.20
C GLY A 7 13.56 5.78 -18.88
N GLU A 8 12.50 5.43 -19.60
CA GLU A 8 11.19 6.05 -19.39
C GLU A 8 10.37 5.27 -18.37
N GLY A 9 9.83 5.97 -17.39
CA GLY A 9 9.04 5.33 -16.36
C GLY A 9 9.53 5.65 -14.96
N GLY A 10 8.61 5.67 -14.00
CA GLY A 10 8.97 5.96 -12.63
C GLY A 10 7.81 5.80 -11.67
N ALA A 11 7.70 6.71 -10.72
CA ALA A 11 6.62 6.66 -9.74
C ALA A 11 5.26 6.83 -10.41
N HIS A 12 5.03 7.99 -11.01
CA HIS A 12 3.77 8.27 -11.69
C HIS A 12 3.26 7.03 -12.43
N LYS A 13 4.20 6.17 -12.82
CA LYS A 13 3.85 4.95 -13.54
C LYS A 13 3.72 3.77 -12.59
N VAL A 14 3.07 4.01 -11.45
CA VAL A 14 2.86 2.97 -10.45
C VAL A 14 1.46 3.05 -9.85
N ARG A 15 0.66 2.02 -10.12
CA ARG A 15 -0.70 1.97 -9.61
C ARG A 15 -0.81 1.00 -8.44
N ALA A 16 -1.72 1.30 -7.52
CA ALA A 16 -1.93 0.45 -6.35
C ALA A 16 -3.41 0.30 -6.03
N GLY A 17 -3.93 -0.91 -6.19
CA GLY A 17 -5.33 -1.16 -5.91
C GLY A 17 -5.55 -2.38 -5.04
N GLY A 18 -6.81 -2.71 -4.77
CA GLY A 18 -7.12 -3.87 -3.96
C GLY A 18 -8.30 -3.62 -3.03
N PRO A 19 -8.91 -4.71 -2.55
CA PRO A 19 -10.07 -4.64 -1.65
C PRO A 19 -9.69 -4.13 -0.27
N GLY A 20 -8.39 -3.93 -0.06
CA GLY A 20 -7.91 -3.45 1.23
C GLY A 20 -7.78 -1.94 1.28
N LEU A 21 -7.54 -1.34 0.12
CA LEU A 21 -7.40 0.11 0.02
C LEU A 21 -8.74 0.82 0.18
N GLU A 22 -9.76 0.26 -0.48
CA GLU A 22 -11.11 0.84 -0.41
C GLU A 22 -11.47 1.20 1.03
N ARG A 23 -11.43 0.21 1.91
CA ARG A 23 -11.76 0.42 3.32
C ARG A 23 -10.90 -0.45 4.21
N GLY A 24 -11.11 -0.33 5.52
CA GLY A 24 -10.34 -1.12 6.48
C GLY A 24 -11.17 -1.55 7.67
N GLU A 25 -10.66 -2.52 8.42
CA GLU A 25 -11.36 -3.02 9.59
C GLU A 25 -10.42 -3.09 10.80
N ALA A 26 -10.96 -2.80 11.98
CA ALA A 26 -10.18 -2.83 13.21
C ALA A 26 -9.89 -4.27 13.64
N GLY A 27 -8.61 -4.58 13.86
CA GLY A 27 -8.23 -5.91 14.27
C GLY A 27 -8.35 -6.93 13.14
N VAL A 28 -8.36 -6.44 11.91
CA VAL A 28 -8.46 -7.30 10.74
C VAL A 28 -7.33 -7.05 9.76
N PRO A 29 -6.59 -8.12 9.43
CA PRO A 29 -5.46 -8.04 8.49
C PRO A 29 -5.91 -7.79 7.06
N ALA A 30 -5.64 -6.58 6.57
CA ALA A 30 -6.01 -6.21 5.21
C ALA A 30 -4.83 -6.32 4.26
N GLU A 31 -4.85 -7.35 3.42
CA GLU A 31 -3.77 -7.57 2.45
C GLU A 31 -4.07 -6.87 1.13
N PHE A 32 -3.02 -6.48 0.43
CA PHE A 32 -3.16 -5.80 -0.86
C PHE A 32 -1.88 -5.90 -1.68
N SER A 33 -2.01 -6.31 -2.93
CA SER A 33 -0.87 -6.46 -3.82
C SER A 33 -0.70 -5.22 -4.69
N ILE A 34 0.53 -5.00 -5.17
CA ILE A 34 0.82 -3.86 -6.01
C ILE A 34 1.40 -4.30 -7.35
N TRP A 35 0.77 -3.86 -8.43
CA TRP A 35 1.22 -4.21 -9.78
C TRP A 35 2.15 -3.14 -10.33
N THR A 36 3.41 -3.50 -10.54
CA THR A 36 4.40 -2.58 -11.06
C THR A 36 5.07 -3.13 -12.32
N ARG A 37 4.28 -3.77 -13.17
CA ARG A 37 4.79 -4.34 -14.41
C ARG A 37 5.38 -3.27 -15.31
N GLU A 38 4.58 -2.24 -15.59
CA GLU A 38 5.03 -1.14 -16.43
C GLU A 38 5.80 -0.11 -15.63
N ALA A 39 7.13 -0.27 -15.58
CA ALA A 39 7.98 0.64 -14.84
C ALA A 39 9.45 0.30 -15.04
N GLY A 40 10.25 1.30 -15.38
CA GLY A 40 11.67 1.09 -15.59
C GLY A 40 12.49 1.35 -14.35
N ALA A 41 12.08 0.76 -13.23
CA ALA A 41 12.79 0.93 -11.97
C ALA A 41 12.19 0.04 -10.88
N GLY A 42 12.96 -0.16 -9.81
CA GLY A 42 12.49 -0.99 -8.72
C GLY A 42 12.61 -0.31 -7.37
N GLY A 43 11.47 -0.09 -6.72
CA GLY A 43 11.47 0.57 -5.42
C GLY A 43 10.07 0.84 -4.91
N LEU A 44 9.78 0.37 -3.71
CA LEU A 44 8.47 0.57 -3.10
C LEU A 44 8.59 0.81 -1.60
N SER A 45 7.59 1.48 -1.03
CA SER A 45 7.59 1.78 0.40
C SER A 45 6.16 1.97 0.91
N ILE A 46 5.94 1.60 2.17
CA ILE A 46 4.62 1.73 2.78
C ILE A 46 4.73 2.19 4.23
N ALA A 47 3.82 3.07 4.65
CA ALA A 47 3.81 3.57 6.01
C ALA A 47 2.39 3.86 6.48
N VAL A 48 1.90 3.04 7.40
CA VAL A 48 0.55 3.21 7.94
C VAL A 48 0.56 4.09 9.17
N GLU A 49 -0.13 5.21 9.10
CA GLU A 49 -0.21 6.15 10.22
C GLU A 49 -1.66 6.52 10.52
N GLY A 50 -1.95 6.78 11.79
CA GLY A 50 -3.30 7.15 12.19
C GLY A 50 -3.41 7.43 13.68
N PRO A 51 -4.63 7.32 14.21
CA PRO A 51 -4.89 7.56 15.63
C PRO A 51 -4.29 6.47 16.52
N SER A 52 -3.86 5.38 15.91
CA SER A 52 -3.27 4.28 16.65
C SER A 52 -2.20 3.58 15.81
N LYS A 53 -1.48 2.65 16.44
CA LYS A 53 -0.42 1.91 15.77
C LYS A 53 -1.01 0.83 14.85
N ALA A 54 -0.30 0.54 13.77
CA ALA A 54 -0.75 -0.49 12.83
C ALA A 54 0.39 -1.41 12.44
N GLU A 55 0.17 -2.72 12.60
CA GLU A 55 1.18 -3.71 12.28
C GLU A 55 1.41 -3.78 10.77
N ILE A 56 2.64 -4.12 10.37
CA ILE A 56 2.98 -4.22 8.96
C ILE A 56 3.94 -5.39 8.70
N THR A 57 3.54 -6.26 7.79
CA THR A 57 4.38 -7.42 7.45
C THR A 57 4.71 -7.44 5.97
N PHE A 58 5.94 -7.03 5.64
CA PHE A 58 6.39 -7.00 4.26
C PHE A 58 7.48 -8.05 4.01
N ASP A 59 7.07 -9.21 3.50
CA ASP A 59 8.02 -10.29 3.23
C ASP A 59 8.01 -10.64 1.75
N ASP A 60 9.19 -10.69 1.15
CA ASP A 60 9.33 -11.01 -0.26
C ASP A 60 9.95 -12.40 -0.45
N HIS A 61 9.12 -13.36 -0.82
CA HIS A 61 9.58 -14.73 -1.03
C HIS A 61 9.68 -15.06 -2.53
N LYS A 62 10.65 -15.90 -2.88
CA LYS A 62 10.85 -16.29 -4.27
C LYS A 62 9.94 -17.46 -4.64
N ASN A 63 9.63 -18.30 -3.66
CA ASN A 63 8.77 -19.45 -3.90
C ASN A 63 7.32 -19.02 -4.05
N GLY A 64 7.02 -17.81 -3.61
CA GLY A 64 5.65 -17.31 -3.71
C GLY A 64 5.34 -16.28 -2.64
N SER A 65 5.80 -15.05 -2.85
CA SER A 65 5.56 -13.98 -1.89
C SER A 65 4.09 -13.90 -1.51
N CYS A 66 3.82 -13.50 -0.27
CA CYS A 66 2.45 -13.38 0.22
C CYS A 66 1.84 -12.03 -0.17
N GLY A 67 2.51 -10.95 0.23
CA GLY A 67 2.04 -9.62 -0.08
C GLY A 67 2.20 -8.66 1.08
N VAL A 68 1.54 -7.51 0.98
CA VAL A 68 1.62 -6.50 2.03
C VAL A 68 0.35 -6.46 2.86
N SER A 69 0.46 -6.82 4.14
CA SER A 69 -0.69 -6.82 5.03
C SER A 69 -0.52 -5.80 6.16
N TYR A 70 -1.62 -5.43 6.80
CA TYR A 70 -1.58 -4.47 7.88
C TYR A 70 -2.79 -4.65 8.80
N ILE A 71 -2.60 -4.34 10.08
CA ILE A 71 -3.67 -4.46 11.06
C ILE A 71 -3.72 -3.24 11.97
N ALA A 72 -4.93 -2.75 12.23
CA ALA A 72 -5.12 -1.59 13.08
C ALA A 72 -6.01 -1.92 14.28
N GLN A 73 -5.37 -2.17 15.42
CA GLN A 73 -6.09 -2.50 16.64
C GLN A 73 -7.39 -1.70 16.74
N GLU A 74 -7.26 -0.38 16.66
CA GLU A 74 -8.42 0.51 16.75
C GLU A 74 -8.77 1.08 15.38
N PRO A 75 -10.07 1.30 15.15
CA PRO A 75 -10.56 1.85 13.88
C PRO A 75 -10.19 3.31 13.69
N GLY A 76 -10.44 3.83 12.50
CA GLY A 76 -10.11 5.22 12.21
C GLY A 76 -9.59 5.42 10.80
N ASN A 77 -9.25 6.65 10.46
CA ASN A 77 -8.74 6.98 9.14
C ASN A 77 -7.22 6.84 9.10
N TYR A 78 -6.75 5.69 8.63
CA TYR A 78 -5.32 5.43 8.54
C TYR A 78 -4.77 5.88 7.19
N GLU A 79 -3.81 6.81 7.24
CA GLU A 79 -3.19 7.34 6.03
C GLU A 79 -1.93 6.57 5.68
N VAL A 80 -2.03 5.66 4.72
CA VAL A 80 -0.89 4.86 4.29
C VAL A 80 -0.06 5.60 3.26
N SER A 81 1.12 6.07 3.67
CA SER A 81 2.01 6.79 2.79
C SER A 81 2.88 5.85 1.98
N ILE A 82 2.68 5.82 0.67
CA ILE A 82 3.45 4.95 -0.21
C ILE A 82 4.47 5.74 -1.02
N LYS A 83 5.57 5.10 -1.36
CA LYS A 83 6.63 5.75 -2.14
C LYS A 83 7.32 4.74 -3.05
N PHE A 84 7.47 5.11 -4.32
CA PHE A 84 8.12 4.24 -5.29
C PHE A 84 9.50 4.78 -5.67
N ASN A 85 10.55 4.05 -5.31
CA ASN A 85 11.91 4.45 -5.61
C ASN A 85 12.22 5.81 -4.99
N ASP A 86 11.82 6.00 -3.74
CA ASP A 86 12.05 7.25 -3.03
C ASP A 86 11.32 8.41 -3.72
N GLU A 87 10.11 8.14 -4.19
CA GLU A 87 9.31 9.16 -4.86
C GLU A 87 7.83 8.99 -4.53
N HIS A 88 7.15 10.11 -4.31
CA HIS A 88 5.72 10.09 -3.98
C HIS A 88 4.88 9.98 -5.24
N ILE A 89 4.02 8.97 -5.28
CA ILE A 89 3.14 8.76 -6.43
C ILE A 89 1.88 9.62 -6.35
N PRO A 90 1.22 9.82 -7.49
CA PRO A 90 -0.01 10.62 -7.57
C PRO A 90 -1.19 9.93 -6.90
N GLU A 91 -0.94 8.75 -6.34
CA GLU A 91 -1.98 7.98 -5.67
C GLU A 91 -1.69 7.86 -4.18
N SER A 92 -0.62 8.51 -3.73
CA SER A 92 -0.23 8.46 -2.33
C SER A 92 0.02 9.86 -1.79
N PRO A 93 -0.13 10.02 -0.47
CA PRO A 93 -0.52 8.92 0.43
C PRO A 93 -1.96 8.48 0.21
N TYR A 94 -2.30 7.32 0.76
CA TYR A 94 -3.65 6.78 0.63
C TYR A 94 -4.43 6.95 1.94
N LEU A 95 -5.75 7.09 1.81
CA LEU A 95 -6.61 7.26 2.98
C LEU A 95 -7.64 6.14 3.06
N VAL A 96 -7.41 5.19 3.97
CA VAL A 96 -8.32 4.06 4.14
C VAL A 96 -9.04 4.15 5.49
N PRO A 97 -10.32 4.56 5.46
CA PRO A 97 -11.14 4.69 6.65
C PRO A 97 -11.50 3.34 7.27
N VAL A 98 -10.75 2.93 8.29
CA VAL A 98 -10.98 1.66 8.95
C VAL A 98 -12.14 1.77 9.94
N ILE A 99 -13.00 0.76 9.94
CA ILE A 99 -14.15 0.73 10.83
C ILE A 99 -14.16 -0.53 11.69
N ALA A 100 -14.81 -0.45 12.84
CA ALA A 100 -14.89 -1.59 13.75
C ALA A 100 -15.97 -2.57 13.29
N PRO A 101 -15.54 -3.79 12.93
CA PRO A 101 -16.45 -4.85 12.46
C PRO A 101 -17.33 -5.38 13.59
N SER A 102 -18.64 -5.31 13.40
CA SER A 102 -19.59 -5.79 14.39
C SER A 102 -19.05 -5.56 15.80
N ASP A 103 -18.40 -4.42 16.01
CA ASP A 103 -17.85 -4.08 17.31
C ASP A 103 -18.56 -2.88 17.92
N ASP A 104 -19.25 -3.12 19.03
CA ASP A 104 -19.98 -2.05 19.71
C ASP A 104 -19.94 -2.24 21.22
N ALA A 105 -20.31 -1.20 21.95
CA ALA A 105 -20.31 -1.25 23.41
C ALA A 105 -21.65 -1.77 23.95
N GLY A 1 14.34 -6.87 -26.16
CA GLY A 1 15.56 -6.57 -26.89
C GLY A 1 16.80 -6.72 -26.04
N SER A 2 17.88 -7.22 -26.65
CA SER A 2 19.13 -7.42 -25.92
C SER A 2 19.67 -6.10 -25.39
N SER A 3 19.70 -5.08 -26.26
CA SER A 3 20.20 -3.77 -25.88
C SER A 3 19.31 -3.14 -24.81
N GLY A 4 18.03 -2.95 -25.15
CA GLY A 4 17.10 -2.36 -24.22
C GLY A 4 16.21 -1.32 -24.86
N SER A 5 14.90 -1.57 -24.83
CA SER A 5 13.94 -0.64 -25.42
C SER A 5 13.96 0.71 -24.70
N SER A 6 13.51 1.75 -25.39
CA SER A 6 13.47 3.09 -24.81
C SER A 6 12.15 3.34 -24.10
N GLY A 7 12.18 3.37 -22.79
CA GLY A 7 10.98 3.61 -22.01
C GLY A 7 11.20 4.57 -20.87
N GLU A 8 10.34 5.57 -20.75
CA GLU A 8 10.45 6.56 -19.69
C GLU A 8 9.33 6.39 -18.65
N GLY A 9 9.66 5.79 -17.52
CA GLY A 9 8.68 5.57 -16.49
C GLY A 9 9.17 6.02 -15.11
N GLY A 10 8.34 5.82 -14.09
CA GLY A 10 8.71 6.22 -12.75
C GLY A 10 7.60 5.97 -11.74
N ALA A 11 7.31 6.98 -10.93
CA ALA A 11 6.26 6.87 -9.93
C ALA A 11 4.88 6.96 -10.55
N HIS A 12 4.60 8.11 -11.18
CA HIS A 12 3.31 8.33 -11.82
C HIS A 12 2.84 7.07 -12.54
N LYS A 13 3.79 6.24 -12.95
CA LYS A 13 3.48 5.00 -13.66
C LYS A 13 3.02 3.92 -12.68
N VAL A 14 3.74 3.80 -11.56
CA VAL A 14 3.42 2.81 -10.55
C VAL A 14 1.95 2.92 -10.12
N ARG A 15 1.37 1.80 -9.72
CA ARG A 15 -0.02 1.77 -9.28
C ARG A 15 -0.19 0.87 -8.06
N ALA A 16 -1.37 0.94 -7.44
CA ALA A 16 -1.66 0.13 -6.28
C ALA A 16 -2.78 -0.87 -6.56
N GLY A 17 -2.89 -1.89 -5.71
CA GLY A 17 -3.92 -2.89 -5.89
C GLY A 17 -5.30 -2.29 -5.97
N GLY A 18 -6.32 -3.15 -6.06
CA GLY A 18 -7.69 -2.67 -6.15
C GLY A 18 -8.31 -2.45 -4.79
N PRO A 19 -8.98 -3.48 -4.26
CA PRO A 19 -9.64 -3.41 -2.95
C PRO A 19 -8.64 -3.34 -1.80
N GLY A 20 -9.15 -3.30 -0.58
CA GLY A 20 -8.29 -3.23 0.59
C GLY A 20 -7.77 -1.83 0.86
N LEU A 21 -7.84 -0.98 -0.17
CA LEU A 21 -7.38 0.40 -0.04
C LEU A 21 -8.56 1.36 0.03
N GLU A 22 -9.75 0.86 -0.26
CA GLU A 22 -10.95 1.67 -0.23
C GLU A 22 -11.51 1.78 1.18
N ARG A 23 -11.57 0.64 1.87
CA ARG A 23 -12.09 0.60 3.24
C ARG A 23 -11.30 -0.40 4.08
N GLY A 24 -11.27 -0.16 5.39
CA GLY A 24 -10.54 -1.05 6.29
C GLY A 24 -11.34 -1.37 7.55
N GLU A 25 -10.79 -2.23 8.39
CA GLU A 25 -11.46 -2.62 9.63
C GLU A 25 -10.46 -2.69 10.78
N ALA A 26 -10.95 -2.54 11.99
CA ALA A 26 -10.11 -2.59 13.18
C ALA A 26 -9.87 -4.03 13.63
N GLY A 27 -8.61 -4.46 13.54
CA GLY A 27 -8.28 -5.81 13.94
C GLY A 27 -8.42 -6.80 12.80
N VAL A 28 -8.59 -6.28 11.59
CA VAL A 28 -8.74 -7.14 10.42
C VAL A 28 -7.58 -6.94 9.44
N PRO A 29 -6.89 -8.04 9.12
CA PRO A 29 -5.75 -8.02 8.19
C PRO A 29 -6.17 -7.74 6.75
N ALA A 30 -5.68 -6.64 6.20
CA ALA A 30 -6.01 -6.26 4.82
C ALA A 30 -4.77 -6.28 3.93
N GLU A 31 -4.73 -7.25 3.02
CA GLU A 31 -3.59 -7.39 2.11
C GLU A 31 -3.96 -6.88 0.72
N PHE A 32 -3.03 -6.15 0.10
CA PHE A 32 -3.25 -5.61 -1.23
C PHE A 32 -2.06 -5.92 -2.14
N SER A 33 -2.30 -5.85 -3.45
CA SER A 33 -1.26 -6.13 -4.43
C SER A 33 -0.77 -4.84 -5.08
N ILE A 34 0.50 -4.83 -5.49
CA ILE A 34 1.09 -3.67 -6.13
C ILE A 34 1.67 -4.03 -7.49
N TRP A 35 1.38 -3.20 -8.49
CA TRP A 35 1.87 -3.42 -9.84
C TRP A 35 2.89 -2.36 -10.23
N THR A 36 4.14 -2.79 -10.43
CA THR A 36 5.21 -1.87 -10.80
C THR A 36 5.58 -2.04 -12.26
N ARG A 37 4.60 -1.91 -13.15
CA ARG A 37 4.84 -2.04 -14.58
C ARG A 37 5.34 -0.74 -15.18
N GLU A 38 6.02 -0.84 -16.32
CA GLU A 38 6.55 0.34 -16.99
C GLU A 38 7.07 1.36 -15.99
N ALA A 39 7.63 0.86 -14.89
CA ALA A 39 8.17 1.72 -13.85
C ALA A 39 9.69 1.82 -13.96
N GLY A 40 10.35 0.68 -14.09
CA GLY A 40 11.80 0.67 -14.20
C GLY A 40 12.45 -0.28 -13.21
N ALA A 41 13.24 0.27 -12.30
CA ALA A 41 13.93 -0.53 -11.29
C ALA A 41 14.04 0.22 -9.97
N GLY A 42 13.60 -0.43 -8.90
CA GLY A 42 13.65 0.19 -7.58
C GLY A 42 12.96 -0.63 -6.52
N GLY A 43 12.65 0.00 -5.40
CA GLY A 43 11.98 -0.70 -4.31
C GLY A 43 10.63 -0.11 -3.99
N LEU A 44 10.12 -0.41 -2.80
CA LEU A 44 8.81 0.09 -2.38
C LEU A 44 8.76 0.28 -0.87
N SER A 45 8.54 1.51 -0.43
CA SER A 45 8.48 1.82 0.99
C SER A 45 7.05 2.18 1.40
N ILE A 46 6.56 1.54 2.46
CA ILE A 46 5.21 1.79 2.95
C ILE A 46 5.23 2.09 4.45
N ALA A 47 4.37 3.01 4.87
CA ALA A 47 4.28 3.38 6.28
C ALA A 47 2.85 3.75 6.66
N VAL A 48 2.22 2.91 7.48
CA VAL A 48 0.86 3.16 7.91
C VAL A 48 0.82 4.07 9.13
N GLU A 49 0.12 5.19 9.01
CA GLU A 49 0.00 6.15 10.09
C GLU A 49 -1.46 6.54 10.34
N GLY A 50 -1.93 6.30 11.55
CA GLY A 50 -3.30 6.63 11.90
C GLY A 50 -3.46 7.09 13.33
N PRO A 51 -4.69 6.99 13.86
CA PRO A 51 -4.99 7.41 15.23
C PRO A 51 -4.36 6.47 16.27
N SER A 52 -3.81 5.37 15.80
CA SER A 52 -3.18 4.40 16.68
C SER A 52 -2.07 3.64 15.96
N LYS A 53 -1.45 2.69 16.65
CA LYS A 53 -0.37 1.89 16.09
C LYS A 53 -0.93 0.79 15.20
N ALA A 54 -0.35 0.63 14.02
CA ALA A 54 -0.78 -0.41 13.08
C ALA A 54 0.35 -1.36 12.75
N GLU A 55 0.03 -2.65 12.65
CA GLU A 55 1.03 -3.67 12.34
C GLU A 55 1.30 -3.73 10.84
N ILE A 56 2.52 -4.11 10.48
CA ILE A 56 2.89 -4.21 9.08
C ILE A 56 3.84 -5.39 8.85
N THR A 57 3.40 -6.33 8.01
CA THR A 57 4.20 -7.50 7.71
C THR A 57 4.63 -7.52 6.24
N PHE A 58 5.88 -7.11 5.99
CA PHE A 58 6.41 -7.07 4.64
C PHE A 58 7.33 -8.25 4.38
N ASP A 59 6.78 -9.31 3.80
CA ASP A 59 7.55 -10.51 3.49
C ASP A 59 7.62 -10.74 1.98
N ASP A 60 8.82 -11.03 1.50
CA ASP A 60 9.03 -11.28 0.07
C ASP A 60 9.42 -12.73 -0.18
N HIS A 61 8.44 -13.53 -0.59
CA HIS A 61 8.67 -14.95 -0.86
C HIS A 61 8.66 -15.22 -2.36
N LYS A 62 7.70 -14.62 -3.06
CA LYS A 62 7.58 -14.80 -4.51
C LYS A 62 7.94 -13.51 -5.24
N ASN A 63 8.89 -13.61 -6.18
CA ASN A 63 9.32 -12.46 -6.95
C ASN A 63 8.25 -12.05 -7.96
N GLY A 64 7.45 -13.01 -8.40
CA GLY A 64 6.40 -12.73 -9.36
C GLY A 64 5.46 -11.64 -8.87
N SER A 65 5.01 -11.75 -7.63
CA SER A 65 4.10 -10.77 -7.06
C SER A 65 4.38 -10.57 -5.57
N CYS A 66 4.14 -9.35 -5.10
CA CYS A 66 4.37 -9.03 -3.70
C CYS A 66 3.06 -8.70 -2.98
N GLY A 67 3.07 -8.84 -1.66
CA GLY A 67 1.87 -8.56 -0.89
C GLY A 67 2.18 -7.84 0.41
N VAL A 68 1.36 -6.83 0.74
CA VAL A 68 1.55 -6.06 1.96
C VAL A 68 0.32 -6.16 2.86
N SER A 69 0.54 -6.60 4.09
CA SER A 69 -0.55 -6.73 5.05
C SER A 69 -0.45 -5.69 6.16
N TYR A 70 -1.58 -5.30 6.72
CA TYR A 70 -1.61 -4.31 7.79
C TYR A 70 -2.86 -4.47 8.65
N ILE A 71 -2.66 -4.44 9.96
CA ILE A 71 -3.78 -4.59 10.90
C ILE A 71 -3.87 -3.38 11.82
N ALA A 72 -5.05 -2.76 11.85
CA ALA A 72 -5.28 -1.59 12.70
C ALA A 72 -5.98 -1.98 13.99
N GLN A 73 -5.19 -2.11 15.06
CA GLN A 73 -5.74 -2.49 16.36
C GLN A 73 -6.96 -1.64 16.70
N GLU A 74 -6.88 -0.35 16.43
CA GLU A 74 -7.98 0.56 16.71
C GLU A 74 -8.56 1.12 15.42
N PRO A 75 -9.89 1.31 15.41
CA PRO A 75 -10.61 1.84 14.23
C PRO A 75 -10.29 3.31 13.97
N GLY A 76 -10.41 3.71 12.71
CA GLY A 76 -10.14 5.10 12.35
C GLY A 76 -9.59 5.23 10.94
N ASN A 77 -9.26 6.46 10.55
CA ASN A 77 -8.73 6.71 9.22
C ASN A 77 -7.22 6.57 9.19
N TYR A 78 -6.73 5.45 8.66
CA TYR A 78 -5.30 5.19 8.58
C TYR A 78 -4.75 5.60 7.22
N GLU A 79 -3.84 6.56 7.21
CA GLU A 79 -3.22 7.03 5.98
C GLU A 79 -1.96 6.24 5.65
N VAL A 80 -2.03 5.44 4.59
CA VAL A 80 -0.89 4.63 4.17
C VAL A 80 0.00 5.39 3.19
N SER A 81 1.23 5.68 3.62
CA SER A 81 2.17 6.39 2.78
C SER A 81 2.95 5.44 1.88
N ILE A 82 2.93 5.71 0.58
CA ILE A 82 3.63 4.87 -0.38
C ILE A 82 4.61 5.70 -1.22
N LYS A 83 5.81 5.17 -1.40
CA LYS A 83 6.83 5.86 -2.20
C LYS A 83 7.59 4.87 -3.07
N PHE A 84 7.71 5.19 -4.36
CA PHE A 84 8.41 4.33 -5.30
C PHE A 84 9.77 4.92 -5.66
N ASN A 85 10.80 4.53 -4.91
CA ASN A 85 12.15 5.02 -5.15
C ASN A 85 12.28 6.48 -4.72
N ASP A 86 11.85 6.78 -3.50
CA ASP A 86 11.92 8.13 -2.97
C ASP A 86 11.03 9.08 -3.78
N GLU A 87 9.93 8.55 -4.30
CA GLU A 87 9.00 9.34 -5.09
C GLU A 87 7.56 9.05 -4.69
N HIS A 88 6.73 10.10 -4.64
CA HIS A 88 5.34 9.96 -4.27
C HIS A 88 4.46 9.81 -5.51
N ILE A 89 3.60 8.80 -5.50
CA ILE A 89 2.71 8.55 -6.63
C ILE A 89 1.42 9.36 -6.50
N PRO A 90 0.73 9.55 -7.64
CA PRO A 90 -0.52 10.31 -7.68
C PRO A 90 -1.67 9.58 -6.99
N GLU A 91 -1.38 8.38 -6.49
CA GLU A 91 -2.38 7.58 -5.81
C GLU A 91 -2.05 7.43 -4.32
N SER A 92 -0.94 8.04 -3.91
CA SER A 92 -0.51 7.97 -2.52
C SER A 92 -0.23 9.38 -1.97
N PRO A 93 -0.35 9.52 -0.64
CA PRO A 93 -0.72 8.42 0.24
C PRO A 93 -2.17 7.98 0.07
N TYR A 94 -2.52 6.87 0.69
CA TYR A 94 -3.89 6.35 0.60
C TYR A 94 -4.64 6.55 1.92
N LEU A 95 -5.93 6.83 1.82
CA LEU A 95 -6.76 7.03 3.01
C LEU A 95 -7.80 5.93 3.14
N VAL A 96 -7.55 4.99 4.05
CA VAL A 96 -8.47 3.89 4.28
C VAL A 96 -9.21 4.05 5.59
N PRO A 97 -10.51 4.38 5.49
CA PRO A 97 -11.36 4.57 6.67
C PRO A 97 -11.64 3.27 7.41
N VAL A 98 -10.78 2.94 8.38
CA VAL A 98 -10.94 1.72 9.17
C VAL A 98 -12.00 1.89 10.24
N ILE A 99 -12.80 0.84 10.44
CA ILE A 99 -13.86 0.88 11.43
C ILE A 99 -13.94 -0.45 12.20
N ALA A 100 -14.52 -0.40 13.38
CA ALA A 100 -14.66 -1.60 14.22
C ALA A 100 -15.83 -2.45 13.75
N PRO A 101 -15.53 -3.67 13.29
CA PRO A 101 -16.56 -4.61 12.81
C PRO A 101 -17.43 -5.13 13.94
N SER A 102 -18.74 -4.96 13.80
CA SER A 102 -19.69 -5.43 14.81
C SER A 102 -21.00 -5.86 14.17
N ASP A 103 -21.60 -6.91 14.73
CA ASP A 103 -22.86 -7.43 14.21
C ASP A 103 -23.86 -7.66 15.34
N ASP A 104 -25.09 -7.19 15.14
CA ASP A 104 -26.13 -7.35 16.15
C ASP A 104 -26.67 -8.78 16.16
N ALA A 105 -27.16 -9.22 15.00
CA ALA A 105 -27.70 -10.57 14.87
C ALA A 105 -26.60 -11.62 14.94
N GLY A 1 25.02 9.79 -33.48
CA GLY A 1 25.41 10.16 -32.13
C GLY A 1 24.24 10.15 -31.17
N SER A 2 23.18 10.88 -31.53
CA SER A 2 21.99 10.96 -30.70
C SER A 2 20.90 10.00 -31.19
N SER A 3 20.26 9.31 -30.25
CA SER A 3 19.21 8.36 -30.58
C SER A 3 17.85 8.87 -30.13
N GLY A 4 17.74 9.14 -28.83
CA GLY A 4 16.48 9.63 -28.28
C GLY A 4 16.09 8.92 -27.00
N SER A 5 15.82 7.63 -27.10
CA SER A 5 15.43 6.83 -25.95
C SER A 5 14.22 7.46 -25.25
N SER A 6 13.27 7.95 -26.04
CA SER A 6 12.07 8.57 -25.50
C SER A 6 11.24 7.56 -24.70
N GLY A 7 10.33 8.07 -23.87
CA GLY A 7 9.49 7.20 -23.07
C GLY A 7 9.54 7.56 -21.60
N GLU A 8 8.54 7.09 -20.85
CA GLU A 8 8.47 7.37 -19.42
C GLU A 8 8.43 6.07 -18.62
N GLY A 9 8.70 6.18 -17.32
CA GLY A 9 8.69 5.01 -16.47
C GLY A 9 9.15 5.32 -15.05
N GLY A 10 8.24 5.83 -14.24
CA GLY A 10 8.58 6.16 -12.87
C GLY A 10 7.41 5.96 -11.91
N ALA A 11 7.29 6.84 -10.93
CA ALA A 11 6.22 6.74 -9.95
C ALA A 11 4.85 6.94 -10.61
N HIS A 12 4.68 8.08 -11.28
CA HIS A 12 3.43 8.38 -11.96
C HIS A 12 2.88 7.15 -12.68
N LYS A 13 3.79 6.28 -13.11
CA LYS A 13 3.41 5.06 -13.82
C LYS A 13 3.22 3.90 -12.84
N VAL A 14 2.61 4.17 -11.70
CA VAL A 14 2.37 3.16 -10.68
C VAL A 14 0.94 3.22 -10.16
N ARG A 15 0.15 2.19 -10.47
CA ARG A 15 -1.23 2.14 -10.02
C ARG A 15 -1.44 1.00 -9.02
N ALA A 16 -1.78 1.36 -7.79
CA ALA A 16 -2.00 0.38 -6.75
C ALA A 16 -3.49 0.05 -6.61
N GLY A 17 -3.83 -1.22 -6.78
CA GLY A 17 -5.21 -1.65 -6.66
C GLY A 17 -5.43 -2.68 -5.57
N GLY A 18 -6.40 -3.56 -5.78
CA GLY A 18 -6.68 -4.58 -4.79
C GLY A 18 -7.58 -4.09 -3.68
N PRO A 19 -8.33 -5.02 -3.06
CA PRO A 19 -9.26 -4.69 -1.97
C PRO A 19 -8.53 -4.28 -0.70
N GLY A 20 -9.23 -3.57 0.18
CA GLY A 20 -8.63 -3.11 1.42
C GLY A 20 -8.31 -1.63 1.41
N LEU A 21 -7.80 -1.15 0.28
CA LEU A 21 -7.45 0.26 0.14
C LEU A 21 -8.70 1.13 0.15
N GLU A 22 -9.79 0.61 -0.40
CA GLU A 22 -11.05 1.34 -0.47
C GLU A 22 -11.66 1.50 0.92
N ARG A 23 -11.56 0.43 1.72
CA ARG A 23 -12.11 0.45 3.07
C ARG A 23 -11.48 -0.66 3.92
N GLY A 24 -11.18 -0.34 5.18
CA GLY A 24 -10.59 -1.31 6.07
C GLY A 24 -11.38 -1.48 7.35
N GLU A 25 -11.01 -2.50 8.14
CA GLU A 25 -11.70 -2.77 9.39
C GLU A 25 -10.69 -3.04 10.50
N ALA A 26 -10.93 -2.44 11.67
CA ALA A 26 -10.05 -2.61 12.82
C ALA A 26 -10.03 -4.07 13.27
N GLY A 27 -8.83 -4.61 13.46
CA GLY A 27 -8.69 -5.99 13.90
C GLY A 27 -8.69 -6.96 12.73
N VAL A 28 -8.92 -6.45 11.53
CA VAL A 28 -8.96 -7.28 10.33
C VAL A 28 -7.73 -7.02 9.45
N PRO A 29 -7.04 -8.10 9.07
CA PRO A 29 -5.84 -8.01 8.23
C PRO A 29 -6.18 -7.60 6.80
N ALA A 30 -5.81 -6.38 6.43
CA ALA A 30 -6.07 -5.87 5.09
C ALA A 30 -4.82 -5.98 4.21
N GLU A 31 -4.82 -6.99 3.33
CA GLU A 31 -3.69 -7.21 2.44
C GLU A 31 -4.08 -6.90 1.00
N PHE A 32 -3.17 -6.25 0.28
CA PHE A 32 -3.42 -5.88 -1.11
C PHE A 32 -2.15 -6.03 -1.95
N SER A 33 -2.31 -6.43 -3.20
CA SER A 33 -1.18 -6.62 -4.10
C SER A 33 -1.00 -5.40 -5.00
N ILE A 34 0.17 -4.79 -4.93
CA ILE A 34 0.47 -3.62 -5.73
C ILE A 34 1.12 -4.00 -7.06
N TRP A 35 0.46 -3.67 -8.17
CA TRP A 35 0.97 -3.99 -9.49
C TRP A 35 1.65 -2.78 -10.12
N THR A 36 2.60 -3.03 -11.01
CA THR A 36 3.33 -1.97 -11.68
C THR A 36 3.23 -2.10 -13.20
N ARG A 37 2.97 -0.98 -13.87
CA ARG A 37 2.85 -0.98 -15.32
C ARG A 37 3.72 0.11 -15.94
N GLU A 38 4.34 -0.21 -17.07
CA GLU A 38 5.21 0.74 -17.76
C GLU A 38 6.18 1.39 -16.78
N ALA A 39 6.76 0.59 -15.89
CA ALA A 39 7.70 1.08 -14.90
C ALA A 39 8.87 0.12 -14.73
N GLY A 40 9.79 0.47 -13.84
CA GLY A 40 10.96 -0.37 -13.60
C GLY A 40 10.94 -0.99 -12.23
N ALA A 41 10.86 -2.31 -12.17
CA ALA A 41 10.85 -3.02 -10.90
C ALA A 41 11.77 -2.36 -9.87
N GLY A 42 11.18 -1.58 -8.98
CA GLY A 42 11.96 -0.89 -7.97
C GLY A 42 11.48 -1.20 -6.56
N GLY A 43 11.99 -0.45 -5.59
CA GLY A 43 11.61 -0.66 -4.20
C GLY A 43 10.31 0.03 -3.86
N LEU A 44 9.53 -0.56 -2.95
CA LEU A 44 8.26 0.02 -2.54
C LEU A 44 8.22 0.20 -1.03
N SER A 45 8.10 1.45 -0.59
CA SER A 45 8.05 1.76 0.83
C SER A 45 6.62 2.08 1.27
N ILE A 46 6.11 1.32 2.21
CA ILE A 46 4.76 1.51 2.72
C ILE A 46 4.76 1.80 4.22
N ALA A 47 4.08 2.86 4.62
CA ALA A 47 4.00 3.24 6.02
C ALA A 47 2.56 3.57 6.43
N VAL A 48 2.01 2.75 7.31
CA VAL A 48 0.64 2.95 7.77
C VAL A 48 0.62 3.76 9.07
N GLU A 49 0.13 5.00 8.98
CA GLU A 49 0.05 5.88 10.14
C GLU A 49 -1.40 6.29 10.42
N GLY A 50 -1.78 6.23 11.70
CA GLY A 50 -3.14 6.59 12.07
C GLY A 50 -3.24 6.97 13.54
N PRO A 51 -4.46 6.90 14.08
CA PRO A 51 -4.73 7.23 15.48
C PRO A 51 -4.13 6.21 16.45
N SER A 52 -3.90 5.00 15.94
CA SER A 52 -3.33 3.93 16.76
C SER A 52 -2.22 3.20 16.01
N LYS A 53 -1.46 2.39 16.73
CA LYS A 53 -0.36 1.63 16.13
C LYS A 53 -0.90 0.51 15.24
N ALA A 54 -0.48 0.52 13.99
CA ALA A 54 -0.92 -0.49 13.03
C ALA A 54 0.23 -1.45 12.70
N GLU A 55 -0.09 -2.75 12.66
CA GLU A 55 0.90 -3.77 12.35
C GLU A 55 1.22 -3.80 10.86
N ILE A 56 2.45 -4.14 10.52
CA ILE A 56 2.87 -4.21 9.13
C ILE A 56 3.85 -5.37 8.90
N THR A 57 3.58 -6.17 7.87
CA THR A 57 4.43 -7.30 7.54
C THR A 57 4.88 -7.25 6.09
N PHE A 58 6.17 -7.00 5.88
CA PHE A 58 6.72 -6.93 4.54
C PHE A 58 7.79 -8.01 4.33
N ASP A 59 7.58 -8.86 3.34
CA ASP A 59 8.52 -9.93 3.04
C ASP A 59 9.53 -9.48 2.00
N ASP A 60 10.81 -9.49 2.37
CA ASP A 60 11.88 -9.09 1.46
C ASP A 60 12.48 -10.30 0.76
N HIS A 61 12.89 -10.11 -0.50
CA HIS A 61 13.49 -11.19 -1.27
C HIS A 61 12.74 -12.50 -1.06
N LYS A 62 11.41 -12.41 -0.98
CA LYS A 62 10.58 -13.58 -0.78
C LYS A 62 9.49 -13.68 -1.86
N ASN A 63 9.61 -14.68 -2.72
CA ASN A 63 8.64 -14.88 -3.79
C ASN A 63 7.68 -16.01 -3.45
N GLY A 64 7.55 -16.30 -2.16
CA GLY A 64 6.65 -17.35 -1.72
C GLY A 64 5.71 -16.89 -0.64
N SER A 65 6.21 -16.09 0.30
CA SER A 65 5.40 -15.59 1.39
C SER A 65 4.39 -14.55 0.89
N CYS A 66 3.42 -14.22 1.75
CA CYS A 66 2.40 -13.24 1.39
C CYS A 66 3.02 -11.91 1.00
N GLY A 67 2.19 -10.96 0.60
CA GLY A 67 2.68 -9.64 0.21
C GLY A 67 2.66 -8.66 1.35
N VAL A 68 1.92 -7.56 1.17
CA VAL A 68 1.82 -6.53 2.20
C VAL A 68 0.55 -6.70 3.03
N SER A 69 0.71 -6.88 4.33
CA SER A 69 -0.42 -7.06 5.23
C SER A 69 -0.33 -6.10 6.42
N TYR A 70 -1.47 -5.53 6.80
CA TYR A 70 -1.51 -4.60 7.92
C TYR A 70 -2.81 -4.75 8.70
N ILE A 71 -2.71 -4.63 10.03
CA ILE A 71 -3.87 -4.75 10.89
C ILE A 71 -3.99 -3.56 11.83
N ALA A 72 -5.11 -2.84 11.73
CA ALA A 72 -5.35 -1.68 12.58
C ALA A 72 -6.06 -2.07 13.86
N GLN A 73 -5.32 -2.08 14.97
CA GLN A 73 -5.88 -2.44 16.26
C GLN A 73 -7.14 -1.62 16.56
N GLU A 74 -7.04 -0.31 16.37
CA GLU A 74 -8.18 0.58 16.61
C GLU A 74 -8.68 1.19 15.31
N PRO A 75 -10.00 1.39 15.23
CA PRO A 75 -10.64 1.97 14.04
C PRO A 75 -10.30 3.45 13.86
N GLY A 76 -10.35 3.92 12.61
CA GLY A 76 -10.05 5.30 12.33
C GLY A 76 -9.54 5.51 10.92
N ASN A 77 -9.10 6.73 10.61
CA ASN A 77 -8.59 7.05 9.29
C ASN A 77 -7.07 6.86 9.23
N TYR A 78 -6.65 5.69 8.74
CA TYR A 78 -5.23 5.39 8.62
C TYR A 78 -4.68 5.84 7.28
N GLU A 79 -3.67 6.71 7.31
CA GLU A 79 -3.06 7.21 6.09
C GLU A 79 -1.78 6.44 5.77
N VAL A 80 -1.87 5.59 4.76
CA VAL A 80 -0.72 4.78 4.34
C VAL A 80 0.11 5.52 3.29
N SER A 81 1.33 5.87 3.66
CA SER A 81 2.23 6.57 2.75
C SER A 81 3.04 5.59 1.91
N ILE A 82 2.85 5.65 0.60
CA ILE A 82 3.56 4.76 -0.32
C ILE A 82 4.59 5.54 -1.15
N LYS A 83 5.71 4.91 -1.43
CA LYS A 83 6.77 5.52 -2.22
C LYS A 83 7.38 4.53 -3.19
N PHE A 84 7.35 4.86 -4.47
CA PHE A 84 7.91 3.98 -5.51
C PHE A 84 9.26 4.51 -5.98
N ASN A 85 10.33 3.92 -5.46
CA ASN A 85 11.68 4.33 -5.84
C ASN A 85 12.00 5.71 -5.29
N ASP A 86 11.63 5.94 -4.03
CA ASP A 86 11.89 7.23 -3.39
C ASP A 86 11.05 8.33 -4.04
N GLU A 87 9.82 8.00 -4.42
CA GLU A 87 8.93 8.96 -5.06
C GLU A 87 7.50 8.78 -4.55
N HIS A 88 6.83 9.89 -4.29
CA HIS A 88 5.45 9.87 -3.81
C HIS A 88 4.47 9.87 -4.97
N ILE A 89 4.08 8.68 -5.42
CA ILE A 89 3.14 8.55 -6.53
C ILE A 89 1.96 9.50 -6.36
N PRO A 90 1.31 9.82 -7.50
CA PRO A 90 0.15 10.72 -7.51
C PRO A 90 -1.08 10.10 -6.84
N GLU A 91 -0.91 8.91 -6.29
CA GLU A 91 -2.00 8.20 -5.64
C GLU A 91 -1.74 8.08 -4.14
N SER A 92 -0.51 8.36 -3.73
CA SER A 92 -0.13 8.27 -2.32
C SER A 92 0.18 9.66 -1.75
N PRO A 93 0.03 9.80 -0.42
CA PRO A 93 -0.41 8.71 0.44
C PRO A 93 -1.86 8.33 0.22
N TYR A 94 -2.29 7.24 0.84
CA TYR A 94 -3.67 6.76 0.71
C TYR A 94 -4.41 6.89 2.03
N LEU A 95 -5.72 7.10 1.95
CA LEU A 95 -6.56 7.24 3.13
C LEU A 95 -7.54 6.08 3.25
N VAL A 96 -7.33 5.22 4.23
CA VAL A 96 -8.20 4.08 4.45
C VAL A 96 -8.98 4.22 5.75
N PRO A 97 -10.27 4.60 5.63
CA PRO A 97 -11.15 4.77 6.78
C PRO A 97 -11.50 3.45 7.46
N VAL A 98 -10.67 3.05 8.42
CA VAL A 98 -10.89 1.80 9.14
C VAL A 98 -12.03 1.95 10.16
N ILE A 99 -12.88 0.94 10.23
CA ILE A 99 -14.00 0.95 11.16
C ILE A 99 -14.07 -0.34 11.97
N ALA A 100 -14.72 -0.28 13.12
CA ALA A 100 -14.86 -1.45 13.99
C ALA A 100 -16.10 -2.26 13.62
N PRO A 101 -15.88 -3.43 13.03
CA PRO A 101 -16.97 -4.33 12.62
C PRO A 101 -17.68 -4.95 13.81
N SER A 102 -18.99 -4.72 13.90
CA SER A 102 -19.79 -5.26 15.00
C SER A 102 -21.17 -5.67 14.51
N ASP A 103 -21.54 -6.92 14.77
CA ASP A 103 -22.85 -7.44 14.36
C ASP A 103 -23.51 -8.22 15.50
N ASP A 104 -24.83 -8.25 15.49
CA ASP A 104 -25.58 -8.96 16.52
C ASP A 104 -26.49 -10.02 15.90
N ALA A 105 -27.11 -10.84 16.74
CA ALA A 105 -28.00 -11.89 16.28
C ALA A 105 -29.32 -11.31 15.77
N GLY A 1 -7.00 14.90 -18.78
CA GLY A 1 -6.49 15.94 -19.65
C GLY A 1 -5.23 15.53 -20.39
N SER A 2 -4.89 16.26 -21.44
CA SER A 2 -3.70 15.95 -22.23
C SER A 2 -2.45 16.51 -21.56
N SER A 3 -2.53 17.76 -21.09
CA SER A 3 -1.40 18.40 -20.44
C SER A 3 -1.00 17.65 -19.18
N GLY A 4 0.30 17.61 -18.89
CA GLY A 4 0.80 16.93 -17.72
C GLY A 4 2.15 16.29 -17.95
N SER A 5 2.74 15.76 -16.88
CA SER A 5 4.05 15.11 -16.97
C SER A 5 3.91 13.59 -16.98
N SER A 6 4.07 13.00 -18.16
CA SER A 6 3.96 11.55 -18.31
C SER A 6 4.78 11.06 -19.50
N GLY A 7 4.92 9.75 -19.61
CA GLY A 7 5.68 9.18 -20.70
C GLY A 7 7.02 8.64 -20.25
N GLU A 8 7.90 9.54 -19.83
CA GLU A 8 9.23 9.16 -19.37
C GLU A 8 9.17 7.86 -18.57
N GLY A 9 8.32 7.83 -17.55
CA GLY A 9 8.20 6.64 -16.72
C GLY A 9 8.79 6.83 -15.34
N GLY A 10 8.10 6.31 -14.33
CA GLY A 10 8.57 6.43 -12.97
C GLY A 10 7.51 6.11 -11.94
N ALA A 11 7.22 7.05 -11.06
CA ALA A 11 6.20 6.85 -10.02
C ALA A 11 4.81 6.85 -10.62
N HIS A 12 4.43 7.97 -11.25
CA HIS A 12 3.12 8.10 -11.86
C HIS A 12 2.66 6.78 -12.47
N LYS A 13 3.61 6.03 -13.03
CA LYS A 13 3.31 4.75 -13.63
C LYS A 13 2.79 3.76 -12.61
N VAL A 14 3.61 3.46 -11.60
CA VAL A 14 3.22 2.54 -10.55
C VAL A 14 1.73 2.65 -10.23
N ARG A 15 1.11 1.54 -9.86
CA ARG A 15 -0.30 1.52 -9.53
C ARG A 15 -0.57 0.62 -8.33
N ALA A 16 -1.47 1.06 -7.45
CA ALA A 16 -1.82 0.30 -6.26
C ALA A 16 -3.33 0.21 -6.08
N GLY A 17 -3.85 -1.02 -6.10
CA GLY A 17 -5.28 -1.21 -5.95
C GLY A 17 -5.62 -2.59 -5.40
N GLY A 18 -6.60 -2.65 -4.52
CA GLY A 18 -7.01 -3.91 -3.94
C GLY A 18 -8.14 -3.77 -2.95
N PRO A 19 -8.65 -4.90 -2.46
CA PRO A 19 -9.76 -4.91 -1.49
C PRO A 19 -9.35 -4.39 -0.12
N GLY A 20 -8.06 -4.12 0.03
CA GLY A 20 -7.55 -3.62 1.30
C GLY A 20 -7.39 -2.11 1.29
N LEU A 21 -7.14 -1.54 0.12
CA LEU A 21 -6.96 -0.10 -0.01
C LEU A 21 -8.30 0.61 0.04
N GLU A 22 -9.32 -0.02 -0.53
CA GLU A 22 -10.66 0.57 -0.55
C GLU A 22 -11.15 0.86 0.88
N ARG A 23 -11.16 -0.16 1.72
CA ARG A 23 -11.59 -0.01 3.10
C ARG A 23 -10.94 -1.05 3.99
N GLY A 24 -10.77 -0.71 5.28
CA GLY A 24 -10.15 -1.63 6.21
C GLY A 24 -11.01 -1.86 7.44
N GLU A 25 -10.58 -2.78 8.30
CA GLU A 25 -11.32 -3.09 9.51
C GLU A 25 -10.37 -3.23 10.70
N ALA A 26 -10.78 -2.68 11.85
CA ALA A 26 -9.97 -2.73 13.06
C ALA A 26 -9.86 -4.17 13.57
N GLY A 27 -8.64 -4.61 13.83
CA GLY A 27 -8.42 -5.95 14.32
C GLY A 27 -8.37 -6.99 13.21
N VAL A 28 -8.51 -6.52 11.97
CA VAL A 28 -8.48 -7.41 10.82
C VAL A 28 -7.35 -7.03 9.87
N PRO A 29 -6.63 -8.05 9.37
CA PRO A 29 -5.50 -7.85 8.45
C PRO A 29 -5.97 -7.38 7.07
N ALA A 30 -5.87 -6.09 6.82
CA ALA A 30 -6.27 -5.51 5.54
C ALA A 30 -5.10 -5.47 4.57
N GLU A 31 -5.10 -6.40 3.61
CA GLU A 31 -4.04 -6.47 2.62
C GLU A 31 -4.55 -6.02 1.24
N PHE A 32 -3.67 -5.41 0.47
CA PHE A 32 -4.03 -4.93 -0.87
C PHE A 32 -3.02 -5.41 -1.91
N SER A 33 -3.41 -5.33 -3.18
CA SER A 33 -2.55 -5.76 -4.27
C SER A 33 -1.74 -4.59 -4.83
N ILE A 34 -0.52 -4.88 -5.27
CA ILE A 34 0.35 -3.85 -5.82
C ILE A 34 1.04 -4.35 -7.09
N TRP A 35 0.69 -3.74 -8.22
CA TRP A 35 1.28 -4.12 -9.50
C TRP A 35 1.88 -2.91 -10.20
N THR A 36 3.19 -2.95 -10.41
CA THR A 36 3.89 -1.85 -11.08
C THR A 36 3.95 -2.07 -12.59
N ARG A 37 3.07 -1.39 -13.32
CA ARG A 37 3.02 -1.51 -14.77
C ARG A 37 4.27 -0.90 -15.40
N GLU A 38 5.27 -1.75 -15.63
CA GLU A 38 6.53 -1.29 -16.23
C GLU A 38 6.91 0.10 -15.71
N ALA A 39 6.75 0.30 -14.41
CA ALA A 39 7.07 1.58 -13.79
C ALA A 39 8.57 1.71 -13.56
N GLY A 40 9.15 0.72 -12.88
CA GLY A 40 10.57 0.75 -12.60
C GLY A 40 11.01 -0.41 -11.72
N ALA A 41 12.32 -0.59 -11.62
CA ALA A 41 12.88 -1.68 -10.81
C ALA A 41 13.44 -1.14 -9.50
N GLY A 42 12.81 -0.09 -8.97
CA GLY A 42 13.26 0.48 -7.72
C GLY A 42 12.68 -0.22 -6.51
N GLY A 43 12.84 0.40 -5.34
CA GLY A 43 12.32 -0.19 -4.11
C GLY A 43 10.89 0.24 -3.83
N LEU A 44 10.42 -0.06 -2.63
CA LEU A 44 9.06 0.28 -2.22
C LEU A 44 8.98 0.53 -0.72
N SER A 45 8.74 1.78 -0.34
CA SER A 45 8.63 2.15 1.06
C SER A 45 7.18 2.33 1.47
N ILE A 46 6.78 1.65 2.55
CA ILE A 46 5.42 1.73 3.05
C ILE A 46 5.40 2.07 4.54
N ALA A 47 4.57 3.04 4.89
CA ALA A 47 4.44 3.46 6.29
C ALA A 47 3.00 3.85 6.62
N VAL A 48 2.36 3.04 7.46
CA VAL A 48 0.98 3.29 7.86
C VAL A 48 0.92 4.22 9.08
N GLU A 49 0.20 5.32 8.95
CA GLU A 49 0.07 6.28 10.04
C GLU A 49 -1.40 6.66 10.25
N GLY A 50 -1.88 6.44 11.47
CA GLY A 50 -3.26 6.76 11.79
C GLY A 50 -3.44 7.18 13.23
N PRO A 51 -4.68 7.10 13.73
CA PRO A 51 -5.01 7.48 15.11
C PRO A 51 -4.42 6.51 16.13
N SER A 52 -3.89 5.39 15.65
CA SER A 52 -3.30 4.39 16.52
C SER A 52 -2.21 3.61 15.79
N LYS A 53 -1.61 2.64 16.48
CA LYS A 53 -0.56 1.82 15.91
C LYS A 53 -1.14 0.77 14.97
N ALA A 54 -0.47 0.54 13.85
CA ALA A 54 -0.92 -0.45 12.87
C ALA A 54 0.21 -1.43 12.52
N GLU A 55 -0.10 -2.71 12.61
CA GLU A 55 0.88 -3.75 12.30
C GLU A 55 1.10 -3.87 10.79
N ILE A 56 2.29 -4.32 10.41
CA ILE A 56 2.61 -4.49 8.99
C ILE A 56 3.46 -5.73 8.77
N THR A 57 3.03 -6.59 7.85
CA THR A 57 3.75 -7.81 7.54
C THR A 57 4.28 -7.80 6.11
N PHE A 58 5.57 -7.54 5.95
CA PHE A 58 6.19 -7.50 4.64
C PHE A 58 7.23 -8.59 4.50
N ASP A 59 6.85 -9.69 3.84
CA ASP A 59 7.75 -10.81 3.64
C ASP A 59 7.70 -11.29 2.19
N ASP A 60 8.84 -11.21 1.51
CA ASP A 60 8.93 -11.62 0.11
C ASP A 60 9.98 -12.72 -0.05
N HIS A 61 9.54 -13.88 -0.53
CA HIS A 61 10.44 -15.01 -0.74
C HIS A 61 10.52 -15.37 -2.22
N LYS A 62 9.36 -15.56 -2.84
CA LYS A 62 9.30 -15.91 -4.25
C LYS A 62 9.10 -14.67 -5.11
N ASN A 63 9.17 -14.85 -6.42
CA ASN A 63 9.00 -13.74 -7.36
C ASN A 63 7.58 -13.22 -7.33
N GLY A 64 6.63 -14.10 -7.04
CA GLY A 64 5.24 -13.70 -6.98
C GLY A 64 4.82 -13.25 -5.59
N SER A 65 5.16 -12.01 -5.25
CA SER A 65 4.82 -11.47 -3.94
C SER A 65 3.32 -11.55 -3.69
N CYS A 66 2.92 -11.39 -2.43
CA CYS A 66 1.52 -11.46 -2.05
C CYS A 66 1.01 -10.08 -1.61
N GLY A 67 1.66 -9.04 -2.10
CA GLY A 67 1.26 -7.69 -1.76
C GLY A 67 1.70 -7.30 -0.36
N VAL A 68 0.88 -6.52 0.34
CA VAL A 68 1.19 -6.08 1.69
C VAL A 68 -0.03 -6.18 2.60
N SER A 69 0.20 -6.51 3.86
CA SER A 69 -0.88 -6.64 4.83
C SER A 69 -0.63 -5.75 6.05
N TYR A 70 -1.71 -5.38 6.73
CA TYR A 70 -1.61 -4.53 7.91
C TYR A 70 -2.85 -4.68 8.79
N ILE A 71 -2.67 -4.53 10.09
CA ILE A 71 -3.77 -4.63 11.04
C ILE A 71 -3.85 -3.40 11.93
N ALA A 72 -5.06 -2.88 12.10
CA ALA A 72 -5.28 -1.70 12.94
C ALA A 72 -6.01 -2.07 14.22
N GLN A 73 -5.31 -1.96 15.35
CA GLN A 73 -5.90 -2.28 16.65
C GLN A 73 -7.18 -1.48 16.87
N GLU A 74 -7.15 -0.21 16.50
CA GLU A 74 -8.31 0.66 16.67
C GLU A 74 -8.80 1.18 15.32
N PRO A 75 -10.13 1.31 15.19
CA PRO A 75 -10.75 1.80 13.96
C PRO A 75 -10.48 3.28 13.71
N GLY A 76 -10.55 3.69 12.45
CA GLY A 76 -10.30 5.08 12.10
C GLY A 76 -9.79 5.24 10.69
N ASN A 77 -9.31 6.44 10.37
CA ASN A 77 -8.78 6.72 9.04
C ASN A 77 -7.25 6.65 9.03
N TYR A 78 -6.72 5.52 8.60
CA TYR A 78 -5.27 5.33 8.54
C TYR A 78 -4.71 5.82 7.20
N GLU A 79 -3.77 6.74 7.27
CA GLU A 79 -3.15 7.28 6.06
C GLU A 79 -1.82 6.60 5.77
N VAL A 80 -1.80 5.78 4.74
CA VAL A 80 -0.59 5.06 4.34
C VAL A 80 0.30 5.91 3.45
N SER A 81 1.59 5.64 3.48
CA SER A 81 2.56 6.38 2.67
C SER A 81 3.35 5.45 1.77
N ILE A 82 3.32 5.72 0.47
CA ILE A 82 4.04 4.91 -0.50
C ILE A 82 4.94 5.76 -1.37
N LYS A 83 6.24 5.46 -1.35
CA LYS A 83 7.22 6.20 -2.14
C LYS A 83 7.97 5.26 -3.08
N PHE A 84 7.81 5.47 -4.38
CA PHE A 84 8.48 4.64 -5.38
C PHE A 84 9.73 5.35 -5.91
N ASN A 85 10.88 4.95 -5.40
CA ASN A 85 12.15 5.54 -5.83
C ASN A 85 12.26 6.99 -5.35
N ASP A 86 11.94 7.22 -4.09
CA ASP A 86 12.01 8.55 -3.50
C ASP A 86 11.01 9.48 -4.18
N GLU A 87 9.85 8.95 -4.54
CA GLU A 87 8.82 9.74 -5.20
C GLU A 87 7.43 9.38 -4.65
N HIS A 88 6.63 10.42 -4.39
CA HIS A 88 5.28 10.21 -3.86
C HIS A 88 4.27 10.07 -4.99
N ILE A 89 4.12 8.85 -5.49
CA ILE A 89 3.18 8.58 -6.57
C ILE A 89 1.90 9.37 -6.40
N PRO A 90 1.20 9.62 -7.52
CA PRO A 90 -0.06 10.38 -7.52
C PRO A 90 -1.19 9.60 -6.86
N GLU A 91 -0.87 8.44 -6.30
CA GLU A 91 -1.86 7.61 -5.63
C GLU A 91 -1.59 7.52 -4.13
N SER A 92 -0.48 8.13 -3.70
CA SER A 92 -0.11 8.12 -2.29
C SER A 92 0.11 9.54 -1.78
N PRO A 93 -0.06 9.72 -0.47
CA PRO A 93 -0.43 8.63 0.45
C PRO A 93 -1.87 8.16 0.23
N TYR A 94 -2.20 7.00 0.79
CA TYR A 94 -3.53 6.43 0.66
C TYR A 94 -4.33 6.62 1.94
N LEU A 95 -5.65 6.74 1.79
CA LEU A 95 -6.54 6.92 2.93
C LEU A 95 -7.55 5.79 3.03
N VAL A 96 -7.33 4.90 4.00
CA VAL A 96 -8.23 3.76 4.20
C VAL A 96 -9.03 3.91 5.49
N PRO A 97 -10.32 4.26 5.35
CA PRO A 97 -11.21 4.45 6.49
C PRO A 97 -11.53 3.13 7.20
N VAL A 98 -10.71 2.77 8.17
CA VAL A 98 -10.91 1.53 8.91
C VAL A 98 -12.02 1.69 9.95
N ILE A 99 -12.81 0.64 10.14
CA ILE A 99 -13.90 0.66 11.09
C ILE A 99 -13.95 -0.64 11.90
N ALA A 100 -14.54 -0.57 13.09
CA ALA A 100 -14.66 -1.73 13.96
C ALA A 100 -15.82 -2.62 13.52
N PRO A 101 -15.50 -3.85 13.09
CA PRO A 101 -16.49 -4.82 12.64
C PRO A 101 -17.36 -5.34 13.79
N SER A 102 -18.68 -5.21 13.63
CA SER A 102 -19.61 -5.66 14.66
C SER A 102 -19.36 -7.13 15.02
N ASP A 103 -19.28 -7.41 16.31
CA ASP A 103 -19.05 -8.76 16.79
C ASP A 103 -20.18 -9.21 17.71
N ASP A 104 -20.21 -10.51 18.00
CA ASP A 104 -21.23 -11.07 18.87
C ASP A 104 -20.79 -12.41 19.46
N ALA A 105 -21.27 -12.73 20.64
CA ALA A 105 -20.93 -13.98 21.31
C ALA A 105 -21.45 -15.18 20.53
N GLY A 1 12.80 -10.20 -28.07
CA GLY A 1 13.65 -10.21 -29.25
C GLY A 1 14.63 -9.05 -29.27
N SER A 2 14.26 -7.98 -29.98
CA SER A 2 15.11 -6.81 -30.08
C SER A 2 14.88 -5.87 -28.90
N SER A 3 15.96 -5.58 -28.16
CA SER A 3 15.88 -4.71 -27.00
C SER A 3 16.11 -3.25 -27.40
N GLY A 4 15.18 -2.39 -27.03
CA GLY A 4 15.30 -0.98 -27.36
C GLY A 4 14.95 -0.07 -26.20
N SER A 5 13.71 -0.18 -25.72
CA SER A 5 13.25 0.64 -24.61
C SER A 5 13.36 -0.13 -23.29
N SER A 6 14.33 0.25 -22.47
CA SER A 6 14.56 -0.40 -21.19
C SER A 6 14.36 0.58 -20.04
N GLY A 7 13.27 1.33 -20.10
CA GLY A 7 12.98 2.31 -19.05
C GLY A 7 11.58 2.90 -19.18
N GLU A 8 11.52 4.20 -19.48
CA GLU A 8 10.24 4.87 -19.62
C GLU A 8 9.32 4.58 -18.43
N GLY A 9 9.87 4.71 -17.23
CA GLY A 9 9.09 4.45 -16.02
C GLY A 9 8.93 5.68 -15.16
N GLY A 10 8.91 5.49 -13.84
CA GLY A 10 8.76 6.60 -12.93
C GLY A 10 7.62 6.40 -11.96
N ALA A 11 7.77 6.92 -10.74
CA ALA A 11 6.73 6.79 -9.72
C ALA A 11 5.35 7.05 -10.31
N HIS A 12 5.23 8.14 -11.06
CA HIS A 12 3.97 8.51 -11.69
C HIS A 12 3.37 7.32 -12.46
N LYS A 13 4.22 6.66 -13.24
CA LYS A 13 3.78 5.51 -14.04
C LYS A 13 3.13 4.45 -13.15
N VAL A 14 3.81 4.11 -12.05
CA VAL A 14 3.29 3.13 -11.12
C VAL A 14 1.84 3.40 -10.76
N ARG A 15 1.03 2.35 -10.71
CA ARG A 15 -0.39 2.49 -10.37
C ARG A 15 -0.85 1.33 -9.50
N ALA A 16 -1.41 1.66 -8.34
CA ALA A 16 -1.89 0.65 -7.41
C ALA A 16 -3.40 0.45 -7.55
N GLY A 17 -3.89 -0.69 -7.05
CA GLY A 17 -5.31 -0.98 -7.14
C GLY A 17 -5.69 -2.26 -6.42
N GLY A 18 -6.63 -2.15 -5.49
CA GLY A 18 -7.06 -3.31 -4.73
C GLY A 18 -8.20 -3.00 -3.79
N PRO A 19 -8.98 -4.04 -3.43
CA PRO A 19 -10.11 -3.89 -2.51
C PRO A 19 -9.68 -3.59 -1.08
N GLY A 20 -8.51 -4.08 -0.71
CA GLY A 20 -7.99 -3.86 0.63
C GLY A 20 -7.81 -2.39 0.94
N LEU A 21 -7.59 -1.58 -0.10
CA LEU A 21 -7.40 -0.15 0.07
C LEU A 21 -8.74 0.55 0.29
N GLU A 22 -9.74 0.17 -0.50
CA GLU A 22 -11.06 0.76 -0.39
C GLU A 22 -11.40 1.10 1.07
N ARG A 23 -11.33 0.08 1.92
CA ARG A 23 -11.62 0.27 3.34
C ARG A 23 -10.80 -0.70 4.19
N GLY A 24 -11.02 -0.65 5.50
CA GLY A 24 -10.29 -1.52 6.41
C GLY A 24 -11.12 -1.95 7.60
N GLU A 25 -10.51 -2.67 8.52
CA GLU A 25 -11.20 -3.15 9.71
C GLU A 25 -10.27 -3.17 10.92
N ALA A 26 -10.82 -2.83 12.09
CA ALA A 26 -10.03 -2.81 13.32
C ALA A 26 -9.65 -4.22 13.74
N GLY A 27 -8.37 -4.40 14.09
CA GLY A 27 -7.90 -5.70 14.52
C GLY A 27 -8.12 -6.78 13.46
N VAL A 28 -8.10 -6.37 12.20
CA VAL A 28 -8.31 -7.30 11.09
C VAL A 28 -7.23 -7.15 10.04
N PRO A 29 -6.55 -8.26 9.71
CA PRO A 29 -5.48 -8.27 8.71
C PRO A 29 -6.00 -8.07 7.30
N ALA A 30 -5.65 -6.93 6.69
CA ALA A 30 -6.09 -6.63 5.34
C ALA A 30 -4.90 -6.31 4.44
N GLU A 31 -4.72 -7.11 3.39
CA GLU A 31 -3.63 -6.92 2.46
C GLU A 31 -4.15 -6.69 1.03
N PHE A 32 -3.31 -6.09 0.20
CA PHE A 32 -3.69 -5.82 -1.18
C PHE A 32 -2.55 -6.16 -2.14
N SER A 33 -2.84 -6.08 -3.44
CA SER A 33 -1.83 -6.38 -4.45
C SER A 33 -1.49 -5.14 -5.26
N ILE A 34 -0.19 -4.92 -5.47
CA ILE A 34 0.27 -3.77 -6.23
C ILE A 34 0.72 -4.18 -7.63
N TRP A 35 0.20 -3.50 -8.64
CA TRP A 35 0.55 -3.80 -10.03
C TRP A 35 1.58 -2.80 -10.56
N THR A 36 2.59 -3.32 -11.24
CA THR A 36 3.65 -2.47 -11.80
C THR A 36 3.93 -2.84 -13.25
N ARG A 37 2.90 -3.30 -13.95
CA ARG A 37 3.05 -3.69 -15.35
C ARG A 37 3.51 -2.51 -16.20
N GLU A 38 3.40 -1.31 -15.64
CA GLU A 38 3.80 -0.09 -16.35
C GLU A 38 4.96 0.59 -15.62
N ALA A 39 5.86 -0.21 -15.06
CA ALA A 39 7.01 0.32 -14.35
C ALA A 39 8.23 -0.59 -14.52
N GLY A 40 9.38 -0.13 -14.05
CA GLY A 40 10.60 -0.91 -14.16
C GLY A 40 10.93 -1.65 -12.87
N ALA A 41 12.19 -2.05 -12.72
CA ALA A 41 12.63 -2.76 -11.53
C ALA A 41 12.97 -1.79 -10.40
N GLY A 42 12.05 -1.65 -9.46
CA GLY A 42 12.27 -0.76 -8.33
C GLY A 42 11.65 -1.27 -7.04
N GLY A 43 12.10 -0.73 -5.92
CA GLY A 43 11.58 -1.15 -4.63
C GLY A 43 10.22 -0.56 -4.33
N LEU A 44 9.76 -0.72 -3.10
CA LEU A 44 8.47 -0.20 -2.67
C LEU A 44 8.44 0.06 -1.17
N SER A 45 7.95 1.24 -0.79
CA SER A 45 7.88 1.61 0.62
C SER A 45 6.43 1.88 1.03
N ILE A 46 6.03 1.30 2.15
CA ILE A 46 4.67 1.47 2.66
C ILE A 46 4.67 1.76 4.15
N ALA A 47 4.02 2.84 4.54
CA ALA A 47 3.94 3.24 5.94
C ALA A 47 2.51 3.59 6.33
N VAL A 48 2.02 2.99 7.42
CA VAL A 48 0.68 3.24 7.89
C VAL A 48 0.69 4.16 9.11
N GLU A 49 -0.04 5.28 9.01
CA GLU A 49 -0.11 6.24 10.08
C GLU A 49 -1.55 6.67 10.34
N GLY A 50 -2.00 6.53 11.58
CA GLY A 50 -3.35 6.90 11.93
C GLY A 50 -3.47 7.35 13.38
N PRO A 51 -4.70 7.28 13.93
CA PRO A 51 -4.97 7.68 15.31
C PRO A 51 -4.36 6.71 16.33
N SER A 52 -3.92 5.56 15.84
CA SER A 52 -3.31 4.55 16.70
C SER A 52 -2.31 3.71 15.93
N LYS A 53 -1.33 3.16 16.65
CA LYS A 53 -0.29 2.33 16.04
C LYS A 53 -0.92 1.21 15.20
N ALA A 54 -0.31 0.92 14.06
CA ALA A 54 -0.81 -0.14 13.19
C ALA A 54 0.29 -1.14 12.86
N GLU A 55 -0.10 -2.40 12.73
CA GLU A 55 0.85 -3.46 12.42
C GLU A 55 1.09 -3.57 10.91
N ILE A 56 2.31 -3.93 10.54
CA ILE A 56 2.65 -4.07 9.13
C ILE A 56 3.57 -5.27 8.90
N THR A 57 3.29 -6.03 7.85
CA THR A 57 4.08 -7.20 7.52
C THR A 57 4.52 -7.19 6.06
N PHE A 58 5.82 -7.02 5.85
CA PHE A 58 6.38 -6.98 4.50
C PHE A 58 7.39 -8.10 4.30
N ASP A 59 7.02 -9.09 3.51
CA ASP A 59 7.90 -10.22 3.23
C ASP A 59 8.03 -10.46 1.73
N ASP A 60 9.18 -10.12 1.18
CA ASP A 60 9.44 -10.30 -0.25
C ASP A 60 10.50 -11.35 -0.49
N HIS A 61 10.07 -12.56 -0.82
CA HIS A 61 11.00 -13.66 -1.08
C HIS A 61 11.76 -13.43 -2.39
N LYS A 62 11.04 -13.05 -3.43
CA LYS A 62 11.65 -12.80 -4.73
C LYS A 62 11.79 -11.31 -4.99
N ASN A 63 12.24 -10.96 -6.19
CA ASN A 63 12.42 -9.56 -6.56
C ASN A 63 11.12 -8.96 -7.08
N GLY A 64 9.99 -9.50 -6.60
CA GLY A 64 8.70 -9.01 -7.03
C GLY A 64 7.72 -8.89 -5.87
N SER A 65 7.39 -7.65 -5.51
CA SER A 65 6.47 -7.40 -4.42
C SER A 65 5.37 -8.48 -4.37
N CYS A 66 5.38 -9.27 -3.30
CA CYS A 66 4.39 -10.33 -3.14
C CYS A 66 3.09 -9.78 -2.58
N GLY A 67 3.17 -9.09 -1.46
CA GLY A 67 1.98 -8.52 -0.85
C GLY A 67 2.29 -7.77 0.44
N VAL A 68 1.32 -6.98 0.91
CA VAL A 68 1.50 -6.21 2.13
C VAL A 68 0.24 -6.28 3.00
N SER A 69 0.42 -6.69 4.25
CA SER A 69 -0.69 -6.81 5.18
C SER A 69 -0.50 -5.87 6.38
N TYR A 70 -1.61 -5.39 6.93
CA TYR A 70 -1.57 -4.50 8.07
C TYR A 70 -2.80 -4.66 8.94
N ILE A 71 -2.67 -4.32 10.23
CA ILE A 71 -3.78 -4.43 11.17
C ILE A 71 -3.85 -3.21 12.07
N ALA A 72 -5.05 -2.64 12.20
CA ALA A 72 -5.26 -1.47 13.03
C ALA A 72 -6.05 -1.83 14.30
N GLN A 73 -5.32 -2.02 15.39
CA GLN A 73 -5.95 -2.38 16.66
C GLN A 73 -7.21 -1.54 16.89
N GLU A 74 -7.14 -0.26 16.56
CA GLU A 74 -8.27 0.65 16.74
C GLU A 74 -8.76 1.16 15.39
N PRO A 75 -10.08 1.33 15.28
CA PRO A 75 -10.71 1.82 14.04
C PRO A 75 -10.40 3.29 13.78
N GLY A 76 -10.38 3.67 12.50
CA GLY A 76 -10.09 5.05 12.14
C GLY A 76 -9.52 5.18 10.75
N ASN A 77 -9.23 6.41 10.34
CA ASN A 77 -8.69 6.66 9.01
C ASN A 77 -7.16 6.56 9.02
N TYR A 78 -6.65 5.45 8.51
CA TYR A 78 -5.21 5.23 8.47
C TYR A 78 -4.63 5.65 7.12
N GLU A 79 -3.79 6.69 7.14
CA GLU A 79 -3.18 7.19 5.92
C GLU A 79 -1.93 6.40 5.57
N VAL A 80 -2.05 5.51 4.58
CA VAL A 80 -0.93 4.69 4.16
C VAL A 80 -0.08 5.41 3.11
N SER A 81 1.12 5.82 3.53
CA SER A 81 2.03 6.53 2.63
C SER A 81 2.85 5.55 1.81
N ILE A 82 2.78 5.69 0.49
CA ILE A 82 3.52 4.82 -0.42
C ILE A 82 4.51 5.60 -1.25
N LYS A 83 5.76 5.14 -1.28
CA LYS A 83 6.80 5.80 -2.04
C LYS A 83 7.54 4.81 -2.93
N PHE A 84 7.58 5.09 -4.23
CA PHE A 84 8.25 4.22 -5.19
C PHE A 84 9.65 4.74 -5.50
N ASN A 85 10.66 4.02 -5.01
CA ASN A 85 12.04 4.41 -5.23
C ASN A 85 12.36 5.74 -4.56
N ASP A 86 11.76 5.96 -3.39
CA ASP A 86 11.96 7.19 -2.64
C ASP A 86 11.26 8.36 -3.31
N GLU A 87 10.13 8.08 -3.95
CA GLU A 87 9.36 9.11 -4.63
C GLU A 87 7.88 8.98 -4.31
N HIS A 88 7.20 10.11 -4.15
CA HIS A 88 5.77 10.13 -3.84
C HIS A 88 4.95 10.08 -5.13
N ILE A 89 4.14 9.03 -5.26
CA ILE A 89 3.30 8.87 -6.44
C ILE A 89 2.04 9.72 -6.33
N PRO A 90 1.42 10.00 -7.49
CA PRO A 90 0.19 10.80 -7.55
C PRO A 90 -1.01 10.09 -6.95
N GLU A 91 -0.77 8.90 -6.40
CA GLU A 91 -1.84 8.11 -5.79
C GLU A 91 -1.61 7.95 -4.30
N SER A 92 -0.49 8.47 -3.82
CA SER A 92 -0.14 8.39 -2.40
C SER A 92 0.11 9.77 -1.81
N PRO A 93 -0.09 9.89 -0.49
CA PRO A 93 -0.50 8.77 0.36
C PRO A 93 -1.94 8.35 0.09
N TYR A 94 -2.35 7.24 0.69
CA TYR A 94 -3.70 6.73 0.52
C TYR A 94 -4.50 6.85 1.81
N LEU A 95 -5.81 7.01 1.68
CA LEU A 95 -6.69 7.13 2.84
C LEU A 95 -7.67 5.97 2.90
N VAL A 96 -7.51 5.13 3.92
CA VAL A 96 -8.38 3.97 4.11
C VAL A 96 -9.13 4.05 5.43
N PRO A 97 -10.44 4.37 5.36
CA PRO A 97 -11.29 4.49 6.54
C PRO A 97 -11.56 3.15 7.19
N VAL A 98 -10.83 2.86 8.27
CA VAL A 98 -11.00 1.60 8.99
C VAL A 98 -12.13 1.69 10.02
N ILE A 99 -12.92 0.63 10.11
CA ILE A 99 -14.03 0.59 11.05
C ILE A 99 -14.01 -0.69 11.89
N ALA A 100 -14.62 -0.63 13.06
CA ALA A 100 -14.66 -1.78 13.96
C ALA A 100 -15.75 -2.76 13.52
N PRO A 101 -15.31 -3.97 13.10
CA PRO A 101 -16.22 -5.02 12.66
C PRO A 101 -17.05 -5.61 13.80
N SER A 102 -18.36 -5.50 13.70
CA SER A 102 -19.26 -6.01 14.72
C SER A 102 -18.79 -7.38 15.22
N ASP A 103 -18.92 -7.60 16.52
CA ASP A 103 -18.51 -8.86 17.12
C ASP A 103 -19.45 -9.99 16.71
N ASP A 104 -20.74 -9.78 16.94
CA ASP A 104 -21.75 -10.78 16.59
C ASP A 104 -22.07 -10.74 15.09
N ALA A 105 -21.79 -11.84 14.40
CA ALA A 105 -22.05 -11.92 12.97
C ALA A 105 -23.35 -11.23 12.61
N GLY A 1 11.95 8.23 -38.43
CA GLY A 1 12.65 7.31 -37.56
C GLY A 1 11.94 7.08 -36.25
N SER A 2 11.71 8.15 -35.49
CA SER A 2 11.04 8.05 -34.20
C SER A 2 10.42 9.39 -33.81
N SER A 3 9.21 9.35 -33.29
CA SER A 3 8.51 10.56 -32.88
C SER A 3 9.17 11.17 -31.64
N GLY A 4 9.30 10.36 -30.59
CA GLY A 4 9.93 10.84 -29.37
C GLY A 4 10.47 9.70 -28.52
N SER A 5 9.70 8.64 -28.37
CA SER A 5 10.11 7.49 -27.58
C SER A 5 10.91 7.93 -26.36
N SER A 6 10.47 9.03 -25.74
CA SER A 6 11.14 9.56 -24.56
C SER A 6 10.30 9.33 -23.30
N GLY A 7 10.95 8.86 -22.24
CA GLY A 7 10.25 8.60 -21.00
C GLY A 7 10.25 7.13 -20.63
N GLU A 8 11.23 6.71 -19.85
CA GLU A 8 11.34 5.31 -19.43
C GLU A 8 10.22 4.95 -18.47
N GLY A 9 10.07 5.74 -17.42
CA GLY A 9 9.03 5.49 -16.44
C GLY A 9 9.47 5.83 -15.02
N GLY A 10 8.52 5.83 -14.09
CA GLY A 10 8.83 6.15 -12.72
C GLY A 10 7.66 5.90 -11.78
N ALA A 11 7.49 6.78 -10.81
CA ALA A 11 6.40 6.66 -9.84
C ALA A 11 5.04 6.80 -10.52
N HIS A 12 4.84 7.93 -11.20
CA HIS A 12 3.60 8.18 -11.91
C HIS A 12 3.05 6.90 -12.53
N LYS A 13 3.90 6.16 -13.21
CA LYS A 13 3.51 4.91 -13.86
C LYS A 13 2.90 3.95 -12.85
N VAL A 14 3.58 3.79 -11.72
CA VAL A 14 3.10 2.90 -10.66
C VAL A 14 1.71 3.31 -10.19
N ARG A 15 0.82 2.33 -10.06
CA ARG A 15 -0.54 2.59 -9.61
C ARG A 15 -1.03 1.48 -8.67
N ALA A 16 -1.88 1.85 -7.73
CA ALA A 16 -2.42 0.89 -6.77
C ALA A 16 -3.94 1.00 -6.68
N GLY A 17 -4.59 -0.14 -6.46
CA GLY A 17 -6.04 -0.16 -6.35
C GLY A 17 -6.58 -1.53 -6.06
N GLY A 18 -7.91 -1.64 -5.97
CA GLY A 18 -8.53 -2.92 -5.70
C GLY A 18 -8.93 -3.06 -4.24
N PRO A 19 -9.38 -4.27 -3.86
CA PRO A 19 -9.81 -4.56 -2.49
C PRO A 19 -8.65 -4.57 -1.51
N GLY A 20 -8.79 -3.83 -0.41
CA GLY A 20 -7.74 -3.77 0.59
C GLY A 20 -7.35 -2.34 0.94
N LEU A 21 -7.91 -1.38 0.22
CA LEU A 21 -7.63 0.02 0.47
C LEU A 21 -8.92 0.83 0.59
N GLU A 22 -9.85 0.59 -0.31
CA GLU A 22 -11.13 1.29 -0.30
C GLU A 22 -11.68 1.38 1.12
N ARG A 23 -11.40 0.37 1.92
CA ARG A 23 -11.87 0.33 3.31
C ARG A 23 -10.95 -0.52 4.18
N GLY A 24 -11.33 -0.70 5.43
CA GLY A 24 -10.53 -1.50 6.35
C GLY A 24 -11.27 -1.83 7.63
N GLU A 25 -10.77 -2.82 8.37
CA GLU A 25 -11.38 -3.24 9.61
C GLU A 25 -10.38 -3.19 10.76
N ALA A 26 -10.88 -2.92 11.96
CA ALA A 26 -10.02 -2.85 13.14
C ALA A 26 -9.62 -4.24 13.60
N GLY A 27 -8.32 -4.46 13.76
CA GLY A 27 -7.83 -5.76 14.20
C GLY A 27 -7.92 -6.82 13.12
N VAL A 28 -8.20 -6.38 11.90
CA VAL A 28 -8.31 -7.29 10.76
C VAL A 28 -7.16 -7.10 9.77
N PRO A 29 -6.49 -8.21 9.42
CA PRO A 29 -5.37 -8.17 8.48
C PRO A 29 -5.81 -7.87 7.06
N ALA A 30 -5.56 -6.63 6.63
CA ALA A 30 -5.93 -6.21 5.28
C ALA A 30 -4.73 -6.23 4.34
N GLU A 31 -4.77 -7.14 3.37
CA GLU A 31 -3.68 -7.27 2.41
C GLU A 31 -4.12 -6.86 1.02
N PHE A 32 -3.32 -6.02 0.36
CA PHE A 32 -3.63 -5.56 -0.98
C PHE A 32 -2.54 -5.94 -1.97
N SER A 33 -2.93 -6.21 -3.22
CA SER A 33 -1.98 -6.60 -4.25
C SER A 33 -1.56 -5.39 -5.08
N ILE A 34 -0.26 -5.12 -5.09
CA ILE A 34 0.27 -3.98 -5.84
C ILE A 34 1.33 -4.45 -6.84
N TRP A 35 1.11 -4.16 -8.11
CA TRP A 35 2.04 -4.55 -9.16
C TRP A 35 2.47 -3.33 -9.98
N THR A 36 3.77 -3.23 -10.25
CA THR A 36 4.31 -2.12 -11.01
C THR A 36 4.33 -2.44 -12.51
N ARG A 37 3.36 -1.88 -13.23
CA ARG A 37 3.27 -2.11 -14.68
C ARG A 37 3.96 -0.98 -15.45
N GLU A 38 4.87 -1.36 -16.34
CA GLU A 38 5.60 -0.38 -17.14
C GLU A 38 6.39 0.57 -16.25
N ALA A 39 7.08 0.01 -15.26
CA ALA A 39 7.87 0.82 -14.33
C ALA A 39 9.32 0.32 -14.29
N GLY A 40 10.16 1.03 -13.54
CA GLY A 40 11.55 0.65 -13.43
C GLY A 40 11.88 0.03 -12.08
N ALA A 41 12.28 -1.25 -12.11
CA ALA A 41 12.63 -1.96 -10.88
C ALA A 41 13.26 -1.02 -9.86
N GLY A 42 12.49 -0.63 -8.85
CA GLY A 42 13.00 0.27 -7.83
C GLY A 42 12.54 -0.12 -6.44
N GLY A 43 13.04 0.58 -5.43
CA GLY A 43 12.67 0.29 -4.06
C GLY A 43 11.24 0.68 -3.75
N LEU A 44 10.73 0.22 -2.62
CA LEU A 44 9.36 0.51 -2.21
C LEU A 44 9.29 0.80 -0.72
N SER A 45 8.59 1.87 -0.36
CA SER A 45 8.44 2.25 1.04
C SER A 45 6.96 2.41 1.41
N ILE A 46 6.58 1.85 2.56
CA ILE A 46 5.20 1.94 3.02
C ILE A 46 5.15 2.25 4.51
N ALA A 47 4.33 3.25 4.86
CA ALA A 47 4.19 3.65 6.25
C ALA A 47 2.71 3.86 6.60
N VAL A 48 2.25 3.16 7.64
CA VAL A 48 0.87 3.28 8.08
C VAL A 48 0.76 4.16 9.32
N GLU A 49 0.28 5.39 9.11
CA GLU A 49 0.12 6.35 10.20
C GLU A 49 -1.36 6.69 10.42
N GLY A 50 -1.77 6.72 11.67
CA GLY A 50 -3.15 7.04 11.99
C GLY A 50 -3.35 7.39 13.45
N PRO A 51 -4.59 7.25 13.93
CA PRO A 51 -4.94 7.55 15.32
C PRO A 51 -4.35 6.54 16.30
N SER A 52 -3.82 5.45 15.76
CA SER A 52 -3.23 4.41 16.59
C SER A 52 -2.08 3.72 15.85
N LYS A 53 -1.48 2.72 16.49
CA LYS A 53 -0.38 1.98 15.90
C LYS A 53 -0.88 0.73 15.20
N ALA A 54 -0.47 0.55 13.95
CA ALA A 54 -0.88 -0.61 13.17
C ALA A 54 0.32 -1.50 12.83
N GLU A 55 0.10 -2.80 12.87
CA GLU A 55 1.16 -3.76 12.57
C GLU A 55 1.42 -3.85 11.07
N ILE A 56 2.65 -4.18 10.70
CA ILE A 56 3.02 -4.29 9.29
C ILE A 56 3.98 -5.46 9.08
N THR A 57 3.73 -6.23 8.02
CA THR A 57 4.56 -7.38 7.70
C THR A 57 4.78 -7.50 6.19
N PHE A 58 6.03 -7.51 5.77
CA PHE A 58 6.38 -7.62 4.36
C PHE A 58 7.14 -8.90 4.08
N ASP A 59 6.43 -9.92 3.60
CA ASP A 59 7.05 -11.21 3.30
C ASP A 59 7.18 -11.40 1.79
N ASP A 60 8.40 -11.28 1.28
CA ASP A 60 8.64 -11.44 -0.14
C ASP A 60 9.38 -12.75 -0.42
N HIS A 61 8.87 -13.52 -1.37
CA HIS A 61 9.48 -14.79 -1.74
C HIS A 61 10.26 -14.67 -3.04
N LYS A 62 11.11 -15.67 -3.31
CA LYS A 62 11.91 -15.68 -4.52
C LYS A 62 11.03 -15.72 -5.77
N ASN A 63 10.13 -16.71 -5.80
CA ASN A 63 9.23 -16.86 -6.95
C ASN A 63 8.23 -15.71 -7.00
N GLY A 64 8.00 -15.07 -5.86
CA GLY A 64 7.06 -13.96 -5.81
C GLY A 64 6.29 -13.92 -4.51
N SER A 65 4.99 -14.22 -4.58
CA SER A 65 4.14 -14.20 -3.40
C SER A 65 4.18 -12.84 -2.72
N CYS A 66 4.14 -11.78 -3.52
CA CYS A 66 4.17 -10.42 -2.99
C CYS A 66 2.83 -10.03 -2.38
N GLY A 67 2.86 -9.16 -1.39
CA GLY A 67 1.62 -8.72 -0.75
C GLY A 67 1.88 -8.10 0.61
N VAL A 68 1.50 -6.83 0.76
CA VAL A 68 1.69 -6.11 2.01
C VAL A 68 0.51 -6.34 2.95
N SER A 69 0.81 -6.64 4.20
CA SER A 69 -0.21 -6.89 5.20
C SER A 69 -0.11 -5.89 6.35
N TYR A 70 -1.26 -5.52 6.91
CA TYR A 70 -1.29 -4.57 8.01
C TYR A 70 -2.56 -4.74 8.84
N ILE A 71 -2.47 -4.41 10.13
CA ILE A 71 -3.62 -4.54 11.03
C ILE A 71 -3.74 -3.30 11.92
N ALA A 72 -4.95 -2.76 12.00
CA ALA A 72 -5.21 -1.58 12.82
C ALA A 72 -6.00 -1.95 14.07
N GLN A 73 -5.30 -2.13 15.18
CA GLN A 73 -5.94 -2.49 16.44
C GLN A 73 -7.24 -1.71 16.63
N GLU A 74 -7.18 -0.40 16.43
CA GLU A 74 -8.36 0.46 16.58
C GLU A 74 -8.78 1.03 15.23
N PRO A 75 -10.09 1.18 15.03
CA PRO A 75 -10.66 1.72 13.80
C PRO A 75 -10.37 3.21 13.63
N GLY A 76 -10.41 3.67 12.38
CA GLY A 76 -10.14 5.07 12.11
C GLY A 76 -9.65 5.31 10.70
N ASN A 77 -9.29 6.55 10.40
CA ASN A 77 -8.80 6.91 9.07
C ASN A 77 -7.27 6.83 9.02
N TYR A 78 -6.76 5.70 8.54
CA TYR A 78 -5.31 5.51 8.44
C TYR A 78 -4.79 6.00 7.09
N GLU A 79 -3.69 6.75 7.14
CA GLU A 79 -3.09 7.28 5.91
C GLU A 79 -1.82 6.52 5.56
N VAL A 80 -1.92 5.63 4.57
CA VAL A 80 -0.79 4.84 4.12
C VAL A 80 0.03 5.59 3.08
N SER A 81 1.24 5.98 3.46
CA SER A 81 2.13 6.70 2.56
C SER A 81 2.96 5.74 1.72
N ILE A 82 2.76 5.77 0.41
CA ILE A 82 3.50 4.90 -0.50
C ILE A 82 4.47 5.70 -1.37
N LYS A 83 5.72 5.25 -1.42
CA LYS A 83 6.74 5.92 -2.21
C LYS A 83 7.47 4.94 -3.10
N PHE A 84 7.56 5.25 -4.39
CA PHE A 84 8.22 4.38 -5.35
C PHE A 84 9.59 4.96 -5.73
N ASN A 85 10.65 4.33 -5.22
CA ASN A 85 12.01 4.77 -5.51
C ASN A 85 12.27 6.14 -4.89
N ASP A 86 11.71 6.36 -3.70
CA ASP A 86 11.89 7.63 -3.00
C ASP A 86 11.10 8.74 -3.67
N GLU A 87 9.94 8.39 -4.23
CA GLU A 87 9.09 9.36 -4.90
C GLU A 87 7.64 9.18 -4.50
N HIS A 88 6.92 10.30 -4.40
CA HIS A 88 5.51 10.26 -4.03
C HIS A 88 4.61 10.18 -5.26
N ILE A 89 4.01 9.02 -5.46
CA ILE A 89 3.12 8.81 -6.60
C ILE A 89 1.87 9.66 -6.49
N PRO A 90 1.21 9.90 -7.64
CA PRO A 90 -0.02 10.69 -7.69
C PRO A 90 -1.20 9.99 -7.04
N GLU A 91 -0.95 8.82 -6.49
CA GLU A 91 -1.99 8.04 -5.83
C GLU A 91 -1.76 7.97 -4.32
N SER A 92 -0.61 8.47 -3.89
CA SER A 92 -0.26 8.47 -2.47
C SER A 92 -0.10 9.89 -1.94
N PRO A 93 -0.29 10.07 -0.63
CA PRO A 93 -0.64 8.96 0.27
C PRO A 93 -2.05 8.44 0.03
N TYR A 94 -2.39 7.33 0.68
CA TYR A 94 -3.70 6.74 0.55
C TYR A 94 -4.50 6.87 1.83
N LEU A 95 -5.82 6.94 1.70
CA LEU A 95 -6.71 7.08 2.85
C LEU A 95 -7.68 5.90 2.93
N VAL A 96 -7.49 5.05 3.94
CA VAL A 96 -8.35 3.90 4.14
C VAL A 96 -9.17 4.03 5.41
N PRO A 97 -10.45 4.37 5.26
CA PRO A 97 -11.38 4.54 6.39
C PRO A 97 -11.72 3.21 7.05
N VAL A 98 -10.91 2.82 8.03
CA VAL A 98 -11.12 1.57 8.76
C VAL A 98 -12.30 1.69 9.72
N ILE A 99 -13.06 0.61 9.84
CA ILE A 99 -14.22 0.59 10.73
C ILE A 99 -14.17 -0.62 11.67
N ALA A 100 -14.88 -0.51 12.78
CA ALA A 100 -14.92 -1.59 13.77
C ALA A 100 -16.02 -2.59 13.43
N PRO A 101 -15.62 -3.83 13.11
CA PRO A 101 -16.56 -4.90 12.75
C PRO A 101 -17.37 -5.37 13.96
N SER A 102 -18.68 -5.21 13.89
CA SER A 102 -19.56 -5.62 14.97
C SER A 102 -20.46 -6.79 14.54
N ASP A 103 -20.03 -8.00 14.85
CA ASP A 103 -20.78 -9.19 14.49
C ASP A 103 -20.93 -10.12 15.70
N ASP A 104 -21.99 -9.90 16.48
CA ASP A 104 -22.25 -10.71 17.65
C ASP A 104 -23.32 -11.77 17.37
N ALA A 105 -22.91 -13.03 17.41
CA ALA A 105 -23.83 -14.13 17.15
C ALA A 105 -24.65 -14.47 18.40
N GLY A 1 13.97 12.93 -30.10
CA GLY A 1 15.30 12.58 -29.67
C GLY A 1 15.29 11.67 -28.45
N SER A 2 16.48 11.42 -27.89
CA SER A 2 16.60 10.56 -26.73
C SER A 2 16.84 11.39 -25.46
N SER A 3 15.88 11.33 -24.54
CA SER A 3 15.99 12.08 -23.29
C SER A 3 16.63 11.23 -22.21
N GLY A 4 17.90 11.52 -21.92
CA GLY A 4 18.61 10.78 -20.89
C GLY A 4 19.22 9.49 -21.43
N SER A 5 19.54 8.56 -20.53
CA SER A 5 20.13 7.29 -20.92
C SER A 5 19.22 6.13 -20.53
N SER A 6 18.51 5.58 -21.52
CA SER A 6 17.61 4.47 -21.27
C SER A 6 16.89 4.62 -19.93
N GLY A 7 16.50 5.86 -19.61
CA GLY A 7 15.82 6.12 -18.36
C GLY A 7 14.39 6.59 -18.57
N GLU A 8 13.46 5.65 -18.65
CA GLU A 8 12.06 5.97 -18.86
C GLU A 8 11.19 5.37 -17.76
N GLY A 9 10.06 6.01 -17.48
CA GLY A 9 9.17 5.51 -16.45
C GLY A 9 9.63 5.89 -15.06
N GLY A 10 8.73 5.76 -14.09
CA GLY A 10 9.05 6.10 -12.71
C GLY A 10 7.89 5.91 -11.77
N ALA A 11 7.68 6.87 -10.87
CA ALA A 11 6.59 6.81 -9.92
C ALA A 11 5.24 6.88 -10.61
N HIS A 12 4.96 8.01 -11.24
CA HIS A 12 3.69 8.20 -11.95
C HIS A 12 3.23 6.90 -12.61
N LYS A 13 4.17 6.19 -13.21
CA LYS A 13 3.86 4.92 -13.86
C LYS A 13 3.18 3.96 -12.91
N VAL A 14 3.83 3.69 -11.77
CA VAL A 14 3.29 2.80 -10.76
C VAL A 14 1.77 2.93 -10.66
N ARG A 15 1.11 1.87 -10.22
CA ARG A 15 -0.33 1.86 -10.08
C ARG A 15 -0.77 0.87 -9.02
N ALA A 16 -1.62 1.33 -8.09
CA ALA A 16 -2.12 0.48 -7.01
C ALA A 16 -3.62 0.61 -6.87
N GLY A 17 -4.29 -0.51 -6.58
CA GLY A 17 -5.73 -0.50 -6.42
C GLY A 17 -6.27 -1.81 -5.93
N GLY A 18 -6.08 -2.09 -4.64
CA GLY A 18 -6.56 -3.34 -4.06
C GLY A 18 -7.79 -3.14 -3.19
N PRO A 19 -8.34 -4.25 -2.68
CA PRO A 19 -9.52 -4.23 -1.82
C PRO A 19 -9.24 -3.61 -0.45
N GLY A 20 -8.11 -4.00 0.14
CA GLY A 20 -7.75 -3.48 1.44
C GLY A 20 -7.59 -1.97 1.44
N LEU A 21 -7.09 -1.43 0.34
CA LEU A 21 -6.89 0.01 0.21
C LEU A 21 -8.22 0.74 0.17
N GLU A 22 -9.26 0.04 -0.28
CA GLU A 22 -10.60 0.62 -0.39
C GLU A 22 -11.20 0.86 1.00
N ARG A 23 -11.16 -0.17 1.83
CA ARG A 23 -11.69 -0.08 3.19
C ARG A 23 -11.02 -1.09 4.11
N GLY A 24 -11.03 -0.80 5.41
CA GLY A 24 -10.42 -1.70 6.37
C GLY A 24 -11.29 -1.91 7.60
N GLU A 25 -10.96 -2.93 8.39
CA GLU A 25 -11.72 -3.24 9.58
C GLU A 25 -10.80 -3.40 10.79
N ALA A 26 -10.95 -2.53 11.77
CA ALA A 26 -10.13 -2.57 12.99
C ALA A 26 -10.06 -3.99 13.53
N GLY A 27 -8.83 -4.50 13.68
CA GLY A 27 -8.65 -5.84 14.20
C GLY A 27 -8.35 -6.84 13.10
N VAL A 28 -8.85 -6.58 11.90
CA VAL A 28 -8.65 -7.47 10.77
C VAL A 28 -7.55 -6.93 9.85
N PRO A 29 -6.69 -7.84 9.37
CA PRO A 29 -5.58 -7.48 8.47
C PRO A 29 -6.07 -7.07 7.08
N ALA A 30 -5.64 -5.89 6.64
CA ALA A 30 -6.03 -5.38 5.33
C ALA A 30 -4.82 -5.25 4.41
N GLU A 31 -4.66 -6.22 3.51
CA GLU A 31 -3.55 -6.22 2.58
C GLU A 31 -4.04 -5.92 1.15
N PHE A 32 -3.09 -5.62 0.26
CA PHE A 32 -3.42 -5.33 -1.12
C PHE A 32 -2.33 -5.84 -2.06
N SER A 33 -2.58 -5.73 -3.37
CA SER A 33 -1.62 -6.19 -4.36
C SER A 33 -1.11 -5.02 -5.20
N ILE A 34 0.20 -4.98 -5.40
CA ILE A 34 0.82 -3.91 -6.18
C ILE A 34 1.47 -4.46 -7.43
N TRP A 35 0.95 -4.06 -8.59
CA TRP A 35 1.47 -4.52 -9.87
C TRP A 35 2.33 -3.44 -10.51
N THR A 36 3.64 -3.57 -10.37
CA THR A 36 4.58 -2.60 -10.94
C THR A 36 4.89 -2.94 -12.40
N ARG A 37 3.85 -3.28 -13.15
CA ARG A 37 4.01 -3.61 -14.57
C ARG A 37 4.46 -2.39 -15.36
N GLU A 38 3.74 -1.29 -15.22
CA GLU A 38 4.07 -0.07 -15.93
C GLU A 38 5.43 0.47 -15.48
N ALA A 39 5.58 0.66 -14.18
CA ALA A 39 6.84 1.16 -13.62
C ALA A 39 8.03 0.36 -14.14
N GLY A 40 8.11 -0.90 -13.73
CA GLY A 40 9.20 -1.75 -14.16
C GLY A 40 10.11 -2.16 -13.01
N ALA A 41 10.80 -1.18 -12.43
CA ALA A 41 11.70 -1.44 -11.32
C ALA A 41 11.81 -0.22 -10.41
N GLY A 42 11.93 -0.47 -9.10
CA GLY A 42 12.04 0.62 -8.14
C GLY A 42 11.69 0.20 -6.74
N GLY A 43 12.19 0.93 -5.75
CA GLY A 43 11.91 0.61 -4.37
C GLY A 43 10.48 0.92 -3.98
N LEU A 44 10.11 0.58 -2.75
CA LEU A 44 8.76 0.84 -2.25
C LEU A 44 8.77 1.07 -0.74
N SER A 45 8.44 2.29 -0.34
CA SER A 45 8.41 2.64 1.07
C SER A 45 6.98 2.81 1.56
N ILE A 46 6.52 1.86 2.37
CA ILE A 46 5.16 1.90 2.91
C ILE A 46 5.19 2.15 4.42
N ALA A 47 4.44 3.16 4.85
CA ALA A 47 4.36 3.51 6.26
C ALA A 47 2.93 3.83 6.67
N VAL A 48 2.33 2.95 7.46
CA VAL A 48 0.96 3.14 7.92
C VAL A 48 0.92 4.06 9.13
N GLU A 49 0.18 5.16 9.01
CA GLU A 49 0.05 6.12 10.11
C GLU A 49 -1.41 6.48 10.35
N GLY A 50 -1.87 6.26 11.57
CA GLY A 50 -3.26 6.57 11.90
C GLY A 50 -3.41 7.01 13.34
N PRO A 51 -4.66 6.97 13.84
CA PRO A 51 -4.97 7.36 15.22
C PRO A 51 -4.41 6.38 16.25
N SER A 52 -3.90 5.25 15.76
CA SER A 52 -3.35 4.23 16.64
C SER A 52 -2.27 3.43 15.92
N LYS A 53 -1.45 2.71 16.70
CA LYS A 53 -0.38 1.91 16.13
C LYS A 53 -0.93 0.86 15.18
N ALA A 54 -0.23 0.64 14.07
CA ALA A 54 -0.66 -0.34 13.08
C ALA A 54 0.49 -1.28 12.72
N GLU A 55 0.18 -2.57 12.64
CA GLU A 55 1.19 -3.58 12.30
C GLU A 55 1.38 -3.67 10.79
N ILE A 56 2.56 -4.11 10.38
CA ILE A 56 2.88 -4.25 8.97
C ILE A 56 3.72 -5.50 8.70
N THR A 57 3.19 -6.39 7.87
CA THR A 57 3.89 -7.63 7.55
C THR A 57 4.27 -7.67 6.07
N PHE A 58 5.57 -7.58 5.80
CA PHE A 58 6.07 -7.60 4.43
C PHE A 58 7.02 -8.78 4.22
N ASP A 59 6.48 -9.87 3.69
CA ASP A 59 7.27 -11.06 3.43
C ASP A 59 7.32 -11.38 1.94
N ASP A 60 8.52 -11.65 1.43
CA ASP A 60 8.70 -11.96 0.02
C ASP A 60 8.68 -13.47 -0.21
N HIS A 61 7.96 -13.89 -1.24
CA HIS A 61 7.85 -15.31 -1.57
C HIS A 61 7.28 -15.50 -2.98
N LYS A 62 8.05 -16.15 -3.84
CA LYS A 62 7.61 -16.40 -5.21
C LYS A 62 6.21 -17.00 -5.23
N ASN A 63 6.09 -18.20 -4.68
CA ASN A 63 4.79 -18.89 -4.63
C ASN A 63 3.87 -18.25 -3.60
N GLY A 64 4.47 -17.63 -2.58
CA GLY A 64 3.68 -16.99 -1.54
C GLY A 64 3.39 -15.53 -1.85
N SER A 65 2.73 -15.30 -2.98
CA SER A 65 2.40 -13.93 -3.40
C SER A 65 1.19 -13.42 -2.62
N CYS A 66 1.42 -12.47 -1.73
CA CYS A 66 0.36 -11.89 -0.92
C CYS A 66 0.41 -10.37 -0.97
N GLY A 67 1.62 -9.81 -0.89
CA GLY A 67 1.78 -8.37 -0.92
C GLY A 67 2.04 -7.79 0.47
N VAL A 68 1.54 -6.58 0.69
CA VAL A 68 1.72 -5.92 1.97
C VAL A 68 0.44 -5.98 2.81
N SER A 69 0.57 -6.41 4.06
CA SER A 69 -0.57 -6.53 4.96
C SER A 69 -0.36 -5.67 6.20
N TYR A 70 -1.45 -5.16 6.75
CA TYR A 70 -1.39 -4.33 7.95
C TYR A 70 -2.68 -4.44 8.77
N ILE A 71 -2.54 -4.39 10.08
CA ILE A 71 -3.69 -4.49 10.97
C ILE A 71 -3.82 -3.24 11.84
N ALA A 72 -5.06 -2.84 12.11
CA ALA A 72 -5.33 -1.67 12.93
C ALA A 72 -6.10 -2.05 14.18
N GLN A 73 -5.40 -2.07 15.32
CA GLN A 73 -6.02 -2.41 16.59
C GLN A 73 -7.23 -1.54 16.86
N GLU A 74 -7.11 -0.25 16.54
CA GLU A 74 -8.20 0.70 16.75
C GLU A 74 -8.73 1.21 15.43
N PRO A 75 -10.06 1.45 15.37
CA PRO A 75 -10.73 1.94 14.16
C PRO A 75 -10.36 3.38 13.83
N GLY A 76 -10.44 3.73 12.55
CA GLY A 76 -10.12 5.09 12.14
C GLY A 76 -9.58 5.14 10.72
N ASN A 77 -9.25 6.34 10.26
CA ASN A 77 -8.73 6.52 8.92
C ASN A 77 -7.21 6.44 8.90
N TYR A 78 -6.69 5.26 8.57
CA TYR A 78 -5.26 5.04 8.52
C TYR A 78 -4.67 5.49 7.19
N GLU A 79 -3.86 6.54 7.24
CA GLU A 79 -3.24 7.08 6.03
C GLU A 79 -1.94 6.33 5.71
N VAL A 80 -2.00 5.47 4.70
CA VAL A 80 -0.84 4.70 4.28
C VAL A 80 0.04 5.50 3.32
N SER A 81 1.27 5.77 3.73
CA SER A 81 2.20 6.53 2.90
C SER A 81 3.01 5.59 2.00
N ILE A 82 2.93 5.81 0.69
CA ILE A 82 3.65 4.99 -0.27
C ILE A 82 4.60 5.83 -1.11
N LYS A 83 5.86 5.43 -1.15
CA LYS A 83 6.87 6.16 -1.92
C LYS A 83 7.65 5.21 -2.82
N PHE A 84 7.58 5.44 -4.13
CA PHE A 84 8.28 4.61 -5.10
C PHE A 84 9.61 5.23 -5.49
N ASN A 85 10.68 4.44 -5.41
CA ASN A 85 12.01 4.91 -5.76
C ASN A 85 12.26 6.31 -5.17
N ASP A 86 11.72 6.55 -3.99
CA ASP A 86 11.89 7.84 -3.32
C ASP A 86 11.07 8.91 -4.02
N GLU A 87 9.83 8.58 -4.37
CA GLU A 87 8.95 9.52 -5.04
C GLU A 87 7.50 9.30 -4.61
N HIS A 88 6.77 10.40 -4.39
CA HIS A 88 5.38 10.33 -3.98
C HIS A 88 4.46 10.18 -5.19
N ILE A 89 4.00 8.96 -5.43
CA ILE A 89 3.12 8.69 -6.56
C ILE A 89 1.86 9.54 -6.48
N PRO A 90 1.22 9.76 -7.65
CA PRO A 90 -0.01 10.55 -7.74
C PRO A 90 -1.20 9.85 -7.12
N GLU A 91 -0.95 8.71 -6.49
CA GLU A 91 -2.00 7.93 -5.85
C GLU A 91 -1.79 7.85 -4.34
N SER A 92 -0.60 8.26 -3.90
CA SER A 92 -0.26 8.23 -2.48
C SER A 92 -0.13 9.65 -1.93
N PRO A 93 -0.31 9.79 -0.60
CA PRO A 93 -0.63 8.66 0.28
C PRO A 93 -2.04 8.11 0.03
N TYR A 94 -2.40 7.08 0.79
CA TYR A 94 -3.72 6.47 0.66
C TYR A 94 -4.55 6.68 1.92
N LEU A 95 -5.86 6.74 1.76
CA LEU A 95 -6.77 6.94 2.88
C LEU A 95 -7.74 5.77 3.02
N VAL A 96 -7.48 4.91 3.99
CA VAL A 96 -8.34 3.75 4.22
C VAL A 96 -9.12 3.90 5.53
N PRO A 97 -10.41 4.24 5.40
CA PRO A 97 -11.30 4.42 6.55
C PRO A 97 -11.62 3.10 7.25
N VAL A 98 -10.83 2.78 8.28
CA VAL A 98 -11.03 1.55 9.03
C VAL A 98 -12.10 1.73 10.10
N ILE A 99 -12.89 0.67 10.33
CA ILE A 99 -13.95 0.72 11.32
C ILE A 99 -13.98 -0.57 12.13
N ALA A 100 -14.51 -0.49 13.35
CA ALA A 100 -14.60 -1.64 14.23
C ALA A 100 -15.79 -2.52 13.86
N PRO A 101 -15.52 -3.72 13.35
CA PRO A 101 -16.54 -4.67 12.94
C PRO A 101 -17.30 -5.25 14.13
N SER A 102 -18.63 -5.14 14.09
CA SER A 102 -19.47 -5.65 15.17
C SER A 102 -19.80 -7.12 14.95
N ASP A 103 -18.84 -7.99 15.22
CA ASP A 103 -19.03 -9.42 15.04
C ASP A 103 -19.05 -10.13 16.39
N ASP A 104 -19.84 -11.20 16.49
CA ASP A 104 -19.94 -11.96 17.73
C ASP A 104 -19.13 -13.26 17.64
N ALA A 105 -19.24 -13.94 16.50
CA ALA A 105 -18.53 -15.19 16.29
C ALA A 105 -17.14 -14.93 15.71
N GLY A 1 11.15 19.21 -17.53
CA GLY A 1 11.16 20.36 -18.42
C GLY A 1 12.53 20.65 -18.99
N SER A 2 13.16 21.71 -18.48
CA SER A 2 14.50 22.09 -18.95
C SER A 2 15.52 21.00 -18.63
N SER A 3 15.69 20.71 -17.35
CA SER A 3 16.64 19.69 -16.91
C SER A 3 15.91 18.50 -16.29
N GLY A 4 15.53 17.54 -17.12
CA GLY A 4 14.84 16.37 -16.64
C GLY A 4 14.86 15.23 -17.63
N SER A 5 15.66 14.21 -17.35
CA SER A 5 15.77 13.05 -18.23
C SER A 5 14.81 11.95 -17.81
N SER A 6 14.26 11.24 -18.78
CA SER A 6 13.32 10.16 -18.51
C SER A 6 13.72 8.88 -19.25
N GLY A 7 13.35 7.74 -18.69
CA GLY A 7 13.69 6.47 -19.31
C GLY A 7 12.45 5.70 -19.76
N GLU A 8 11.81 5.01 -18.82
CA GLU A 8 10.62 4.23 -19.13
C GLU A 8 9.40 4.79 -18.40
N GLY A 9 9.60 5.17 -17.14
CA GLY A 9 8.50 5.71 -16.35
C GLY A 9 8.97 6.21 -14.99
N GLY A 10 8.47 5.56 -13.93
CA GLY A 10 8.84 5.96 -12.58
C GLY A 10 7.73 5.71 -11.58
N ALA A 11 7.31 6.77 -10.91
CA ALA A 11 6.24 6.68 -9.92
C ALA A 11 4.87 6.90 -10.56
N HIS A 12 4.70 8.06 -11.16
CA HIS A 12 3.43 8.40 -11.82
C HIS A 12 2.86 7.19 -12.55
N LYS A 13 3.74 6.29 -12.97
CA LYS A 13 3.33 5.09 -13.69
C LYS A 13 3.20 3.91 -12.73
N VAL A 14 2.71 4.17 -11.52
CA VAL A 14 2.55 3.13 -10.53
C VAL A 14 1.20 3.25 -9.82
N ARG A 15 0.31 2.30 -10.12
CA ARG A 15 -1.02 2.31 -9.51
C ARG A 15 -1.18 1.16 -8.52
N ALA A 16 -1.84 1.43 -7.40
CA ALA A 16 -2.05 0.42 -6.37
C ALA A 16 -3.54 0.17 -6.16
N GLY A 17 -3.92 -1.11 -6.13
CA GLY A 17 -5.31 -1.46 -5.93
C GLY A 17 -5.47 -2.75 -5.16
N GLY A 18 -6.70 -3.29 -5.16
CA GLY A 18 -6.96 -4.53 -4.46
C GLY A 18 -7.86 -4.34 -3.25
N PRO A 19 -8.26 -5.45 -2.62
CA PRO A 19 -9.14 -5.42 -1.45
C PRO A 19 -8.43 -4.87 -0.22
N GLY A 20 -8.80 -3.66 0.18
CA GLY A 20 -8.19 -3.04 1.34
C GLY A 20 -8.10 -1.53 1.22
N LEU A 21 -7.44 -1.06 0.16
CA LEU A 21 -7.29 0.37 -0.07
C LEU A 21 -8.64 1.07 -0.10
N GLU A 22 -9.67 0.34 -0.56
CA GLU A 22 -11.01 0.88 -0.64
C GLU A 22 -11.59 1.12 0.75
N ARG A 23 -11.31 0.20 1.66
CA ARG A 23 -11.81 0.30 3.03
C ARG A 23 -11.15 -0.76 3.92
N GLY A 24 -10.96 -0.42 5.19
CA GLY A 24 -10.36 -1.34 6.12
C GLY A 24 -11.25 -1.64 7.32
N GLU A 25 -10.79 -2.52 8.20
CA GLU A 25 -11.55 -2.88 9.39
C GLU A 25 -10.62 -3.18 10.56
N ALA A 26 -10.92 -2.58 11.71
CA ALA A 26 -10.12 -2.78 12.91
C ALA A 26 -10.08 -4.25 13.31
N GLY A 27 -8.88 -4.76 13.56
CA GLY A 27 -8.74 -6.15 13.95
C GLY A 27 -8.70 -7.08 12.76
N VAL A 28 -8.97 -6.54 11.58
CA VAL A 28 -8.96 -7.35 10.35
C VAL A 28 -7.77 -7.01 9.49
N PRO A 29 -6.97 -8.05 9.17
CA PRO A 29 -5.76 -7.89 8.34
C PRO A 29 -6.10 -7.57 6.89
N ALA A 30 -5.82 -6.34 6.47
CA ALA A 30 -6.09 -5.91 5.11
C ALA A 30 -4.87 -6.14 4.21
N GLU A 31 -4.95 -7.19 3.39
CA GLU A 31 -3.85 -7.52 2.48
C GLU A 31 -4.14 -7.01 1.08
N PHE A 32 -3.17 -6.29 0.51
CA PHE A 32 -3.32 -5.74 -0.83
C PHE A 32 -2.06 -5.96 -1.66
N SER A 33 -2.23 -6.47 -2.87
CA SER A 33 -1.11 -6.74 -3.76
C SER A 33 -0.81 -5.52 -4.64
N ILE A 34 0.47 -5.33 -4.96
CA ILE A 34 0.90 -4.21 -5.78
C ILE A 34 1.86 -4.67 -6.88
N TRP A 35 1.44 -4.49 -8.12
CA TRP A 35 2.27 -4.88 -9.26
C TRP A 35 2.59 -3.67 -10.15
N THR A 36 3.87 -3.37 -10.28
CA THR A 36 4.31 -2.25 -11.09
C THR A 36 5.03 -2.71 -12.35
N ARG A 37 4.44 -3.68 -13.05
CA ARG A 37 5.02 -4.21 -14.27
C ARG A 37 5.19 -3.12 -15.32
N GLU A 38 4.14 -2.34 -15.53
CA GLU A 38 4.18 -1.27 -16.50
C GLU A 38 5.29 -0.26 -16.18
N ALA A 39 5.37 0.12 -14.91
CA ALA A 39 6.38 1.07 -14.47
C ALA A 39 7.78 0.51 -14.67
N GLY A 40 7.99 -0.74 -14.26
CA GLY A 40 9.28 -1.36 -14.40
C GLY A 40 9.60 -2.32 -13.26
N ALA A 41 10.51 -1.92 -12.38
CA ALA A 41 10.89 -2.74 -11.25
C ALA A 41 11.86 -2.00 -10.33
N GLY A 42 11.46 -1.83 -9.07
CA GLY A 42 12.29 -1.14 -8.11
C GLY A 42 11.92 -1.45 -6.68
N GLY A 43 12.08 -0.46 -5.81
CA GLY A 43 11.75 -0.66 -4.40
C GLY A 43 10.47 0.04 -4.01
N LEU A 44 9.71 -0.58 -3.10
CA LEU A 44 8.45 -0.01 -2.65
C LEU A 44 8.50 0.27 -1.14
N SER A 45 7.74 1.28 -0.72
CA SER A 45 7.69 1.66 0.69
C SER A 45 6.26 1.73 1.19
N ILE A 46 6.06 1.36 2.45
CA ILE A 46 4.72 1.39 3.05
C ILE A 46 4.78 1.82 4.51
N ALA A 47 4.02 2.85 4.84
CA ALA A 47 3.99 3.36 6.21
C ALA A 47 2.57 3.73 6.63
N VAL A 48 2.00 2.95 7.54
CA VAL A 48 0.65 3.19 8.03
C VAL A 48 0.66 4.05 9.28
N GLU A 49 0.27 5.32 9.12
CA GLU A 49 0.23 6.25 10.24
C GLU A 49 -1.20 6.72 10.51
N GLY A 50 -1.68 6.47 11.73
CA GLY A 50 -3.03 6.87 12.09
C GLY A 50 -3.14 7.28 13.55
N PRO A 51 -4.37 7.24 14.08
CA PRO A 51 -4.63 7.60 15.48
C PRO A 51 -4.06 6.58 16.46
N SER A 52 -3.66 5.42 15.95
CA SER A 52 -3.11 4.37 16.77
C SER A 52 -2.03 3.59 16.02
N LYS A 53 -1.44 2.61 16.70
CA LYS A 53 -0.39 1.79 16.09
C LYS A 53 -1.00 0.71 15.20
N ALA A 54 -0.39 0.50 14.04
CA ALA A 54 -0.86 -0.52 13.10
C ALA A 54 0.27 -1.46 12.70
N GLU A 55 -0.03 -2.76 12.69
CA GLU A 55 0.97 -3.76 12.31
C GLU A 55 1.14 -3.82 10.80
N ILE A 56 2.33 -4.23 10.37
CA ILE A 56 2.62 -4.33 8.94
C ILE A 56 3.52 -5.52 8.66
N THR A 57 3.17 -6.29 7.62
CA THR A 57 3.96 -7.46 7.25
C THR A 57 4.52 -7.30 5.83
N PHE A 58 5.82 -7.03 5.76
CA PHE A 58 6.49 -6.86 4.47
C PHE A 58 7.65 -7.85 4.32
N ASP A 59 7.44 -8.90 3.54
CA ASP A 59 8.46 -9.90 3.31
C ASP A 59 8.64 -10.17 1.82
N ASP A 60 9.81 -9.84 1.30
CA ASP A 60 10.12 -10.04 -0.11
C ASP A 60 11.04 -11.24 -0.30
N HIS A 61 10.46 -12.38 -0.67
CA HIS A 61 11.23 -13.60 -0.89
C HIS A 61 11.18 -14.02 -2.35
N LYS A 62 12.14 -14.86 -2.75
CA LYS A 62 12.20 -15.34 -4.12
C LYS A 62 10.99 -16.21 -4.45
N ASN A 63 10.78 -17.25 -3.65
CA ASN A 63 9.66 -18.17 -3.85
C ASN A 63 8.66 -18.07 -2.70
N GLY A 64 8.61 -16.89 -2.08
CA GLY A 64 7.70 -16.69 -0.97
C GLY A 64 7.26 -15.25 -0.82
N SER A 65 6.59 -14.72 -1.84
CA SER A 65 6.13 -13.34 -1.83
C SER A 65 4.72 -13.24 -1.26
N CYS A 66 4.62 -13.11 0.06
CA CYS A 66 3.33 -13.01 0.73
C CYS A 66 2.55 -11.80 0.23
N GLY A 67 3.23 -10.66 0.15
CA GLY A 67 2.59 -9.45 -0.32
C GLY A 67 2.66 -8.32 0.70
N VAL A 68 1.54 -7.63 0.90
CA VAL A 68 1.48 -6.53 1.85
C VAL A 68 0.23 -6.61 2.70
N SER A 69 0.42 -6.75 4.01
CA SER A 69 -0.71 -6.84 4.94
C SER A 69 -0.48 -5.92 6.15
N TYR A 70 -1.57 -5.43 6.72
CA TYR A 70 -1.50 -4.55 7.88
C TYR A 70 -2.79 -4.62 8.69
N ILE A 71 -2.65 -4.56 10.01
CA ILE A 71 -3.80 -4.61 10.90
C ILE A 71 -3.90 -3.35 11.75
N ALA A 72 -5.12 -2.88 11.98
CA ALA A 72 -5.35 -1.69 12.78
C ALA A 72 -6.11 -2.02 14.05
N GLN A 73 -5.40 -2.14 15.16
CA GLN A 73 -6.02 -2.45 16.45
C GLN A 73 -7.29 -1.65 16.65
N GLU A 74 -7.17 -0.33 16.57
CA GLU A 74 -8.31 0.56 16.75
C GLU A 74 -8.75 1.16 15.42
N PRO A 75 -10.07 1.32 15.25
CA PRO A 75 -10.64 1.89 14.02
C PRO A 75 -10.33 3.38 13.86
N GLY A 76 -10.29 3.83 12.61
CA GLY A 76 -10.00 5.23 12.34
C GLY A 76 -9.50 5.45 10.92
N ASN A 77 -9.11 6.70 10.63
CA ASN A 77 -8.62 7.03 9.30
C ASN A 77 -7.10 6.86 9.22
N TYR A 78 -6.68 5.73 8.69
CA TYR A 78 -5.25 5.44 8.56
C TYR A 78 -4.72 5.95 7.22
N GLU A 79 -3.62 6.68 7.26
CA GLU A 79 -3.01 7.22 6.05
C GLU A 79 -1.72 6.47 5.71
N VAL A 80 -1.80 5.58 4.72
CA VAL A 80 -0.65 4.80 4.29
C VAL A 80 0.19 5.57 3.27
N SER A 81 1.42 5.88 3.64
CA SER A 81 2.33 6.62 2.76
C SER A 81 3.17 5.66 1.93
N ILE A 82 3.00 5.73 0.61
CA ILE A 82 3.75 4.87 -0.30
C ILE A 82 4.69 5.69 -1.18
N LYS A 83 5.93 5.21 -1.32
CA LYS A 83 6.92 5.89 -2.14
C LYS A 83 7.63 4.91 -3.05
N PHE A 84 7.49 5.11 -4.36
CA PHE A 84 8.11 4.25 -5.35
C PHE A 84 9.45 4.82 -5.82
N ASN A 85 10.54 4.25 -5.33
CA ASN A 85 11.88 4.70 -5.70
C ASN A 85 12.12 6.12 -5.19
N ASP A 86 11.68 6.39 -3.96
CA ASP A 86 11.84 7.70 -3.36
C ASP A 86 11.00 8.74 -4.07
N GLU A 87 9.77 8.37 -4.42
CA GLU A 87 8.85 9.27 -5.12
C GLU A 87 7.43 9.08 -4.63
N HIS A 88 6.73 10.19 -4.41
CA HIS A 88 5.35 10.15 -3.94
C HIS A 88 4.37 10.08 -5.11
N ILE A 89 3.95 8.87 -5.45
CA ILE A 89 3.02 8.67 -6.56
C ILE A 89 1.79 9.56 -6.41
N PRO A 90 1.11 9.83 -7.53
CA PRO A 90 -0.09 10.67 -7.55
C PRO A 90 -1.28 9.99 -6.88
N GLU A 91 -1.05 8.80 -6.32
CA GLU A 91 -2.10 8.06 -5.65
C GLU A 91 -1.82 7.93 -4.15
N SER A 92 -0.60 8.29 -3.75
CA SER A 92 -0.20 8.22 -2.36
C SER A 92 0.12 9.61 -1.81
N PRO A 93 0.00 9.77 -0.49
CA PRO A 93 -0.43 8.68 0.40
C PRO A 93 -1.89 8.30 0.20
N TYR A 94 -2.28 7.17 0.78
CA TYR A 94 -3.66 6.70 0.67
C TYR A 94 -4.40 6.86 1.99
N LEU A 95 -5.72 7.07 1.91
CA LEU A 95 -6.54 7.24 3.09
C LEU A 95 -7.63 6.18 3.15
N VAL A 96 -7.48 5.23 4.08
CA VAL A 96 -8.45 4.16 4.24
C VAL A 96 -9.19 4.28 5.57
N PRO A 97 -10.50 4.59 5.50
CA PRO A 97 -11.34 4.74 6.69
C PRO A 97 -11.59 3.41 7.40
N VAL A 98 -10.74 3.10 8.37
CA VAL A 98 -10.86 1.86 9.13
C VAL A 98 -11.96 1.97 10.19
N ILE A 99 -12.81 0.95 10.27
CA ILE A 99 -13.89 0.95 11.25
C ILE A 99 -13.95 -0.41 11.97
N ALA A 100 -14.52 -0.39 13.18
CA ALA A 100 -14.65 -1.60 13.97
C ALA A 100 -15.85 -2.42 13.52
N PRO A 101 -15.58 -3.63 13.01
CA PRO A 101 -16.63 -4.55 12.53
C PRO A 101 -17.47 -5.11 13.68
N SER A 102 -18.79 -4.95 13.56
CA SER A 102 -19.70 -5.43 14.59
C SER A 102 -19.84 -6.95 14.52
N ASP A 103 -19.25 -7.64 15.50
CA ASP A 103 -19.30 -9.10 15.54
C ASP A 103 -20.63 -9.56 16.13
N ASP A 104 -21.01 -10.80 15.81
CA ASP A 104 -22.26 -11.37 16.30
C ASP A 104 -22.04 -12.06 17.65
N ALA A 105 -21.12 -13.01 17.67
CA ALA A 105 -20.82 -13.75 18.89
C ALA A 105 -19.52 -13.25 19.53
N GLY A 1 22.58 4.28 -16.12
CA GLY A 1 23.69 4.76 -16.92
C GLY A 1 23.34 5.97 -17.75
N SER A 2 22.69 5.74 -18.89
CA SER A 2 22.29 6.83 -19.79
C SER A 2 20.92 7.36 -19.40
N SER A 3 20.85 8.68 -19.16
CA SER A 3 19.60 9.32 -18.80
C SER A 3 19.75 10.84 -18.81
N GLY A 4 18.66 11.53 -19.17
CA GLY A 4 18.69 12.98 -19.21
C GLY A 4 17.33 13.57 -19.52
N SER A 5 16.97 13.63 -20.80
CA SER A 5 15.70 14.18 -21.21
C SER A 5 14.64 13.08 -21.33
N SER A 6 14.99 11.99 -21.99
CA SER A 6 14.07 10.87 -22.17
C SER A 6 14.13 9.92 -20.98
N GLY A 7 13.02 9.24 -20.72
CA GLY A 7 12.96 8.30 -19.61
C GLY A 7 11.89 7.25 -19.79
N GLU A 8 12.13 6.06 -19.26
CA GLU A 8 11.18 4.97 -19.36
C GLU A 8 9.93 5.25 -18.54
N GLY A 9 10.12 5.47 -17.24
CA GLY A 9 8.99 5.75 -16.36
C GLY A 9 9.44 6.13 -14.96
N GLY A 10 8.59 5.86 -13.98
CA GLY A 10 8.92 6.17 -12.59
C GLY A 10 7.75 5.94 -11.65
N ALA A 11 7.47 6.93 -10.81
CA ALA A 11 6.36 6.83 -9.87
C ALA A 11 5.02 7.02 -10.55
N HIS A 12 4.88 8.14 -11.24
CA HIS A 12 3.64 8.45 -11.95
C HIS A 12 3.18 7.27 -12.80
N LYS A 13 4.14 6.45 -13.21
CA LYS A 13 3.85 5.27 -14.03
C LYS A 13 3.54 4.06 -13.15
N VAL A 14 3.07 4.32 -11.93
CA VAL A 14 2.74 3.25 -11.00
C VAL A 14 1.30 3.40 -10.50
N ARG A 15 0.54 2.32 -10.58
CA ARG A 15 -0.85 2.33 -10.13
C ARG A 15 -1.07 1.27 -9.05
N ALA A 16 -1.80 1.65 -8.00
CA ALA A 16 -2.09 0.74 -6.90
C ALA A 16 -3.60 0.52 -6.75
N GLY A 17 -3.97 -0.64 -6.24
CA GLY A 17 -5.38 -0.94 -6.04
C GLY A 17 -5.60 -2.33 -5.47
N GLY A 18 -6.33 -2.39 -4.36
CA GLY A 18 -6.61 -3.66 -3.72
C GLY A 18 -7.90 -3.65 -2.93
N PRO A 19 -8.27 -4.81 -2.37
CA PRO A 19 -9.49 -4.96 -1.58
C PRO A 19 -9.41 -4.23 -0.25
N GLY A 20 -8.19 -3.93 0.18
CA GLY A 20 -8.00 -3.23 1.45
C GLY A 20 -8.00 -1.73 1.28
N LEU A 21 -7.37 -1.26 0.21
CA LEU A 21 -7.29 0.18 -0.06
C LEU A 21 -8.68 0.80 -0.14
N GLU A 22 -9.66 -0.01 -0.53
CA GLU A 22 -11.04 0.45 -0.64
C GLU A 22 -11.63 0.74 0.74
N ARG A 23 -11.36 -0.16 1.68
CA ARG A 23 -11.88 -0.01 3.04
C ARG A 23 -11.31 -1.10 3.96
N GLY A 24 -10.94 -0.70 5.17
CA GLY A 24 -10.40 -1.65 6.12
C GLY A 24 -11.23 -1.78 7.38
N GLU A 25 -10.83 -2.67 8.27
CA GLU A 25 -11.55 -2.88 9.52
C GLU A 25 -10.61 -2.95 10.71
N ALA A 26 -11.15 -2.75 11.90
CA ALA A 26 -10.34 -2.78 13.12
C ALA A 26 -10.09 -4.22 13.57
N GLY A 27 -8.82 -4.53 13.86
CA GLY A 27 -8.47 -5.87 14.30
C GLY A 27 -8.48 -6.87 13.16
N VAL A 28 -8.68 -6.37 11.94
CA VAL A 28 -8.72 -7.24 10.77
C VAL A 28 -7.52 -6.97 9.86
N PRO A 29 -6.77 -8.03 9.54
CA PRO A 29 -5.58 -7.93 8.67
C PRO A 29 -5.95 -7.63 7.23
N ALA A 30 -5.52 -6.46 6.75
CA ALA A 30 -5.80 -6.06 5.38
C ALA A 30 -4.58 -6.26 4.49
N GLU A 31 -4.77 -6.97 3.39
CA GLU A 31 -3.68 -7.24 2.45
C GLU A 31 -4.01 -6.69 1.07
N PHE A 32 -2.97 -6.27 0.34
CA PHE A 32 -3.15 -5.73 -1.00
C PHE A 32 -1.84 -5.80 -1.79
N SER A 33 -1.95 -6.18 -3.06
CA SER A 33 -0.78 -6.29 -3.92
C SER A 33 -0.66 -5.06 -4.82
N ILE A 34 0.58 -4.72 -5.17
CA ILE A 34 0.84 -3.58 -6.02
C ILE A 34 1.55 -3.99 -7.31
N TRP A 35 0.96 -3.62 -8.44
CA TRP A 35 1.54 -3.96 -9.74
C TRP A 35 2.15 -2.73 -10.40
N THR A 36 3.18 -2.95 -11.21
CA THR A 36 3.85 -1.85 -11.90
C THR A 36 3.57 -1.89 -13.40
N ARG A 37 2.56 -1.12 -13.82
CA ARG A 37 2.18 -1.06 -15.22
C ARG A 37 3.09 -0.12 -15.99
N GLU A 38 3.92 -0.69 -16.87
CA GLU A 38 4.85 0.09 -17.67
C GLU A 38 5.55 1.14 -16.81
N ALA A 39 6.13 0.70 -15.70
CA ALA A 39 6.84 1.59 -14.80
C ALA A 39 8.35 1.37 -14.87
N GLY A 40 8.75 0.11 -15.00
CA GLY A 40 10.16 -0.21 -15.08
C GLY A 40 10.58 -1.26 -14.06
N ALA A 41 11.37 -0.84 -13.08
CA ALA A 41 11.85 -1.74 -12.04
C ALA A 41 12.32 -0.97 -10.81
N GLY A 42 11.90 -1.41 -9.64
CA GLY A 42 12.30 -0.75 -8.40
C GLY A 42 11.66 -1.37 -7.18
N GLY A 43 11.77 -0.68 -6.05
CA GLY A 43 11.19 -1.19 -4.81
C GLY A 43 9.91 -0.47 -4.43
N LEU A 44 9.46 -0.68 -3.20
CA LEU A 44 8.24 -0.05 -2.71
C LEU A 44 8.32 0.20 -1.21
N SER A 45 7.94 1.40 -0.79
CA SER A 45 7.97 1.77 0.62
C SER A 45 6.56 2.13 1.12
N ILE A 46 6.07 1.36 2.07
CA ILE A 46 4.75 1.60 2.64
C ILE A 46 4.83 1.90 4.13
N ALA A 47 4.13 2.96 4.56
CA ALA A 47 4.13 3.35 5.96
C ALA A 47 2.73 3.72 6.41
N VAL A 48 2.19 2.96 7.36
CA VAL A 48 0.85 3.23 7.88
C VAL A 48 0.90 4.16 9.09
N GLU A 49 0.06 5.18 9.08
CA GLU A 49 0.01 6.14 10.17
C GLU A 49 -1.43 6.58 10.46
N GLY A 50 -1.87 6.37 11.69
CA GLY A 50 -3.22 6.75 12.08
C GLY A 50 -3.32 7.15 13.54
N PRO A 51 -4.55 7.13 14.07
CA PRO A 51 -4.81 7.51 15.46
C PRO A 51 -4.26 6.48 16.44
N SER A 52 -3.90 5.30 15.93
CA SER A 52 -3.36 4.23 16.76
C SER A 52 -2.24 3.49 16.03
N LYS A 53 -1.44 2.75 16.80
CA LYS A 53 -0.34 1.98 16.23
C LYS A 53 -0.85 0.79 15.43
N ALA A 54 -0.32 0.62 14.22
CA ALA A 54 -0.73 -0.48 13.36
C ALA A 54 0.46 -1.40 13.05
N GLU A 55 0.18 -2.69 12.91
CA GLU A 55 1.22 -3.66 12.62
C GLU A 55 1.49 -3.72 11.12
N ILE A 56 2.74 -4.07 10.76
CA ILE A 56 3.13 -4.17 9.36
C ILE A 56 4.06 -5.35 9.13
N THR A 57 3.78 -6.12 8.08
CA THR A 57 4.60 -7.28 7.75
C THR A 57 4.93 -7.31 6.26
N PHE A 58 6.16 -6.92 5.93
CA PHE A 58 6.60 -6.91 4.54
C PHE A 58 7.37 -8.18 4.20
N ASP A 59 6.68 -9.13 3.60
CA ASP A 59 7.31 -10.40 3.22
C ASP A 59 7.37 -10.54 1.69
N ASP A 60 8.58 -10.55 1.15
CA ASP A 60 8.77 -10.68 -0.28
C ASP A 60 9.09 -12.13 -0.67
N HIS A 61 8.09 -12.82 -1.19
CA HIS A 61 8.25 -14.22 -1.59
C HIS A 61 7.84 -14.41 -3.04
N LYS A 62 6.61 -14.03 -3.36
CA LYS A 62 6.09 -14.17 -4.72
C LYS A 62 5.79 -12.80 -5.33
N ASN A 63 5.34 -12.79 -6.57
CA ASN A 63 5.03 -11.55 -7.27
C ASN A 63 3.52 -11.29 -7.25
N GLY A 64 2.85 -11.80 -6.23
CA GLY A 64 1.41 -11.61 -6.10
C GLY A 64 0.92 -11.81 -4.68
N SER A 65 0.84 -13.07 -4.26
CA SER A 65 0.37 -13.40 -2.92
C SER A 65 1.44 -13.07 -1.88
N CYS A 66 1.01 -12.88 -0.63
CA CYS A 66 1.92 -12.56 0.45
C CYS A 66 2.53 -11.18 0.27
N GLY A 67 1.69 -10.21 -0.09
CA GLY A 67 2.15 -8.85 -0.29
C GLY A 67 2.37 -8.11 1.01
N VAL A 68 1.75 -6.95 1.13
CA VAL A 68 1.88 -6.13 2.35
C VAL A 68 0.63 -6.23 3.20
N SER A 69 0.79 -6.70 4.44
CA SER A 69 -0.31 -6.84 5.36
C SER A 69 -0.20 -5.86 6.52
N TYR A 70 -1.34 -5.42 7.04
CA TYR A 70 -1.36 -4.47 8.15
C TYR A 70 -2.64 -4.62 8.96
N ILE A 71 -2.53 -4.42 10.27
CA ILE A 71 -3.68 -4.52 11.17
C ILE A 71 -3.81 -3.29 12.04
N ALA A 72 -5.03 -2.78 12.16
CA ALA A 72 -5.30 -1.60 12.98
C ALA A 72 -6.12 -1.95 14.21
N GLN A 73 -5.45 -2.10 15.35
CA GLN A 73 -6.12 -2.44 16.59
C GLN A 73 -7.40 -1.62 16.75
N GLU A 74 -7.28 -0.31 16.69
CA GLU A 74 -8.42 0.58 16.84
C GLU A 74 -8.84 1.15 15.48
N PRO A 75 -10.15 1.33 15.31
CA PRO A 75 -10.72 1.86 14.06
C PRO A 75 -10.39 3.35 13.86
N GLY A 76 -10.28 3.77 12.61
CA GLY A 76 -9.98 5.15 12.31
C GLY A 76 -9.48 5.34 10.89
N ASN A 77 -9.17 6.58 10.54
CA ASN A 77 -8.69 6.90 9.20
C ASN A 77 -7.17 6.75 9.11
N TYR A 78 -6.72 5.60 8.63
CA TYR A 78 -5.29 5.32 8.50
C TYR A 78 -4.76 5.80 7.15
N GLU A 79 -3.78 6.70 7.18
CA GLU A 79 -3.19 7.23 5.96
C GLU A 79 -1.90 6.50 5.61
N VAL A 80 -2.02 5.51 4.73
CA VAL A 80 -0.86 4.73 4.30
C VAL A 80 -0.05 5.48 3.25
N SER A 81 1.16 5.88 3.62
CA SER A 81 2.04 6.60 2.69
C SER A 81 2.87 5.63 1.87
N ILE A 82 2.77 5.73 0.55
CA ILE A 82 3.52 4.87 -0.36
C ILE A 82 4.54 5.66 -1.15
N LYS A 83 5.71 5.07 -1.36
CA LYS A 83 6.77 5.72 -2.11
C LYS A 83 7.47 4.72 -3.04
N PHE A 84 7.49 5.04 -4.33
CA PHE A 84 8.13 4.18 -5.32
C PHE A 84 9.46 4.78 -5.79
N ASN A 85 10.55 4.10 -5.45
CA ASN A 85 11.88 4.55 -5.82
C ASN A 85 12.18 5.91 -5.22
N ASP A 86 11.67 6.15 -4.02
CA ASP A 86 11.89 7.42 -3.33
C ASP A 86 11.04 8.53 -3.95
N GLU A 87 9.83 8.17 -4.39
CA GLU A 87 8.94 9.13 -5.01
C GLU A 87 7.51 8.93 -4.52
N HIS A 88 6.81 10.05 -4.27
CA HIS A 88 5.43 9.99 -3.79
C HIS A 88 4.46 9.98 -4.97
N ILE A 89 4.15 8.79 -5.47
CA ILE A 89 3.23 8.64 -6.59
C ILE A 89 2.06 9.61 -6.46
N PRO A 90 1.42 9.93 -7.60
CA PRO A 90 0.27 10.83 -7.64
C PRO A 90 -0.97 10.23 -7.01
N GLU A 91 -0.81 9.03 -6.44
CA GLU A 91 -1.93 8.34 -5.80
C GLU A 91 -1.70 8.21 -4.30
N SER A 92 -0.47 8.51 -3.86
CA SER A 92 -0.12 8.42 -2.45
C SER A 92 0.12 9.80 -1.87
N PRO A 93 -0.05 9.94 -0.55
CA PRO A 93 -0.46 8.81 0.31
C PRO A 93 -1.90 8.38 0.06
N TYR A 94 -2.32 7.33 0.75
CA TYR A 94 -3.69 6.82 0.60
C TYR A 94 -4.43 6.87 1.93
N LEU A 95 -5.75 7.08 1.85
CA LEU A 95 -6.58 7.16 3.04
C LEU A 95 -7.55 5.97 3.10
N VAL A 96 -7.34 5.09 4.06
CA VAL A 96 -8.20 3.93 4.23
C VAL A 96 -9.01 4.01 5.53
N PRO A 97 -10.31 4.33 5.39
CA PRO A 97 -11.21 4.46 6.53
C PRO A 97 -11.50 3.12 7.18
N VAL A 98 -10.78 2.82 8.26
CA VAL A 98 -10.97 1.56 8.98
C VAL A 98 -12.06 1.69 10.04
N ILE A 99 -13.00 0.75 10.03
CA ILE A 99 -14.09 0.77 11.00
C ILE A 99 -14.15 -0.55 11.79
N ALA A 100 -14.79 -0.50 12.95
CA ALA A 100 -14.93 -1.69 13.79
C ALA A 100 -16.07 -2.57 13.31
N PRO A 101 -15.73 -3.79 12.86
CA PRO A 101 -16.72 -4.77 12.38
C PRO A 101 -17.59 -5.30 13.49
N SER A 102 -18.90 -5.08 13.37
CA SER A 102 -19.85 -5.55 14.38
C SER A 102 -20.12 -7.04 14.22
N ASP A 103 -19.37 -7.86 14.95
CA ASP A 103 -19.53 -9.31 14.88
C ASP A 103 -20.60 -9.78 15.86
N ASP A 104 -20.92 -11.07 15.81
CA ASP A 104 -21.93 -11.65 16.69
C ASP A 104 -21.29 -12.61 17.69
N ALA A 105 -21.14 -12.16 18.93
CA ALA A 105 -20.54 -12.98 19.98
C ALA A 105 -21.38 -14.23 20.23
#